data_7XWA
#
_entry.id   7XWA
#
_cell.length_a   85.510
_cell.length_b   130.010
_cell.length_c   101.880
_cell.angle_alpha   90.000
_cell.angle_beta   92.640
_cell.angle_gamma   90.000
#
_symmetry.space_group_name_H-M   'P 1 21 1'
#
loop_
_entity.id
_entity.type
_entity.pdbx_description
1 polymer 'Processed angiotensin-converting enzyme 2'
2 polymer 'Spike protein S1'
3 branched 2-acetamido-2-deoxy-beta-D-glucopyranose-(1-4)-2-acetamido-2-deoxy-beta-D-glucopyranose
4 branched beta-D-mannopyranose-(1-4)-2-acetamido-2-deoxy-beta-D-glucopyranose-(1-4)-2-acetamido-2-deoxy-beta-D-glucopyranose
5 branched alpha-D-mannopyranose-(1-6)-beta-D-mannopyranose-(1-4)-2-acetamido-2-deoxy-beta-D-glucopyranose-(1-4)-2-acetamido-2-deoxy-beta-D-glucopyranose
6 branched alpha-D-mannopyranose-(1-3)-beta-D-mannopyranose-(1-4)-2-acetamido-2-deoxy-beta-D-glucopyranose-(1-4)-2-acetamido-2-deoxy-beta-D-glucopyranose
7 non-polymer 'ZINC ION'
8 non-polymer 2-acetamido-2-deoxy-beta-D-glucopyranose
#
loop_
_entity_poly.entity_id
_entity_poly.type
_entity_poly.pdbx_seq_one_letter_code
_entity_poly.pdbx_strand_id
1 'polypeptide(L)'
;STIEEQAKTFLDKFNHEAEDLFYQSSLASWNYNTNITEENVQNMNNAGDKWSAFLKEQSTLAQMYPLQEIQNLTVKLQLQ
ALQQNGSSVLSEDKSKRLNTILNTMSTIYSTGKVCNPDNPQECLLLEPGLNEIMANSLDYNERLWAWESWRSEVGKQLRP
LYEEYVVLKNEMARANHYEDYGDYWRGDYEVNGVDGYDYSRGQLIEDVEHTFEEIKPLYEHLHAYVRAKLMNAYPSYISP
IGCLPAHLLGDMWGRFWTNLYSLTVPFGQKPNIDVTDAMVDQAWDAQRIFKEAEKFFVSVGLPNMTQGFWENSMLTDPGN
VQKAVCHPTAWDLGKGDFRILMCTKVTMDDFLTAHHEMGHIQYDMAYAAQPFLLRNGANEGFHEAVGEIMSLSAATPKHL
KSIGLLSPDFQEDNETEINFLLKQALTIVGTLPFTYMLEKWRWMVFKGEIPKDQWMKKWWEMKREIVGVVEPVPHDETYC
DPASLFHVSNDYSFIRYYTRTLYQFQFQEALCQAAKHEGPLHKCDISNSTEAGQKLFNMLRLGKSEPWTLALENVVGAKN
MNVRPLLNYFEPLFTWLKDQNKNSFVGWSTDWSPYADQSGTKHHHHHH
;
A,C
2 'polypeptide(L)'
;LLMGCVAETGPTESIVRFPNITNLCPFDEVFNATRFASVYAWNRKRISNCVADYSVLYNFAPFFAFKCYGVSPTKLNDLC
FTNVYADSFVIRGNEVSQIAPGQTGNIADYNYKLPDDFTGCVIAWNSNKLDSKVGGNYNYRYRLFRKSNLKPFERDISTE
IYQAGNKPCNGVAGVNCYFPLQSYGFRPTYGVGHQPYRVVVLSFELLHAPATVCGPKKSTNLVKNGTKHHHHHH
;
B,D
#
# COMPACT_ATOMS: atom_id res chain seq x y z
N SER A 1 -14.79 15.30 46.83
CA SER A 1 -14.58 14.85 45.45
C SER A 1 -15.43 15.65 44.45
N THR A 2 -14.95 15.76 43.22
CA THR A 2 -15.65 16.45 42.15
C THR A 2 -16.72 15.57 41.53
N ILE A 3 -17.69 16.24 40.89
CA ILE A 3 -18.77 15.59 40.17
C ILE A 3 -18.22 14.74 39.01
N GLU A 4 -17.17 15.23 38.34
CA GLU A 4 -16.59 14.46 37.23
C GLU A 4 -16.03 13.12 37.70
N GLU A 5 -15.36 13.11 38.86
CA GLU A 5 -14.82 11.84 39.35
C GLU A 5 -15.94 10.89 39.78
N GLN A 6 -16.97 11.43 40.42
CA GLN A 6 -18.14 10.63 40.78
C GLN A 6 -18.78 10.01 39.54
N ALA A 7 -18.90 10.79 38.47
CA ALA A 7 -19.47 10.30 37.23
C ALA A 7 -18.60 9.23 36.59
N LYS A 8 -17.27 9.39 36.69
CA LYS A 8 -16.36 8.39 36.13
C LYS A 8 -16.52 7.05 36.86
N THR A 9 -16.57 7.09 38.19
CA THR A 9 -16.75 5.84 38.94
C THR A 9 -18.11 5.22 38.67
N PHE A 10 -19.15 6.05 38.56
CA PHE A 10 -20.47 5.57 38.19
C PHE A 10 -20.44 4.90 36.83
N LEU A 11 -19.69 5.47 35.89
CA LEU A 11 -19.64 4.89 34.55
C LEU A 11 -18.86 3.58 34.53
N ASP A 12 -17.80 3.44 35.34
CA ASP A 12 -17.13 2.14 35.43
C ASP A 12 -18.09 1.05 35.91
N LYS A 13 -18.77 1.31 37.03
CA LYS A 13 -19.74 0.34 37.53
C LYS A 13 -20.80 0.04 36.47
N PHE A 14 -21.27 1.08 35.80
CA PHE A 14 -22.29 0.93 34.78
C PHE A 14 -21.79 0.10 33.62
N ASN A 15 -20.58 0.39 33.14
CA ASN A 15 -20.04 -0.34 32.00
C ASN A 15 -20.00 -1.82 32.28
N HIS A 16 -19.47 -2.22 33.45
CA HIS A 16 -19.36 -3.68 33.69
C HIS A 16 -20.72 -4.34 33.92
N GLU A 17 -21.68 -3.61 34.53
CA GLU A 17 -23.00 -4.20 34.70
C GLU A 17 -23.73 -4.27 33.38
N ALA A 18 -23.51 -3.30 32.49
CA ALA A 18 -24.34 -3.27 31.31
C ALA A 18 -23.72 -4.19 30.30
N GLU A 19 -22.40 -4.33 30.33
CA GLU A 19 -21.74 -5.28 29.45
C GLU A 19 -22.38 -6.63 29.66
N ASP A 20 -22.51 -7.03 30.95
CA ASP A 20 -23.01 -8.38 31.23
C ASP A 20 -24.50 -8.52 30.91
N LEU A 21 -25.31 -7.51 31.27
CA LEU A 21 -26.75 -7.59 30.99
C LEU A 21 -27.03 -7.58 29.49
N PHE A 22 -26.33 -6.71 28.75
CA PHE A 22 -26.46 -6.66 27.30
C PHE A 22 -26.00 -7.96 26.67
N TYR A 23 -24.96 -8.59 27.23
CA TYR A 23 -24.54 -9.88 26.66
C TYR A 23 -25.62 -10.93 26.84
N GLN A 24 -26.28 -10.93 28.01
CA GLN A 24 -27.37 -11.90 28.20
C GLN A 24 -28.52 -11.64 27.23
N SER A 25 -28.91 -10.37 27.09
CA SER A 25 -29.97 -10.02 26.13
C SER A 25 -29.59 -10.40 24.70
N SER A 26 -28.33 -10.15 24.31
CA SER A 26 -27.87 -10.48 22.96
C SER A 26 -27.88 -11.98 22.72
N LEU A 27 -27.42 -12.75 23.71
CA LEU A 27 -27.46 -14.20 23.58
C LEU A 27 -28.89 -14.68 23.40
N ALA A 28 -29.83 -14.12 24.17
CA ALA A 28 -31.23 -14.53 24.07
C ALA A 28 -31.80 -14.21 22.69
N SER A 29 -31.57 -12.98 22.21
CA SER A 29 -32.11 -12.60 20.90
C SER A 29 -31.45 -13.39 19.77
N TRP A 30 -30.19 -13.79 19.94
CA TRP A 30 -29.55 -14.65 18.95
C TRP A 30 -30.18 -16.03 18.95
N ASN A 31 -30.40 -16.61 20.14
CA ASN A 31 -31.06 -17.90 20.22
C ASN A 31 -32.46 -17.84 19.60
N TYR A 32 -33.12 -16.70 19.67
CA TYR A 32 -34.39 -16.56 18.96
C TYR A 32 -34.20 -16.51 17.44
N ASN A 33 -33.36 -15.58 16.97
CA ASN A 33 -33.25 -15.34 15.54
C ASN A 33 -32.63 -16.49 14.77
N THR A 34 -31.92 -17.39 15.43
CA THR A 34 -31.33 -18.56 14.80
C THR A 34 -32.10 -19.83 15.08
N ASN A 35 -33.17 -19.77 15.86
CA ASN A 35 -33.89 -20.97 16.29
C ASN A 35 -35.24 -20.58 16.85
N ILE A 36 -36.18 -20.25 15.97
CA ILE A 36 -37.47 -19.68 16.35
C ILE A 36 -38.33 -20.72 17.06
N THR A 37 -38.39 -20.66 18.39
CA THR A 37 -39.29 -21.49 19.19
C THR A 37 -39.96 -20.61 20.23
N GLU A 38 -40.96 -21.15 20.93
CA GLU A 38 -41.68 -20.37 21.92
C GLU A 38 -40.83 -20.14 23.17
N GLU A 39 -40.11 -21.18 23.59
CA GLU A 39 -39.15 -21.03 24.69
C GLU A 39 -38.15 -19.92 24.40
N ASN A 40 -37.67 -19.86 23.14
CA ASN A 40 -36.68 -18.86 22.77
C ASN A 40 -37.30 -17.47 22.76
N VAL A 41 -38.55 -17.33 22.31
CA VAL A 41 -39.18 -16.01 22.31
C VAL A 41 -39.41 -15.54 23.73
N GLN A 42 -39.76 -16.45 24.63
CA GLN A 42 -39.95 -16.06 26.02
C GLN A 42 -38.63 -15.66 26.66
N ASN A 43 -37.54 -16.39 26.38
CA ASN A 43 -36.24 -16.00 26.91
C ASN A 43 -35.78 -14.66 26.36
N MET A 44 -35.99 -14.43 25.07
CA MET A 44 -35.61 -13.16 24.46
C MET A 44 -36.37 -12.00 25.09
N ASN A 45 -37.69 -12.15 25.26
CA ASN A 45 -38.47 -11.07 25.83
C ASN A 45 -38.13 -10.83 27.30
N ASN A 46 -37.85 -11.90 28.05
CA ASN A 46 -37.41 -11.75 29.45
C ASN A 46 -36.11 -10.96 29.54
N ALA A 47 -35.10 -11.37 28.77
CA ALA A 47 -33.82 -10.69 28.80
C ALA A 47 -33.94 -9.24 28.35
N GLY A 48 -34.76 -8.99 27.32
CA GLY A 48 -34.94 -7.63 26.85
C GLY A 48 -35.63 -6.73 27.86
N ASP A 49 -36.62 -7.27 28.56
CA ASP A 49 -37.29 -6.49 29.60
C ASP A 49 -36.34 -6.20 30.76
N LYS A 50 -35.52 -7.18 31.14
CA LYS A 50 -34.51 -6.95 32.16
C LYS A 50 -33.55 -5.83 31.75
N TRP A 51 -33.10 -5.86 30.50
CA TRP A 51 -32.18 -4.83 29.99
C TRP A 51 -32.82 -3.45 29.97
N SER A 52 -34.09 -3.37 29.56
CA SER A 52 -34.76 -2.07 29.52
C SER A 52 -34.96 -1.51 30.93
N ALA A 53 -35.31 -2.38 31.89
CA ALA A 53 -35.47 -1.93 33.26
C ALA A 53 -34.14 -1.43 33.84
N PHE A 54 -33.06 -2.19 33.59
CA PHE A 54 -31.73 -1.74 34.00
C PHE A 54 -31.38 -0.40 33.37
N LEU A 55 -31.71 -0.21 32.10
CA LEU A 55 -31.37 1.05 31.44
C LEU A 55 -32.14 2.21 32.07
N LYS A 56 -33.40 2.00 32.42
CA LYS A 56 -34.16 3.09 33.02
C LYS A 56 -33.66 3.42 34.43
N GLU A 57 -33.28 2.39 35.19
CA GLU A 57 -32.66 2.62 36.49
C GLU A 57 -31.38 3.45 36.34
N GLN A 58 -30.51 3.06 35.40
CA GLN A 58 -29.25 3.77 35.19
C GLN A 58 -29.47 5.18 34.66
N SER A 59 -30.56 5.40 33.91
CA SER A 59 -30.88 6.74 33.45
C SER A 59 -31.23 7.63 34.64
N THR A 60 -32.13 7.15 35.50
CA THR A 60 -32.50 7.92 36.68
C THR A 60 -31.29 8.16 37.58
N LEU A 61 -30.32 7.24 37.58
CA LEU A 61 -29.10 7.47 38.37
C LEU A 61 -28.22 8.54 37.74
N ALA A 62 -27.96 8.42 36.44
CA ALA A 62 -27.08 9.35 35.71
C ALA A 62 -27.63 10.76 35.64
N GLN A 63 -28.95 10.93 35.77
CA GLN A 63 -29.52 12.28 35.80
C GLN A 63 -29.06 13.10 37.00
N MET A 64 -28.44 12.48 37.99
CA MET A 64 -27.95 13.18 39.17
C MET A 64 -26.60 13.84 38.98
N TYR A 65 -25.95 13.70 37.83
CA TYR A 65 -24.68 14.38 37.64
C TYR A 65 -24.88 15.61 36.75
N PRO A 66 -24.71 16.84 37.27
CA PRO A 66 -25.01 18.02 36.45
C PRO A 66 -24.04 18.08 35.27
N LEU A 67 -24.54 17.76 34.08
CA LEU A 67 -23.70 17.69 32.89
C LEU A 67 -22.80 18.93 32.75
N GLN A 68 -23.36 20.11 33.01
CA GLN A 68 -22.64 21.37 32.81
C GLN A 68 -21.33 21.39 33.59
N GLU A 69 -21.23 20.61 34.66
CA GLU A 69 -20.06 20.64 35.51
C GLU A 69 -19.02 19.62 35.08
N ILE A 70 -19.25 18.94 33.96
CA ILE A 70 -18.33 17.94 33.46
C ILE A 70 -17.45 18.63 32.44
N GLN A 71 -16.14 18.49 32.60
CA GLN A 71 -15.15 19.09 31.72
C GLN A 71 -14.45 18.09 30.82
N ASN A 72 -14.80 16.81 30.92
CA ASN A 72 -14.21 15.71 30.17
C ASN A 72 -15.24 15.31 29.11
N LEU A 73 -14.84 15.39 27.84
CA LEU A 73 -15.78 15.24 26.74
C LEU A 73 -16.37 13.82 26.68
N THR A 74 -15.55 12.81 26.96
CA THR A 74 -15.98 11.41 26.88
C THR A 74 -17.01 11.08 27.94
N VAL A 75 -16.75 11.49 29.18
CA VAL A 75 -17.71 11.25 30.24
C VAL A 75 -18.99 12.02 29.98
N LYS A 76 -18.86 13.17 29.33
CA LYS A 76 -20.03 13.95 28.95
C LYS A 76 -20.88 13.20 27.95
N LEU A 77 -20.25 12.59 26.94
CA LEU A 77 -21.01 11.80 25.96
C LEU A 77 -21.73 10.62 26.60
N GLN A 78 -21.02 9.84 27.43
CA GLN A 78 -21.68 8.69 28.06
C GLN A 78 -22.82 9.13 28.97
N LEU A 79 -22.61 10.21 29.74
CA LEU A 79 -23.66 10.71 30.62
C LEU A 79 -24.88 11.12 29.80
N GLN A 80 -24.65 11.79 28.66
CA GLN A 80 -25.77 12.18 27.80
C GLN A 80 -26.54 10.95 27.33
N ALA A 81 -25.80 9.91 26.91
CA ALA A 81 -26.46 8.68 26.49
C ALA A 81 -27.38 8.14 27.58
N LEU A 82 -26.93 8.19 28.83
CA LEU A 82 -27.82 7.71 29.89
C LEU A 82 -28.98 8.66 30.14
N GLN A 83 -28.78 9.96 29.90
CA GLN A 83 -29.74 11.04 30.18
C GLN A 83 -30.83 11.22 29.11
N GLN A 84 -31.03 10.22 28.23
CA GLN A 84 -32.12 10.28 27.27
C GLN A 84 -33.47 10.70 27.84
N ASN A 85 -33.91 10.06 28.93
CA ASN A 85 -35.18 10.38 29.56
C ASN A 85 -36.33 9.96 28.66
N GLY A 86 -36.09 9.87 27.34
CA GLY A 86 -37.03 9.43 26.32
C GLY A 86 -38.29 8.74 26.80
N SER A 87 -39.43 9.33 26.46
CA SER A 87 -40.78 8.92 26.77
C SER A 87 -41.04 8.80 28.26
N SER A 88 -39.98 8.65 29.08
CA SER A 88 -40.24 8.43 30.50
C SER A 88 -40.91 9.66 31.07
N VAL A 89 -40.74 10.79 30.37
CA VAL A 89 -41.25 12.09 30.78
C VAL A 89 -42.75 12.21 30.53
N LEU A 90 -43.34 11.18 29.93
CA LEU A 90 -44.77 11.10 29.73
C LEU A 90 -45.44 10.49 30.94
N SER A 91 -46.70 10.84 31.15
CA SER A 91 -47.47 10.15 32.15
C SER A 91 -47.62 8.69 31.76
N GLU A 92 -48.08 7.89 32.71
CA GLU A 92 -48.17 6.45 32.49
C GLU A 92 -49.16 6.13 31.39
N ASP A 93 -50.35 6.74 31.46
CA ASP A 93 -51.38 6.46 30.47
C ASP A 93 -50.95 6.90 29.07
N LYS A 94 -50.30 8.07 28.95
CA LYS A 94 -49.86 8.54 27.64
C LYS A 94 -48.76 7.65 27.07
N SER A 95 -47.86 7.17 27.93
CA SER A 95 -46.82 6.25 27.48
C SER A 95 -47.44 4.92 27.03
N LYS A 96 -48.40 4.41 27.80
CA LYS A 96 -49.12 3.21 27.42
C LYS A 96 -49.80 3.38 26.07
N ARG A 97 -50.45 4.53 25.83
CA ARG A 97 -51.13 4.73 24.56
C ARG A 97 -50.12 4.79 23.42
N LEU A 98 -48.96 5.40 23.67
CA LEU A 98 -47.94 5.48 22.63
C LEU A 98 -47.41 4.09 22.27
N ASN A 99 -47.08 3.29 23.28
CA ASN A 99 -46.65 1.91 23.01
C ASN A 99 -47.74 1.10 22.32
N THR A 100 -49.00 1.31 22.71
CA THR A 100 -50.11 0.59 22.08
C THR A 100 -50.18 0.92 20.61
N ILE A 101 -50.13 2.21 20.26
CA ILE A 101 -50.26 2.60 18.87
C ILE A 101 -49.02 2.22 18.07
N LEU A 102 -47.84 2.24 18.69
CA LEU A 102 -46.65 1.77 17.99
C LEU A 102 -46.79 0.30 17.60
N ASN A 103 -47.14 -0.54 18.57
CA ASN A 103 -47.32 -1.96 18.29
C ASN A 103 -48.47 -2.20 17.31
N THR A 104 -49.54 -1.40 17.41
CA THR A 104 -50.67 -1.58 16.50
C THR A 104 -50.29 -1.27 15.07
N MET A 105 -49.58 -0.16 14.84
CA MET A 105 -49.12 0.18 13.50
C MET A 105 -48.18 -0.90 12.98
N SER A 106 -47.22 -1.34 13.81
CA SER A 106 -46.30 -2.40 13.38
C SER A 106 -47.10 -3.64 12.98
N THR A 107 -48.13 -3.97 13.75
CA THR A 107 -48.93 -5.16 13.50
C THR A 107 -49.69 -5.01 12.18
N ILE A 108 -50.34 -3.86 11.98
CA ILE A 108 -51.15 -3.70 10.77
C ILE A 108 -50.27 -3.66 9.54
N TYR A 109 -49.06 -3.11 9.65
CA TYR A 109 -48.13 -3.16 8.53
C TYR A 109 -47.68 -4.59 8.22
N SER A 110 -47.22 -5.32 9.24
CA SER A 110 -46.68 -6.66 9.03
C SER A 110 -47.76 -7.71 8.79
N THR A 111 -49.03 -7.35 8.96
CA THR A 111 -50.12 -8.31 8.81
C THR A 111 -51.15 -7.90 7.78
N GLY A 112 -51.06 -6.69 7.22
CA GLY A 112 -52.12 -6.29 6.32
C GLY A 112 -52.16 -7.16 5.09
N LYS A 113 -53.36 -7.58 4.74
CA LYS A 113 -53.67 -8.37 3.56
C LYS A 113 -54.71 -7.67 2.71
N VAL A 114 -54.59 -7.79 1.39
CA VAL A 114 -55.67 -7.32 0.55
C VAL A 114 -56.24 -8.52 -0.16
N CYS A 115 -57.56 -8.56 -0.23
CA CYS A 115 -58.37 -9.65 -0.77
C CYS A 115 -59.11 -9.29 -2.06
N ASN A 116 -59.86 -10.28 -2.50
CA ASN A 116 -60.73 -10.24 -3.66
C ASN A 116 -60.15 -9.69 -4.96
N PRO A 117 -59.05 -10.25 -5.49
CA PRO A 117 -58.61 -9.79 -6.82
C PRO A 117 -59.69 -10.12 -7.83
N ASP A 118 -60.32 -11.28 -7.61
CA ASP A 118 -61.42 -11.86 -8.38
C ASP A 118 -62.34 -12.62 -7.42
N ASN A 119 -61.76 -13.18 -6.35
CA ASN A 119 -62.47 -13.97 -5.35
C ASN A 119 -61.99 -13.63 -3.93
N PRO A 120 -62.90 -13.40 -2.98
CA PRO A 120 -62.48 -12.90 -1.65
C PRO A 120 -61.68 -13.91 -0.84
N GLN A 121 -61.47 -15.12 -1.34
CA GLN A 121 -60.63 -16.10 -0.68
C GLN A 121 -59.16 -15.95 -1.05
N GLU A 122 -58.87 -15.37 -2.22
CA GLU A 122 -57.49 -15.08 -2.60
C GLU A 122 -57.12 -13.76 -1.94
N CYS A 123 -56.15 -13.83 -1.03
CA CYS A 123 -55.62 -12.66 -0.35
C CYS A 123 -54.10 -12.68 -0.38
N LEU A 124 -53.49 -11.51 -0.54
CA LEU A 124 -52.03 -11.41 -0.61
C LEU A 124 -51.58 -10.40 0.43
N LEU A 125 -50.43 -10.68 1.05
CA LEU A 125 -49.74 -9.71 1.88
C LEU A 125 -48.67 -8.97 1.09
N LEU A 126 -48.01 -8.02 1.76
CA LEU A 126 -47.03 -7.18 1.08
C LEU A 126 -45.91 -8.01 0.49
N GLU A 127 -45.41 -8.96 1.28
CA GLU A 127 -44.36 -9.89 0.91
C GLU A 127 -44.92 -11.31 0.97
N PRO A 128 -44.84 -12.11 -0.10
CA PRO A 128 -44.15 -11.75 -1.34
C PRO A 128 -45.09 -11.32 -2.46
N GLY A 129 -46.40 -11.38 -2.26
CA GLY A 129 -47.35 -11.20 -3.35
C GLY A 129 -47.30 -9.81 -3.94
N LEU A 130 -47.66 -8.81 -3.13
CA LEU A 130 -47.73 -7.44 -3.61
C LEU A 130 -46.36 -6.96 -4.07
N ASN A 131 -45.29 -7.39 -3.38
CA ASN A 131 -43.96 -7.01 -3.81
C ASN A 131 -43.59 -7.67 -5.14
N GLU A 132 -44.02 -8.92 -5.34
CA GLU A 132 -43.81 -9.58 -6.62
C GLU A 132 -44.51 -8.84 -7.75
N ILE A 133 -45.74 -8.38 -7.51
CA ILE A 133 -46.46 -7.58 -8.50
C ILE A 133 -45.69 -6.30 -8.81
N MET A 134 -45.39 -5.51 -7.77
CA MET A 134 -44.72 -4.23 -7.98
C MET A 134 -43.34 -4.40 -8.58
N ALA A 135 -42.74 -5.59 -8.50
CA ALA A 135 -41.42 -5.78 -9.06
C ALA A 135 -41.43 -6.29 -10.50
N ASN A 136 -42.36 -7.19 -10.86
CA ASN A 136 -42.27 -7.87 -12.15
C ASN A 136 -43.40 -7.56 -13.12
N SER A 137 -44.54 -7.06 -12.65
CA SER A 137 -45.67 -6.84 -13.53
C SER A 137 -45.38 -5.71 -14.51
N LEU A 138 -45.75 -5.91 -15.77
CA LEU A 138 -45.70 -4.88 -16.80
C LEU A 138 -47.08 -4.35 -17.17
N ASP A 139 -48.10 -4.70 -16.40
CA ASP A 139 -49.47 -4.32 -16.67
C ASP A 139 -49.82 -3.09 -15.84
N TYR A 140 -50.18 -2.00 -16.52
CA TYR A 140 -50.46 -0.75 -15.82
C TYR A 140 -51.60 -0.94 -14.82
N ASN A 141 -52.67 -1.61 -15.25
CA ASN A 141 -53.83 -1.78 -14.39
C ASN A 141 -53.52 -2.69 -13.21
N GLU A 142 -52.73 -3.74 -13.42
CA GLU A 142 -52.36 -4.62 -12.31
C GLU A 142 -51.51 -3.89 -11.29
N ARG A 143 -50.50 -3.14 -11.76
CA ARG A 143 -49.65 -2.37 -10.86
C ARG A 143 -50.46 -1.35 -10.09
N LEU A 144 -51.39 -0.68 -10.78
CA LEU A 144 -52.23 0.30 -10.13
C LEU A 144 -53.14 -0.34 -9.08
N TRP A 145 -53.69 -1.53 -9.38
CA TRP A 145 -54.52 -2.23 -8.39
C TRP A 145 -53.71 -2.56 -7.15
N ALA A 146 -52.50 -3.12 -7.32
CA ALA A 146 -51.69 -3.46 -6.16
C ALA A 146 -51.39 -2.22 -5.32
N TRP A 147 -50.91 -1.15 -5.97
CA TRP A 147 -50.54 0.10 -5.28
C TRP A 147 -51.72 0.69 -4.51
N GLU A 148 -52.86 0.85 -5.20
CA GLU A 148 -54.00 1.49 -4.60
C GLU A 148 -54.63 0.61 -3.54
N SER A 149 -54.62 -0.72 -3.73
CA SER A 149 -55.17 -1.63 -2.74
C SER A 149 -54.36 -1.58 -1.45
N TRP A 150 -53.03 -1.66 -1.58
CA TRP A 150 -52.18 -1.57 -0.40
C TRP A 150 -52.49 -0.29 0.37
N ARG A 151 -52.56 0.84 -0.34
CA ARG A 151 -52.78 2.09 0.38
C ARG A 151 -54.18 2.17 0.97
N SER A 152 -55.21 2.08 0.12
CA SER A 152 -56.59 2.22 0.59
C SER A 152 -57.01 1.16 1.60
N GLU A 153 -56.25 0.09 1.78
CA GLU A 153 -56.53 -0.89 2.82
C GLU A 153 -55.73 -0.62 4.10
N VAL A 154 -54.41 -0.70 4.03
CA VAL A 154 -53.63 -0.63 5.26
C VAL A 154 -53.45 0.81 5.73
N GLY A 155 -53.22 1.75 4.82
CA GLY A 155 -52.99 3.13 5.22
C GLY A 155 -54.21 3.81 5.80
N LYS A 156 -55.41 3.46 5.33
CA LYS A 156 -56.62 4.02 5.94
C LYS A 156 -56.74 3.60 7.39
N GLN A 157 -56.38 2.35 7.70
CA GLN A 157 -56.33 1.94 9.10
C GLN A 157 -55.24 2.68 9.85
N LEU A 158 -54.11 2.97 9.18
CA LEU A 158 -52.96 3.56 9.86
C LEU A 158 -53.15 5.04 10.16
N ARG A 159 -53.97 5.75 9.38
CA ARG A 159 -54.13 7.21 9.47
C ARG A 159 -54.38 7.76 10.87
N PRO A 160 -55.46 7.38 11.56
CA PRO A 160 -55.72 7.99 12.89
C PRO A 160 -54.67 7.60 13.91
N LEU A 161 -54.24 6.33 13.86
CA LEU A 161 -53.13 5.90 14.71
C LEU A 161 -51.92 6.77 14.48
N TYR A 162 -51.66 7.16 13.23
CA TYR A 162 -50.48 7.99 12.97
C TYR A 162 -50.67 9.41 13.46
N GLU A 163 -51.89 9.95 13.41
CA GLU A 163 -52.11 11.29 13.98
C GLU A 163 -51.84 11.29 15.48
N GLU A 164 -52.41 10.31 16.19
CA GLU A 164 -52.16 10.24 17.63
C GLU A 164 -50.67 9.97 17.93
N TYR A 165 -50.02 9.17 17.08
CA TYR A 165 -48.59 8.92 17.20
C TYR A 165 -47.80 10.22 17.11
N VAL A 166 -48.14 11.06 16.13
CA VAL A 166 -47.47 12.36 15.97
C VAL A 166 -47.65 13.19 17.22
N VAL A 167 -48.88 13.27 17.73
CA VAL A 167 -49.14 14.17 18.85
C VAL A 167 -48.40 13.68 20.10
N LEU A 168 -48.39 12.37 20.35
CA LEU A 168 -47.72 11.85 21.53
C LEU A 168 -46.19 11.98 21.43
N LYS A 169 -45.63 11.70 20.25
CA LYS A 169 -44.19 11.84 20.07
C LYS A 169 -43.76 13.30 20.20
N ASN A 170 -44.59 14.24 19.74
CA ASN A 170 -44.24 15.65 19.93
C ASN A 170 -44.31 16.03 21.40
N GLU A 171 -45.30 15.52 22.13
CA GLU A 171 -45.34 15.73 23.57
C GLU A 171 -44.04 15.26 24.22
N MET A 172 -43.59 14.05 23.86
CA MET A 172 -42.36 13.51 24.42
C MET A 172 -41.17 14.40 24.09
N ALA A 173 -41.00 14.74 22.81
CA ALA A 173 -39.82 15.50 22.40
C ALA A 173 -39.81 16.88 23.03
N ARG A 174 -40.97 17.54 23.12
CA ARG A 174 -41.02 18.85 23.75
C ARG A 174 -40.72 18.76 25.24
N ALA A 175 -41.22 17.72 25.92
CA ALA A 175 -40.90 17.58 27.34
C ALA A 175 -39.40 17.34 27.55
N ASN A 176 -38.72 16.74 26.58
CA ASN A 176 -37.28 16.52 26.61
C ASN A 176 -36.50 17.70 26.04
N HIS A 177 -37.07 18.90 26.06
CA HIS A 177 -36.38 20.14 25.66
C HIS A 177 -36.04 20.16 24.18
N TYR A 178 -36.93 19.60 23.34
CA TYR A 178 -36.78 19.68 21.89
C TYR A 178 -37.97 20.45 21.30
N GLU A 179 -37.79 20.90 20.05
CA GLU A 179 -38.86 21.65 19.38
C GLU A 179 -39.99 20.72 18.96
N ASP A 180 -39.65 19.59 18.35
CA ASP A 180 -40.63 18.60 17.93
C ASP A 180 -39.90 17.28 17.75
N TYR A 181 -40.66 16.25 17.37
CA TYR A 181 -40.09 14.92 17.17
C TYR A 181 -39.06 14.93 16.05
N GLY A 182 -39.25 15.76 15.04
CA GLY A 182 -38.22 15.90 14.02
C GLY A 182 -36.94 16.46 14.58
N ASP A 183 -37.04 17.43 15.49
CA ASP A 183 -35.86 17.93 16.17
C ASP A 183 -35.18 16.84 17.01
N TYR A 184 -35.98 16.02 17.70
CA TYR A 184 -35.43 14.87 18.42
C TYR A 184 -34.62 13.97 17.51
N TRP A 185 -35.21 13.56 16.37
CA TRP A 185 -34.50 12.69 15.43
C TRP A 185 -33.22 13.35 14.92
N ARG A 186 -33.30 14.64 14.56
CA ARG A 186 -32.10 15.34 14.09
C ARG A 186 -31.05 15.50 15.19
N GLY A 187 -31.44 15.36 16.45
CA GLY A 187 -30.47 15.41 17.54
C GLY A 187 -29.38 14.37 17.44
N ASP A 188 -29.62 13.28 16.69
CA ASP A 188 -28.61 12.24 16.51
C ASP A 188 -27.34 12.82 15.90
N TYR A 189 -27.47 13.87 15.09
CA TYR A 189 -26.34 14.50 14.42
C TYR A 189 -25.74 15.66 15.20
N GLU A 190 -26.28 15.97 16.39
CA GLU A 190 -25.86 17.15 17.11
C GLU A 190 -24.47 16.97 17.71
N VAL A 191 -23.64 18.01 17.59
CA VAL A 191 -22.35 18.08 18.25
C VAL A 191 -22.25 19.39 19.03
N ASN A 192 -21.95 19.28 20.33
CA ASN A 192 -22.00 20.43 21.24
C ASN A 192 -20.85 20.35 22.25
N GLY A 193 -19.78 21.11 22.01
CA GLY A 193 -18.69 21.18 22.96
C GLY A 193 -17.31 21.25 22.37
N VAL A 194 -17.15 20.75 21.15
CA VAL A 194 -15.86 20.71 20.47
C VAL A 194 -15.75 21.91 19.53
N ASP A 195 -14.81 22.81 19.81
CA ASP A 195 -14.65 23.99 18.98
C ASP A 195 -14.16 23.59 17.60
N GLY A 196 -14.84 24.07 16.55
CA GLY A 196 -14.45 23.74 15.20
C GLY A 196 -15.09 22.49 14.64
N TYR A 197 -15.83 21.74 15.46
CA TYR A 197 -16.52 20.53 15.04
C TYR A 197 -17.98 20.48 15.49
N ASP A 198 -18.52 21.58 15.99
CA ASP A 198 -19.89 21.63 16.46
C ASP A 198 -20.87 21.44 15.29
N TYR A 199 -22.13 21.20 15.64
CA TYR A 199 -23.16 20.92 14.64
C TYR A 199 -24.53 20.99 15.28
N SER A 200 -25.37 21.92 14.87
CA SER A 200 -26.69 22.05 15.47
C SER A 200 -27.67 21.10 14.81
N ARG A 201 -28.88 21.04 15.37
CA ARG A 201 -29.87 20.10 14.85
C ARG A 201 -30.55 20.64 13.60
N GLY A 202 -30.48 21.95 13.37
CA GLY A 202 -31.03 22.56 12.18
C GLY A 202 -30.01 22.62 11.06
N GLN A 203 -28.72 22.63 11.42
CA GLN A 203 -27.67 22.58 10.41
C GLN A 203 -27.82 21.37 9.52
N LEU A 204 -28.42 20.30 10.03
CA LEU A 204 -28.68 19.12 9.21
C LEU A 204 -29.63 19.47 8.07
N ILE A 205 -30.72 20.16 8.35
CA ILE A 205 -31.65 20.53 7.30
C ILE A 205 -30.95 21.39 6.25
N GLU A 206 -30.22 22.41 6.69
CA GLU A 206 -29.49 23.29 5.78
C GLU A 206 -28.56 22.51 4.86
N ASP A 207 -27.77 21.60 5.45
CA ASP A 207 -26.78 20.87 4.67
C ASP A 207 -27.47 19.91 3.71
N VAL A 208 -28.51 19.22 4.18
CA VAL A 208 -29.24 18.28 3.35
C VAL A 208 -29.85 18.98 2.15
N GLU A 209 -30.44 20.18 2.35
CA GLU A 209 -31.04 20.87 1.22
C GLU A 209 -29.98 21.40 0.26
N HIS A 210 -28.89 21.98 0.77
CA HIS A 210 -27.84 22.48 -0.13
C HIS A 210 -27.25 21.33 -0.97
N THR A 211 -27.14 20.14 -0.38
CA THR A 211 -26.56 19.05 -1.14
C THR A 211 -27.59 18.43 -2.07
N PHE A 212 -28.86 18.36 -1.68
CA PHE A 212 -29.85 17.87 -2.62
C PHE A 212 -29.99 18.82 -3.80
N GLU A 213 -29.82 20.13 -3.55
CA GLU A 213 -29.77 21.11 -4.63
C GLU A 213 -28.67 20.76 -5.61
N GLU A 214 -27.49 20.40 -5.10
CA GLU A 214 -26.41 20.03 -6.01
C GLU A 214 -26.67 18.68 -6.70
N ILE A 215 -27.43 17.78 -6.06
CA ILE A 215 -27.78 16.49 -6.66
C ILE A 215 -28.80 16.64 -7.78
N LYS A 216 -29.61 17.69 -7.72
CA LYS A 216 -30.77 17.85 -8.61
C LYS A 216 -30.49 17.58 -10.09
N PRO A 217 -29.43 18.10 -10.72
CA PRO A 217 -29.30 17.90 -12.18
C PRO A 217 -29.10 16.47 -12.61
N LEU A 218 -28.22 15.73 -11.94
CA LEU A 218 -28.02 14.32 -12.28
C LEU A 218 -29.33 13.55 -12.15
N TYR A 219 -30.07 13.79 -11.05
CA TYR A 219 -31.35 13.11 -10.89
C TYR A 219 -32.34 13.52 -11.96
N GLU A 220 -32.35 14.79 -12.35
CA GLU A 220 -33.26 15.24 -13.42
C GLU A 220 -32.98 14.50 -14.72
N HIS A 221 -31.71 14.34 -15.08
CA HIS A 221 -31.39 13.65 -16.34
C HIS A 221 -31.73 12.17 -16.24
N LEU A 222 -31.42 11.54 -15.10
CA LEU A 222 -31.84 10.15 -14.91
C LEU A 222 -33.35 10.02 -15.00
N HIS A 223 -34.08 10.97 -14.42
CA HIS A 223 -35.54 10.96 -14.46
C HIS A 223 -36.06 11.06 -15.88
N ALA A 224 -35.49 11.97 -16.67
CA ALA A 224 -35.89 12.12 -18.07
C ALA A 224 -35.65 10.84 -18.85
N TYR A 225 -34.46 10.25 -18.67
CA TYR A 225 -34.13 9.01 -19.39
C TYR A 225 -35.10 7.89 -19.02
N VAL A 226 -35.33 7.71 -17.71
CA VAL A 226 -36.25 6.67 -17.26
C VAL A 226 -37.66 6.94 -17.76
N ARG A 227 -38.04 8.22 -17.83
CA ARG A 227 -39.37 8.59 -18.29
C ARG A 227 -39.56 8.20 -19.75
N ALA A 228 -38.56 8.49 -20.60
CA ALA A 228 -38.65 8.09 -22.00
C ALA A 228 -38.74 6.57 -22.12
N LYS A 229 -37.86 5.85 -21.41
CA LYS A 229 -37.88 4.40 -21.51
C LYS A 229 -39.22 3.82 -21.04
N LEU A 230 -39.82 4.43 -20.02
CA LEU A 230 -41.12 3.96 -19.56
C LEU A 230 -42.21 4.33 -20.55
N MET A 231 -42.08 5.47 -21.23
CA MET A 231 -43.01 5.78 -22.31
C MET A 231 -42.95 4.68 -23.35
N ASN A 232 -41.75 4.18 -23.66
CA ASN A 232 -41.71 3.04 -24.57
C ASN A 232 -42.40 1.84 -23.94
N ALA A 233 -42.44 1.76 -22.62
CA ALA A 233 -43.06 0.59 -21.99
C ALA A 233 -44.54 0.82 -21.73
N TYR A 234 -44.91 2.05 -21.40
CA TYR A 234 -46.29 2.48 -21.13
C TYR A 234 -46.55 3.67 -22.04
N PRO A 235 -46.78 3.44 -23.33
CA PRO A 235 -46.95 4.56 -24.26
C PRO A 235 -48.14 5.48 -24.03
N SER A 236 -49.35 4.95 -24.07
CA SER A 236 -50.54 5.78 -23.85
C SER A 236 -50.77 6.12 -22.38
N TYR A 237 -49.87 5.73 -21.48
CA TYR A 237 -50.05 6.01 -20.06
C TYR A 237 -49.16 7.11 -19.49
N ILE A 238 -48.09 7.53 -20.16
CA ILE A 238 -47.12 8.44 -19.58
C ILE A 238 -46.91 9.65 -20.49
N SER A 239 -47.03 10.86 -19.90
CA SER A 239 -46.74 12.13 -20.55
C SER A 239 -45.24 12.39 -20.61
N PRO A 240 -44.74 12.90 -21.74
CA PRO A 240 -43.30 13.19 -21.85
C PRO A 240 -42.84 14.37 -21.01
N ILE A 241 -43.73 15.11 -20.35
CA ILE A 241 -43.33 16.26 -19.54
C ILE A 241 -43.82 16.16 -18.11
N GLY A 242 -44.55 15.09 -17.75
CA GLY A 242 -45.14 14.99 -16.43
C GLY A 242 -44.31 14.15 -15.48
N CYS A 243 -44.78 14.08 -14.24
CA CYS A 243 -44.12 13.25 -13.26
C CYS A 243 -44.40 11.77 -13.57
N LEU A 244 -43.57 10.91 -13.01
CA LEU A 244 -43.73 9.48 -13.22
C LEU A 244 -44.84 8.95 -12.33
N PRO A 245 -45.79 8.18 -12.86
CA PRO A 245 -46.80 7.55 -12.00
C PRO A 245 -46.14 6.66 -10.94
N ALA A 246 -46.62 6.79 -9.70
CA ALA A 246 -45.93 6.20 -8.55
C ALA A 246 -45.94 4.68 -8.59
N HIS A 247 -46.85 4.07 -9.33
CA HIS A 247 -47.02 2.63 -9.31
C HIS A 247 -46.23 1.93 -10.41
N LEU A 248 -45.38 2.64 -11.14
CA LEU A 248 -44.59 2.05 -12.21
C LEU A 248 -43.09 2.14 -11.91
N LEU A 249 -42.72 2.33 -10.65
CA LEU A 249 -41.35 2.69 -10.32
C LEU A 249 -40.46 1.51 -9.93
N GLY A 250 -41.01 0.31 -9.77
CA GLY A 250 -40.23 -0.88 -9.49
C GLY A 250 -40.46 -1.51 -8.13
N ASP A 251 -41.02 -0.77 -7.17
CA ASP A 251 -41.43 -1.35 -5.90
C ASP A 251 -42.69 -0.66 -5.43
N MET A 252 -43.10 -0.96 -4.19
CA MET A 252 -44.39 -0.50 -3.67
C MET A 252 -44.45 1.01 -3.53
N TRP A 253 -43.31 1.68 -3.42
CA TRP A 253 -43.30 3.11 -3.14
C TRP A 253 -42.45 3.95 -4.08
N GLY A 254 -41.53 3.35 -4.83
CA GLY A 254 -40.57 4.11 -5.59
C GLY A 254 -39.30 4.46 -4.83
N ARG A 255 -39.06 3.82 -3.69
CA ARG A 255 -37.84 4.09 -2.93
C ARG A 255 -36.59 3.74 -3.72
N PHE A 256 -36.66 2.70 -4.55
CA PHE A 256 -35.57 2.31 -5.45
C PHE A 256 -36.15 2.04 -6.82
N TRP A 257 -35.51 2.57 -7.86
CA TRP A 257 -35.90 2.25 -9.23
C TRP A 257 -35.11 1.05 -9.77
N THR A 258 -34.65 0.16 -8.89
CA THR A 258 -33.81 -0.95 -9.30
C THR A 258 -34.52 -1.87 -10.28
N ASN A 259 -35.81 -2.15 -10.03
CA ASN A 259 -36.51 -3.12 -10.85
C ASN A 259 -36.97 -2.55 -12.17
N LEU A 260 -36.54 -1.33 -12.48
CA LEU A 260 -36.76 -0.75 -13.80
C LEU A 260 -35.56 -0.98 -14.71
N TYR A 261 -34.54 -1.73 -14.26
CA TYR A 261 -33.34 -1.88 -15.07
C TYR A 261 -33.65 -2.64 -16.35
N SER A 262 -34.54 -3.63 -16.26
CA SER A 262 -34.91 -4.40 -17.44
C SER A 262 -35.60 -3.52 -18.47
N LEU A 263 -36.26 -2.46 -18.02
CA LEU A 263 -36.96 -1.55 -18.92
C LEU A 263 -36.12 -0.34 -19.30
N THR A 264 -34.96 -0.13 -18.64
CA THR A 264 -34.19 1.08 -18.89
C THR A 264 -32.73 0.80 -19.24
N VAL A 265 -32.36 -0.46 -19.44
CA VAL A 265 -30.96 -0.82 -19.67
C VAL A 265 -30.42 -0.09 -20.90
N PRO A 266 -29.32 0.64 -20.80
CA PRO A 266 -28.79 1.32 -22.00
C PRO A 266 -28.45 0.38 -23.14
N PHE A 267 -27.66 -0.65 -22.86
CA PHE A 267 -27.19 -1.60 -23.88
C PHE A 267 -27.55 -3.00 -23.38
N GLY A 268 -28.79 -3.43 -23.61
CA GLY A 268 -29.18 -4.78 -23.21
C GLY A 268 -28.44 -5.87 -23.95
N GLN A 269 -27.68 -5.54 -24.98
CA GLN A 269 -26.91 -6.53 -25.71
C GLN A 269 -25.68 -7.01 -24.93
N LYS A 270 -25.10 -6.15 -24.10
CA LYS A 270 -23.92 -6.54 -23.34
C LYS A 270 -24.29 -7.49 -22.20
N PRO A 271 -23.41 -8.44 -21.89
CA PRO A 271 -23.61 -9.29 -20.71
C PRO A 271 -23.43 -8.56 -19.39
N ASN A 272 -24.25 -8.96 -18.42
CA ASN A 272 -24.27 -8.37 -17.09
C ASN A 272 -23.20 -9.09 -16.27
N ILE A 273 -22.52 -8.36 -15.40
CA ILE A 273 -21.47 -8.93 -14.56
C ILE A 273 -22.05 -9.69 -13.38
N ASP A 274 -22.73 -10.81 -13.67
CA ASP A 274 -23.19 -11.73 -12.65
C ASP A 274 -22.29 -12.97 -12.64
N VAL A 275 -21.46 -13.08 -11.61
CA VAL A 275 -20.41 -14.08 -11.50
C VAL A 275 -20.92 -15.29 -10.70
N THR A 276 -22.25 -15.37 -10.55
CA THR A 276 -22.87 -16.48 -9.83
C THR A 276 -22.52 -17.83 -10.45
N ASP A 277 -22.58 -17.93 -11.78
CA ASP A 277 -22.29 -19.19 -12.43
C ASP A 277 -20.84 -19.60 -12.22
N ALA A 278 -19.92 -18.63 -12.20
CA ALA A 278 -18.53 -18.94 -11.92
C ALA A 278 -18.35 -19.47 -10.50
N MET A 279 -19.00 -18.85 -9.51
CA MET A 279 -18.94 -19.35 -8.14
C MET A 279 -19.47 -20.77 -8.05
N VAL A 280 -20.59 -21.06 -8.72
CA VAL A 280 -21.16 -22.40 -8.65
C VAL A 280 -20.26 -23.42 -9.33
N ASP A 281 -19.63 -23.05 -10.45
CA ASP A 281 -18.78 -23.96 -11.20
C ASP A 281 -17.44 -24.22 -10.51
N GLN A 282 -16.98 -23.31 -9.65
CA GLN A 282 -15.77 -23.50 -8.87
C GLN A 282 -16.05 -24.18 -7.53
N ALA A 283 -17.28 -24.63 -7.31
CA ALA A 283 -17.68 -25.38 -6.11
C ALA A 283 -17.45 -24.58 -4.83
N TRP A 284 -17.74 -23.29 -4.90
CA TRP A 284 -17.70 -22.44 -3.71
C TRP A 284 -18.83 -22.78 -2.76
N ASP A 285 -18.58 -22.54 -1.46
CA ASP A 285 -19.59 -22.69 -0.42
C ASP A 285 -19.56 -21.43 0.43
N ALA A 286 -20.44 -21.38 1.43
CA ALA A 286 -20.47 -20.22 2.33
C ALA A 286 -19.14 -20.06 3.05
N GLN A 287 -18.51 -21.18 3.41
CA GLN A 287 -17.17 -21.14 3.98
C GLN A 287 -16.22 -20.35 3.07
N ARG A 288 -16.18 -20.69 1.78
CA ARG A 288 -15.28 -20.00 0.87
C ARG A 288 -15.64 -18.53 0.71
N ILE A 289 -16.93 -18.22 0.65
CA ILE A 289 -17.35 -16.82 0.51
C ILE A 289 -16.83 -15.99 1.68
N PHE A 290 -17.09 -16.46 2.90
CA PHE A 290 -16.67 -15.67 4.05
C PHE A 290 -15.16 -15.68 4.23
N LYS A 291 -14.49 -16.77 3.84
CA LYS A 291 -13.03 -16.79 3.86
C LYS A 291 -12.46 -15.78 2.88
N GLU A 292 -13.08 -15.64 1.71
CA GLU A 292 -12.61 -14.67 0.74
C GLU A 292 -12.83 -13.25 1.24
N ALA A 293 -13.98 -13.00 1.88
CA ALA A 293 -14.20 -11.69 2.49
C ALA A 293 -13.14 -11.39 3.55
N GLU A 294 -12.82 -12.39 4.38
CA GLU A 294 -11.79 -12.22 5.38
C GLU A 294 -10.45 -11.92 4.74
N LYS A 295 -10.12 -12.62 3.66
CA LYS A 295 -8.89 -12.35 2.92
C LYS A 295 -8.86 -10.93 2.37
N PHE A 296 -10.01 -10.45 1.89
CA PHE A 296 -10.10 -9.07 1.42
C PHE A 296 -9.76 -8.10 2.53
N PHE A 297 -10.38 -8.29 3.70
CA PHE A 297 -10.15 -7.36 4.81
C PHE A 297 -8.72 -7.44 5.34
N VAL A 298 -8.13 -8.64 5.36
CA VAL A 298 -6.74 -8.78 5.79
C VAL A 298 -5.78 -8.15 4.79
N SER A 299 -6.15 -8.14 3.50
CA SER A 299 -5.25 -7.60 2.48
C SER A 299 -5.03 -6.10 2.64
N VAL A 300 -5.84 -5.41 3.43
CA VAL A 300 -5.70 -3.98 3.62
C VAL A 300 -5.18 -3.65 5.02
N GLY A 301 -4.77 -4.65 5.78
CA GLY A 301 -4.19 -4.46 7.08
C GLY A 301 -5.13 -4.64 8.25
N LEU A 302 -6.31 -5.21 8.04
CA LEU A 302 -7.23 -5.44 9.14
C LEU A 302 -7.13 -6.88 9.60
N PRO A 303 -7.54 -7.19 10.83
CA PRO A 303 -7.36 -8.55 11.32
C PRO A 303 -8.32 -9.54 10.68
N ASN A 304 -7.97 -10.82 10.79
CA ASN A 304 -8.86 -11.92 10.49
C ASN A 304 -10.11 -11.84 11.38
N MET A 305 -11.08 -12.70 11.09
CA MET A 305 -12.15 -12.96 12.02
C MET A 305 -11.69 -13.84 13.19
N THR A 306 -12.35 -13.65 14.33
CA THR A 306 -11.97 -14.35 15.54
C THR A 306 -12.44 -15.81 15.50
N GLN A 307 -11.67 -16.69 16.15
CA GLN A 307 -12.11 -18.08 16.30
C GLN A 307 -13.49 -18.19 16.94
N GLY A 308 -13.83 -17.28 17.86
CA GLY A 308 -15.18 -17.26 18.39
C GLY A 308 -16.21 -16.97 17.31
N PHE A 309 -15.88 -16.04 16.41
CA PHE A 309 -16.75 -15.78 15.27
C PHE A 309 -16.93 -17.04 14.41
N TRP A 310 -15.83 -17.67 14.03
CA TRP A 310 -15.96 -18.83 13.14
C TRP A 310 -16.67 -20.01 13.80
N GLU A 311 -16.60 -20.15 15.14
CA GLU A 311 -17.30 -21.30 15.69
C GLU A 311 -18.75 -21.01 16.02
N ASN A 312 -19.05 -19.76 16.40
CA ASN A 312 -20.36 -19.37 16.92
C ASN A 312 -21.00 -18.46 15.88
N SER A 313 -21.65 -19.06 14.88
CA SER A 313 -22.29 -18.28 13.83
C SER A 313 -23.11 -19.22 12.96
N MET A 314 -24.14 -18.67 12.32
CA MET A 314 -24.91 -19.45 11.36
C MET A 314 -24.70 -18.81 9.99
N LEU A 315 -23.89 -19.47 9.19
CA LEU A 315 -23.45 -18.95 7.90
C LEU A 315 -24.10 -19.70 6.76
N THR A 316 -24.91 -20.71 7.06
CA THR A 316 -25.66 -21.49 6.09
C THR A 316 -27.07 -21.69 6.61
N ASP A 317 -27.98 -21.98 5.68
CA ASP A 317 -29.35 -22.32 6.05
C ASP A 317 -29.34 -23.58 6.91
N PRO A 318 -29.90 -23.53 8.12
CA PRO A 318 -29.85 -24.71 9.01
C PRO A 318 -30.75 -25.84 8.54
N GLY A 319 -31.56 -25.62 7.52
CA GLY A 319 -32.37 -26.65 6.94
C GLY A 319 -33.84 -26.53 7.29
N ASN A 320 -34.55 -27.63 7.07
CA ASN A 320 -35.99 -27.68 7.28
C ASN A 320 -36.35 -27.94 8.73
N VAL A 321 -35.50 -28.67 9.46
CA VAL A 321 -35.77 -29.01 10.85
C VAL A 321 -35.67 -27.78 11.76
N GLN A 322 -34.78 -26.86 11.46
CA GLN A 322 -34.54 -25.70 12.31
C GLN A 322 -34.75 -24.44 11.49
N LYS A 323 -35.86 -23.76 11.73
CA LYS A 323 -36.19 -22.55 10.99
C LYS A 323 -35.65 -21.33 11.73
N ALA A 324 -35.08 -20.40 10.97
CA ALA A 324 -34.42 -19.23 11.50
C ALA A 324 -34.79 -18.00 10.68
N VAL A 325 -34.39 -16.84 11.17
CA VAL A 325 -34.59 -15.57 10.48
C VAL A 325 -33.39 -15.33 9.58
N CYS A 326 -33.64 -15.09 8.30
CA CYS A 326 -32.59 -15.10 7.29
C CYS A 326 -32.15 -13.71 6.86
N HIS A 327 -32.71 -12.66 7.46
CA HIS A 327 -32.25 -11.31 7.19
C HIS A 327 -30.77 -11.19 7.61
N PRO A 328 -29.87 -10.82 6.70
CA PRO A 328 -28.45 -10.75 7.07
C PRO A 328 -28.21 -9.70 8.16
N THR A 329 -27.58 -10.12 9.25
CA THR A 329 -27.32 -9.26 10.40
C THR A 329 -25.92 -9.55 10.94
N ALA A 330 -25.27 -8.50 11.45
CA ALA A 330 -23.96 -8.61 12.10
C ALA A 330 -24.11 -8.35 13.59
N TRP A 331 -23.88 -9.39 14.40
CA TRP A 331 -24.13 -9.33 15.84
C TRP A 331 -22.83 -9.03 16.57
N ASP A 332 -22.83 -7.95 17.35
CA ASP A 332 -21.76 -7.60 18.30
C ASP A 332 -22.28 -7.83 19.71
N LEU A 333 -22.09 -9.04 20.25
CA LEU A 333 -22.68 -9.32 21.56
C LEU A 333 -21.92 -8.68 22.71
N GLY A 334 -20.68 -8.24 22.49
CA GLY A 334 -19.84 -7.83 23.59
C GLY A 334 -19.04 -8.98 24.17
N LYS A 335 -18.13 -8.63 25.07
CA LYS A 335 -17.22 -9.60 25.67
C LYS A 335 -16.47 -10.39 24.60
N GLY A 336 -16.11 -9.71 23.51
CA GLY A 336 -15.38 -10.31 22.42
C GLY A 336 -16.15 -11.30 21.57
N ASP A 337 -17.47 -11.35 21.68
CA ASP A 337 -18.28 -12.29 20.92
C ASP A 337 -18.80 -11.56 19.68
N PHE A 338 -18.39 -12.03 18.49
CA PHE A 338 -18.79 -11.43 17.22
C PHE A 338 -19.37 -12.52 16.33
N ARG A 339 -20.55 -12.28 15.75
CA ARG A 339 -21.20 -13.28 14.92
C ARG A 339 -21.82 -12.62 13.69
N ILE A 340 -22.17 -13.45 12.71
CA ILE A 340 -22.95 -13.07 11.54
C ILE A 340 -24.10 -14.06 11.36
N LEU A 341 -25.31 -13.54 11.18
CA LEU A 341 -26.50 -14.34 10.92
C LEU A 341 -26.90 -14.14 9.48
N MET A 342 -26.78 -15.20 8.67
CA MET A 342 -27.02 -15.11 7.25
C MET A 342 -27.28 -16.50 6.69
N CYS A 343 -28.35 -16.64 5.92
CA CYS A 343 -28.66 -17.92 5.27
C CYS A 343 -28.03 -17.90 3.88
N THR A 344 -26.70 -18.00 3.87
CA THR A 344 -25.96 -17.74 2.64
C THR A 344 -26.24 -18.78 1.57
N LYS A 345 -26.57 -18.30 0.37
CA LYS A 345 -26.58 -19.07 -0.86
C LYS A 345 -25.35 -18.72 -1.70
N VAL A 346 -25.07 -19.55 -2.70
CA VAL A 346 -23.89 -19.37 -3.56
C VAL A 346 -24.31 -18.46 -4.71
N THR A 347 -24.36 -17.16 -4.43
CA THR A 347 -24.75 -16.16 -5.43
C THR A 347 -23.87 -14.92 -5.23
N MET A 348 -23.76 -14.12 -6.30
CA MET A 348 -22.98 -12.89 -6.22
C MET A 348 -23.59 -11.89 -5.24
N ASP A 349 -24.92 -11.82 -5.20
CA ASP A 349 -25.57 -10.92 -4.24
C ASP A 349 -25.23 -11.31 -2.81
N ASP A 350 -25.20 -12.61 -2.51
CA ASP A 350 -24.84 -13.01 -1.16
C ASP A 350 -23.36 -12.80 -0.88
N PHE A 351 -22.52 -12.93 -1.91
CA PHE A 351 -21.10 -12.57 -1.79
C PHE A 351 -20.94 -11.11 -1.37
N LEU A 352 -21.60 -10.20 -2.09
CA LEU A 352 -21.50 -8.78 -1.78
C LEU A 352 -22.09 -8.48 -0.41
N THR A 353 -23.21 -9.11 -0.07
CA THR A 353 -23.82 -8.82 1.24
C THR A 353 -22.98 -9.39 2.37
N ALA A 354 -22.26 -10.49 2.09
CA ALA A 354 -21.31 -10.99 3.07
C ALA A 354 -20.19 -9.97 3.29
N HIS A 355 -19.68 -9.39 2.20
CA HIS A 355 -18.71 -8.30 2.35
C HIS A 355 -19.28 -7.15 3.19
N HIS A 356 -20.54 -6.78 2.94
CA HIS A 356 -21.16 -5.69 3.70
C HIS A 356 -21.23 -6.02 5.20
N GLU A 357 -21.75 -7.20 5.52
CA GLU A 357 -21.91 -7.55 6.93
C GLU A 357 -20.57 -7.74 7.61
N MET A 358 -19.56 -8.29 6.91
CA MET A 358 -18.24 -8.41 7.52
C MET A 358 -17.59 -7.05 7.70
N GLY A 359 -17.93 -6.07 6.85
CA GLY A 359 -17.52 -4.71 7.12
C GLY A 359 -18.12 -4.18 8.41
N HIS A 360 -19.41 -4.43 8.60
CA HIS A 360 -20.05 -4.15 9.90
C HIS A 360 -19.26 -4.77 11.05
N ILE A 361 -18.92 -6.05 10.93
CA ILE A 361 -18.22 -6.77 12.00
C ILE A 361 -16.84 -6.18 12.25
N GLN A 362 -16.13 -5.77 11.20
CA GLN A 362 -14.82 -5.17 11.37
C GLN A 362 -14.93 -3.85 12.10
N TYR A 363 -15.94 -3.05 11.75
CA TYR A 363 -16.25 -1.83 12.50
C TYR A 363 -16.44 -2.14 13.98
N ASP A 364 -17.27 -3.15 14.28
CA ASP A 364 -17.55 -3.51 15.68
C ASP A 364 -16.30 -3.95 16.44
N MET A 365 -15.45 -4.76 15.79
CA MET A 365 -14.20 -5.17 16.42
C MET A 365 -13.25 -3.99 16.65
N ALA A 366 -13.26 -3.01 15.74
CA ALA A 366 -12.30 -1.90 15.82
C ALA A 366 -12.58 -0.93 16.96
N TYR A 367 -13.84 -0.68 17.30
CA TYR A 367 -14.16 0.21 18.41
C TYR A 367 -14.52 -0.57 19.68
N ALA A 368 -13.99 -1.79 19.81
CA ALA A 368 -14.34 -2.61 20.96
C ALA A 368 -13.70 -2.11 22.25
N ALA A 369 -12.56 -1.43 22.17
CA ALA A 369 -11.87 -0.96 23.36
C ALA A 369 -12.50 0.31 23.94
N GLN A 370 -13.45 0.91 23.22
CA GLN A 370 -14.18 2.06 23.72
C GLN A 370 -15.13 1.65 24.84
N PRO A 371 -15.49 2.58 25.74
CA PRO A 371 -16.53 2.28 26.74
C PRO A 371 -17.85 1.90 26.10
N PHE A 372 -18.69 1.23 26.90
CA PHE A 372 -19.90 0.60 26.37
C PHE A 372 -20.74 1.54 25.54
N LEU A 373 -21.22 2.62 26.16
CA LEU A 373 -22.13 3.53 25.47
C LEU A 373 -21.47 4.27 24.31
N LEU A 374 -20.17 4.12 24.13
CA LEU A 374 -19.47 4.75 23.03
C LEU A 374 -19.10 3.76 21.94
N ARG A 375 -19.53 2.50 22.07
CA ARG A 375 -19.27 1.50 21.04
C ARG A 375 -20.42 1.55 20.03
N ASN A 376 -20.28 2.48 19.09
CA ASN A 376 -21.31 2.72 18.09
C ASN A 376 -20.74 3.65 17.04
N GLY A 377 -21.39 3.67 15.88
CA GLY A 377 -20.95 4.54 14.82
C GLY A 377 -21.08 6.00 15.23
N ALA A 378 -20.27 6.84 14.57
CA ALA A 378 -20.26 8.27 14.86
C ALA A 378 -21.65 8.88 14.81
N ASN A 379 -22.41 8.57 13.76
CA ASN A 379 -23.85 8.81 13.76
C ASN A 379 -24.55 7.63 13.09
N GLU A 380 -25.85 7.80 12.81
CA GLU A 380 -26.67 6.71 12.31
C GLU A 380 -26.33 6.27 10.88
N GLY A 381 -25.57 7.06 10.13
CA GLY A 381 -25.27 6.69 8.76
C GLY A 381 -23.94 5.98 8.56
N PHE A 382 -23.09 5.94 9.59
CA PHE A 382 -21.71 5.52 9.41
C PHE A 382 -21.57 4.01 9.18
N HIS A 383 -22.30 3.20 9.93
CA HIS A 383 -22.19 1.75 9.81
C HIS A 383 -22.56 1.25 8.42
N GLU A 384 -23.71 1.69 7.91
CA GLU A 384 -24.13 1.25 6.60
C GLU A 384 -23.20 1.79 5.51
N ALA A 385 -22.66 2.99 5.70
CA ALA A 385 -21.70 3.52 4.74
C ALA A 385 -20.45 2.64 4.67
N VAL A 386 -19.98 2.15 5.82
CA VAL A 386 -18.81 1.29 5.82
C VAL A 386 -19.12 -0.04 5.12
N GLY A 387 -20.23 -0.67 5.49
CA GLY A 387 -20.64 -1.89 4.80
C GLY A 387 -20.76 -1.70 3.29
N GLU A 388 -21.28 -0.55 2.88
CA GLU A 388 -21.50 -0.31 1.46
C GLU A 388 -20.20 -0.04 0.71
N ILE A 389 -19.21 0.60 1.33
CA ILE A 389 -17.94 0.76 0.63
C ILE A 389 -17.24 -0.59 0.49
N MET A 390 -17.39 -1.48 1.49
CA MET A 390 -16.91 -2.85 1.31
C MET A 390 -17.54 -3.48 0.08
N SER A 391 -18.86 -3.40 -0.03
CA SER A 391 -19.53 -4.08 -1.15
C SER A 391 -19.17 -3.44 -2.49
N LEU A 392 -18.98 -2.11 -2.53
CA LEU A 392 -18.53 -1.45 -3.75
C LEU A 392 -17.16 -1.96 -4.18
N SER A 393 -16.19 -1.98 -3.26
CA SER A 393 -14.87 -2.49 -3.60
C SER A 393 -14.93 -3.93 -4.08
N ALA A 394 -15.78 -4.75 -3.45
CA ALA A 394 -15.91 -6.16 -3.83
C ALA A 394 -16.60 -6.37 -5.18
N ALA A 395 -17.45 -5.44 -5.61
CA ALA A 395 -18.18 -5.63 -6.87
C ALA A 395 -17.39 -5.24 -8.11
N THR A 396 -16.30 -4.50 -7.97
CA THR A 396 -15.51 -4.09 -9.12
C THR A 396 -14.97 -5.29 -9.91
N PRO A 397 -14.94 -5.20 -11.24
CA PRO A 397 -14.42 -6.32 -12.06
C PRO A 397 -12.95 -6.59 -11.80
N LYS A 398 -12.19 -5.57 -11.42
CA LYS A 398 -10.78 -5.76 -11.07
C LYS A 398 -10.64 -6.74 -9.90
N HIS A 399 -11.43 -6.52 -8.85
CA HIS A 399 -11.43 -7.45 -7.72
C HIS A 399 -11.92 -8.84 -8.14
N LEU A 400 -12.99 -8.89 -8.92
CA LEU A 400 -13.53 -10.18 -9.37
C LEU A 400 -12.50 -10.96 -10.16
N LYS A 401 -11.69 -10.27 -10.96
CA LYS A 401 -10.62 -10.94 -11.68
C LYS A 401 -9.52 -11.41 -10.74
N SER A 402 -9.10 -10.55 -9.81
CA SER A 402 -8.01 -10.94 -8.90
C SER A 402 -8.37 -12.13 -8.02
N ILE A 403 -9.65 -12.30 -7.67
CA ILE A 403 -10.08 -13.47 -6.89
C ILE A 403 -10.25 -14.69 -7.78
N GLY A 404 -10.38 -14.50 -9.09
CA GLY A 404 -10.48 -15.59 -10.03
C GLY A 404 -11.88 -16.03 -10.42
N LEU A 405 -12.91 -15.24 -10.07
CA LEU A 405 -14.28 -15.50 -10.47
C LEU A 405 -14.71 -14.87 -11.78
N LEU A 406 -13.94 -13.94 -12.33
CA LEU A 406 -14.20 -13.36 -13.64
C LEU A 406 -13.04 -13.68 -14.58
N SER A 407 -13.37 -13.94 -15.85
CA SER A 407 -12.34 -14.32 -16.81
C SER A 407 -11.33 -13.19 -16.94
N PRO A 408 -10.04 -13.51 -17.07
CA PRO A 408 -9.06 -12.43 -17.25
C PRO A 408 -9.21 -11.64 -18.53
N ASP A 409 -9.78 -12.23 -19.60
CA ASP A 409 -9.97 -11.47 -20.83
C ASP A 409 -11.35 -10.85 -20.94
N PHE A 410 -11.98 -10.47 -19.82
CA PHE A 410 -13.23 -9.74 -19.94
C PHE A 410 -12.93 -8.27 -20.16
N GLN A 411 -13.27 -7.75 -21.33
CA GLN A 411 -12.97 -6.36 -21.69
C GLN A 411 -14.02 -5.41 -21.12
N GLU A 412 -13.56 -4.35 -20.46
CA GLU A 412 -14.47 -3.34 -19.89
C GLU A 412 -14.60 -2.21 -20.90
N ASP A 413 -15.57 -2.35 -21.82
CA ASP A 413 -15.88 -1.27 -22.76
C ASP A 413 -16.51 -0.11 -21.98
N ASN A 414 -16.77 1.00 -22.69
CA ASN A 414 -17.62 2.05 -22.14
C ASN A 414 -19.11 1.72 -22.13
N GLU A 415 -19.54 0.61 -22.72
CA GLU A 415 -20.97 0.33 -22.61
C GLU A 415 -21.29 -0.57 -21.43
N THR A 416 -20.45 -1.56 -21.11
CA THR A 416 -20.67 -2.27 -19.85
C THR A 416 -20.54 -1.31 -18.68
N GLU A 417 -19.64 -0.33 -18.79
CA GLU A 417 -19.48 0.68 -17.75
C GLU A 417 -20.71 1.57 -17.64
N ILE A 418 -21.29 1.97 -18.78
CA ILE A 418 -22.49 2.80 -18.71
C ILE A 418 -23.66 1.99 -18.14
N ASN A 419 -23.74 0.71 -18.49
CA ASN A 419 -24.72 -0.19 -17.91
C ASN A 419 -24.57 -0.25 -16.39
N PHE A 420 -23.34 -0.48 -15.93
CA PHE A 420 -23.08 -0.59 -14.50
C PHE A 420 -23.43 0.70 -13.77
N LEU A 421 -23.07 1.85 -14.34
CA LEU A 421 -23.35 3.11 -13.67
C LEU A 421 -24.86 3.39 -13.64
N LEU A 422 -25.57 3.03 -14.71
CA LEU A 422 -27.02 3.20 -14.72
C LEU A 422 -27.70 2.30 -13.69
N LYS A 423 -27.26 1.04 -13.61
CA LYS A 423 -27.83 0.14 -12.60
C LYS A 423 -27.52 0.61 -11.20
N GLN A 424 -26.31 1.15 -10.98
CA GLN A 424 -26.00 1.75 -9.69
C GLN A 424 -26.87 2.97 -9.40
N ALA A 425 -27.12 3.79 -10.41
CA ALA A 425 -27.84 5.04 -10.21
C ALA A 425 -29.32 4.79 -9.92
N LEU A 426 -29.93 3.83 -10.63
CA LEU A 426 -31.34 3.50 -10.38
C LEU A 426 -31.63 3.26 -8.91
N THR A 427 -30.67 2.65 -8.19
CA THR A 427 -30.78 2.37 -6.76
C THR A 427 -30.29 3.54 -5.92
N ILE A 428 -29.09 4.05 -6.21
CA ILE A 428 -28.41 4.96 -5.30
C ILE A 428 -28.92 6.38 -5.50
N VAL A 429 -28.99 6.85 -6.74
CA VAL A 429 -29.49 8.21 -6.98
C VAL A 429 -31.01 8.25 -7.09
N GLY A 430 -31.64 7.13 -7.47
CA GLY A 430 -33.09 7.08 -7.50
C GLY A 430 -33.72 7.23 -6.13
N THR A 431 -32.99 6.88 -5.08
CA THR A 431 -33.53 6.89 -3.72
C THR A 431 -33.34 8.22 -3.01
N LEU A 432 -32.48 9.11 -3.50
CA LEU A 432 -32.16 10.31 -2.72
C LEU A 432 -33.33 11.28 -2.67
N PRO A 433 -33.98 11.64 -3.78
CA PRO A 433 -35.16 12.52 -3.65
C PRO A 433 -36.29 11.88 -2.86
N PHE A 434 -36.49 10.57 -3.02
CA PHE A 434 -37.50 9.86 -2.24
C PHE A 434 -37.23 10.02 -0.74
N THR A 435 -36.00 9.71 -0.32
CA THR A 435 -35.61 9.79 1.08
C THR A 435 -35.75 11.21 1.62
N TYR A 436 -35.21 12.19 0.88
CA TYR A 436 -35.25 13.55 1.36
C TYR A 436 -36.68 14.05 1.49
N MET A 437 -37.56 13.75 0.52
CA MET A 437 -38.93 14.26 0.62
C MET A 437 -39.69 13.59 1.77
N LEU A 438 -39.55 12.27 1.93
CA LEU A 438 -40.24 11.62 3.02
C LEU A 438 -39.81 12.21 4.36
N GLU A 439 -38.49 12.37 4.57
CA GLU A 439 -38.04 12.89 5.86
C GLU A 439 -38.41 14.36 6.03
N LYS A 440 -38.43 15.13 4.93
CA LYS A 440 -38.88 16.51 5.00
C LYS A 440 -40.35 16.58 5.39
N TRP A 441 -41.18 15.71 4.80
CA TRP A 441 -42.59 15.69 5.14
C TRP A 441 -42.76 15.35 6.62
N ARG A 442 -42.01 14.38 7.13
CA ARG A 442 -42.15 14.06 8.55
C ARG A 442 -41.70 15.25 9.42
N TRP A 443 -40.55 15.85 9.09
CA TRP A 443 -40.10 17.02 9.85
C TRP A 443 -41.17 18.09 9.88
N MET A 444 -41.76 18.40 8.72
CA MET A 444 -42.76 19.45 8.66
C MET A 444 -44.02 19.08 9.43
N VAL A 445 -44.42 17.81 9.37
CA VAL A 445 -45.60 17.36 10.10
C VAL A 445 -45.37 17.49 11.60
N PHE A 446 -44.21 17.02 12.07
CA PHE A 446 -43.88 17.13 13.49
C PHE A 446 -43.79 18.59 13.91
N LYS A 447 -43.25 19.44 13.04
CA LYS A 447 -43.12 20.86 13.34
C LYS A 447 -44.46 21.59 13.34
N GLY A 448 -45.53 20.94 12.89
CA GLY A 448 -46.83 21.58 12.80
C GLY A 448 -46.99 22.53 11.64
N GLU A 449 -46.24 22.33 10.55
CA GLU A 449 -46.36 23.18 9.38
C GLU A 449 -47.35 22.66 8.34
N ILE A 450 -47.72 21.38 8.40
CA ILE A 450 -48.70 20.81 7.48
C ILE A 450 -49.94 20.43 8.31
N PRO A 451 -51.04 21.17 8.21
CA PRO A 451 -52.25 20.77 8.94
C PRO A 451 -52.75 19.41 8.50
N LYS A 452 -53.54 18.78 9.39
CA LYS A 452 -54.03 17.43 9.13
C LYS A 452 -54.95 17.35 7.91
N ASP A 453 -55.73 18.40 7.66
CA ASP A 453 -56.70 18.34 6.58
C ASP A 453 -56.08 18.47 5.21
N GLN A 454 -54.76 18.59 5.13
CA GLN A 454 -54.06 18.55 3.86
C GLN A 454 -52.74 17.81 4.00
N TRP A 455 -52.69 16.84 4.92
CA TRP A 455 -51.49 16.02 5.04
C TRP A 455 -51.15 15.38 3.70
N MET A 456 -52.08 14.62 3.17
CA MET A 456 -51.83 13.93 1.92
C MET A 456 -51.69 14.92 0.79
N LYS A 457 -52.42 16.04 0.85
CA LYS A 457 -52.26 17.08 -0.17
C LYS A 457 -50.80 17.50 -0.24
N LYS A 458 -50.21 17.90 0.89
CA LYS A 458 -48.82 18.33 0.84
C LYS A 458 -47.91 17.17 0.49
N TRP A 459 -48.28 15.96 0.96
CA TRP A 459 -47.47 14.81 0.62
C TRP A 459 -47.34 14.66 -0.88
N TRP A 460 -48.47 14.73 -1.58
CA TRP A 460 -48.34 14.51 -3.02
C TRP A 460 -47.84 15.75 -3.73
N GLU A 461 -48.13 16.94 -3.18
CA GLU A 461 -47.48 18.14 -3.70
C GLU A 461 -45.97 17.97 -3.63
N MET A 462 -45.48 17.50 -2.48
CA MET A 462 -44.04 17.34 -2.36
C MET A 462 -43.55 16.23 -3.26
N LYS A 463 -44.31 15.14 -3.36
CA LYS A 463 -43.99 14.09 -4.33
C LYS A 463 -43.74 14.71 -5.68
N ARG A 464 -44.75 15.40 -6.20
CA ARG A 464 -44.63 16.09 -7.48
C ARG A 464 -43.39 16.99 -7.49
N GLU A 465 -43.36 17.97 -6.58
CA GLU A 465 -42.34 19.02 -6.67
C GLU A 465 -40.93 18.44 -6.57
N ILE A 466 -40.68 17.60 -5.57
CA ILE A 466 -39.33 17.13 -5.22
C ILE A 466 -38.92 15.89 -6.00
N VAL A 467 -39.71 14.82 -5.91
CA VAL A 467 -39.30 13.53 -6.47
C VAL A 467 -39.61 13.38 -7.95
N GLY A 468 -40.51 14.20 -8.49
CA GLY A 468 -40.91 14.00 -9.87
C GLY A 468 -41.80 12.79 -10.05
N VAL A 469 -42.65 12.52 -9.07
CA VAL A 469 -43.52 11.35 -9.06
C VAL A 469 -44.94 11.82 -8.76
N VAL A 470 -45.91 11.28 -9.47
CA VAL A 470 -47.30 11.72 -9.38
C VAL A 470 -48.17 10.51 -9.08
N GLU A 471 -49.19 10.71 -8.23
CA GLU A 471 -50.05 9.61 -7.87
C GLU A 471 -50.95 9.21 -9.04
N PRO A 472 -51.18 7.91 -9.24
CA PRO A 472 -52.06 7.48 -10.34
C PRO A 472 -53.54 7.72 -10.06
N VAL A 473 -53.94 7.75 -8.80
CA VAL A 473 -55.32 8.09 -8.43
C VAL A 473 -55.31 9.07 -7.27
N PRO A 474 -56.29 9.97 -7.24
CA PRO A 474 -56.32 10.98 -6.17
C PRO A 474 -56.70 10.38 -4.82
N HIS A 475 -56.12 10.95 -3.76
CA HIS A 475 -56.28 10.47 -2.39
C HIS A 475 -56.69 11.63 -1.50
N ASP A 476 -57.78 11.45 -0.75
CA ASP A 476 -58.22 12.43 0.22
C ASP A 476 -57.54 12.16 1.57
N GLU A 477 -58.02 12.80 2.63
CA GLU A 477 -57.38 12.66 3.94
C GLU A 477 -57.73 11.35 4.65
N THR A 478 -58.54 10.49 4.04
CA THR A 478 -58.77 9.16 4.61
C THR A 478 -57.51 8.31 4.49
N TYR A 479 -56.76 8.48 3.40
CA TYR A 479 -55.56 7.72 3.15
C TYR A 479 -54.44 8.18 4.09
N CYS A 480 -53.39 7.36 4.15
CA CYS A 480 -52.18 7.72 4.86
C CYS A 480 -50.99 7.06 4.16
N ASP A 481 -50.79 7.43 2.89
CA ASP A 481 -49.78 6.76 2.07
C ASP A 481 -48.37 6.78 2.64
N PRO A 482 -47.88 7.84 3.27
CA PRO A 482 -46.55 7.76 3.90
C PRO A 482 -46.42 6.61 4.89
N ALA A 483 -47.46 6.34 5.68
CA ALA A 483 -47.41 5.23 6.63
C ALA A 483 -47.48 3.87 5.97
N SER A 484 -47.73 3.78 4.67
CA SER A 484 -47.68 2.50 3.98
C SER A 484 -46.26 2.03 3.75
N LEU A 485 -45.26 2.74 4.26
CA LEU A 485 -43.87 2.32 4.21
C LEU A 485 -43.45 1.87 5.62
N PHE A 486 -42.55 0.88 5.65
CA PHE A 486 -42.16 0.27 6.93
C PHE A 486 -41.58 1.29 7.89
N HIS A 487 -40.61 2.08 7.43
CA HIS A 487 -39.92 3.02 8.30
C HIS A 487 -40.86 4.07 8.90
N VAL A 488 -41.89 4.48 8.16
CA VAL A 488 -42.79 5.49 8.68
C VAL A 488 -43.74 4.92 9.74
N SER A 489 -44.32 3.75 9.45
CA SER A 489 -45.26 3.10 10.37
C SER A 489 -44.59 2.35 11.51
N ASN A 490 -43.26 2.25 11.52
CA ASN A 490 -42.55 1.54 12.58
C ASN A 490 -41.58 2.45 13.32
N ASP A 491 -41.75 3.76 13.21
CA ASP A 491 -41.06 4.74 14.05
C ASP A 491 -39.53 4.68 13.88
N TYR A 492 -39.08 4.58 12.64
CA TYR A 492 -37.65 4.63 12.31
C TYR A 492 -37.35 5.90 11.50
N SER A 493 -36.29 6.62 11.89
CA SER A 493 -35.86 7.74 11.09
C SER A 493 -35.39 7.27 9.71
N PHE A 494 -35.38 8.19 8.74
CA PHE A 494 -35.14 7.84 7.34
C PHE A 494 -33.98 8.59 6.71
N ILE A 495 -33.62 9.77 7.21
CA ILE A 495 -32.52 10.55 6.63
C ILE A 495 -31.18 9.83 6.76
N ARG A 496 -31.12 8.80 7.60
CA ARG A 496 -29.91 8.00 7.71
C ARG A 496 -29.48 7.48 6.35
N TYR A 497 -30.42 7.17 5.47
CA TYR A 497 -30.05 6.58 4.18
C TYR A 497 -29.45 7.64 3.26
N TYR A 498 -30.00 8.85 3.26
CA TYR A 498 -29.38 9.96 2.53
C TYR A 498 -27.97 10.23 3.04
N THR A 499 -27.81 10.39 4.35
CA THR A 499 -26.51 10.73 4.89
C THR A 499 -25.52 9.62 4.62
N ARG A 500 -25.95 8.35 4.73
CA ARG A 500 -25.05 7.25 4.44
C ARG A 500 -24.69 7.17 2.97
N THR A 501 -25.62 7.54 2.08
CA THR A 501 -25.31 7.53 0.66
C THR A 501 -24.23 8.56 0.34
N LEU A 502 -24.30 9.75 0.94
CA LEU A 502 -23.23 10.73 0.71
C LEU A 502 -21.93 10.31 1.39
N TYR A 503 -22.00 9.85 2.64
CA TYR A 503 -20.81 9.41 3.36
C TYR A 503 -20.06 8.32 2.62
N GLN A 504 -20.79 7.37 2.02
CA GLN A 504 -20.13 6.20 1.46
C GLN A 504 -19.26 6.58 0.28
N PHE A 505 -19.70 7.54 -0.52
CA PHE A 505 -18.88 7.96 -1.63
C PHE A 505 -17.76 8.89 -1.18
N GLN A 506 -17.99 9.68 -0.12
CA GLN A 506 -16.85 10.38 0.49
C GLN A 506 -15.76 9.39 0.92
N PHE A 507 -16.15 8.32 1.62
CA PHE A 507 -15.18 7.32 2.09
C PHE A 507 -14.49 6.63 0.91
N GLN A 508 -15.25 6.26 -0.11
CA GLN A 508 -14.69 5.58 -1.28
C GLN A 508 -13.68 6.47 -1.99
N GLU A 509 -14.03 7.74 -2.20
CA GLU A 509 -13.11 8.68 -2.83
C GLU A 509 -11.83 8.83 -2.01
N ALA A 510 -11.98 9.00 -0.70
CA ALA A 510 -10.81 9.19 0.15
C ALA A 510 -9.88 7.98 0.11
N LEU A 511 -10.46 6.78 0.25
CA LEU A 511 -9.63 5.59 0.31
C LEU A 511 -9.05 5.22 -1.05
N CYS A 512 -9.72 5.58 -2.13
CA CYS A 512 -9.14 5.32 -3.44
C CYS A 512 -8.05 6.31 -3.79
N GLN A 513 -8.17 7.58 -3.37
CA GLN A 513 -7.03 8.49 -3.46
C GLN A 513 -5.85 8.00 -2.62
N ALA A 514 -6.15 7.47 -1.43
CA ALA A 514 -5.11 6.88 -0.59
C ALA A 514 -4.48 5.66 -1.24
N ALA A 515 -5.28 4.85 -1.95
CA ALA A 515 -4.80 3.66 -2.63
C ALA A 515 -4.17 3.93 -3.99
N LYS A 516 -3.93 5.20 -4.36
CA LYS A 516 -3.24 5.51 -5.61
C LYS A 516 -4.02 4.97 -6.82
N HIS A 517 -5.34 4.84 -6.69
CA HIS A 517 -6.17 4.34 -7.77
C HIS A 517 -6.19 5.27 -8.98
N GLU A 518 -6.32 4.65 -10.15
CA GLU A 518 -6.19 5.29 -11.45
C GLU A 518 -7.46 5.08 -12.27
N GLY A 519 -7.99 6.17 -12.84
CA GLY A 519 -9.23 6.14 -13.58
C GLY A 519 -10.49 6.62 -12.90
N PRO A 520 -11.63 6.26 -13.50
CA PRO A 520 -12.94 6.56 -12.88
C PRO A 520 -13.14 5.86 -11.54
N LEU A 521 -13.83 6.57 -10.65
CA LEU A 521 -13.95 6.13 -9.26
C LEU A 521 -14.63 4.76 -9.15
N HIS A 522 -15.64 4.49 -9.98
CA HIS A 522 -16.38 3.23 -9.90
C HIS A 522 -15.57 1.98 -10.25
N LYS A 523 -14.38 2.13 -10.83
CA LYS A 523 -13.49 1.01 -11.12
C LYS A 523 -12.46 0.78 -10.03
N CYS A 524 -12.63 1.38 -8.87
CA CYS A 524 -11.62 1.34 -7.82
C CYS A 524 -11.80 0.12 -6.94
N ASP A 525 -10.70 -0.60 -6.71
CA ASP A 525 -10.62 -1.72 -5.78
C ASP A 525 -9.50 -1.43 -4.79
N ILE A 526 -9.87 -1.21 -3.53
CA ILE A 526 -8.93 -0.78 -2.49
C ILE A 526 -8.15 -1.96 -1.91
N SER A 527 -8.31 -3.15 -2.50
CA SER A 527 -7.57 -4.32 -2.03
C SER A 527 -6.07 -4.03 -2.06
N ASN A 528 -5.36 -4.64 -1.11
CA ASN A 528 -3.92 -4.53 -1.00
C ASN A 528 -3.45 -3.12 -0.69
N SER A 529 -4.30 -2.28 -0.11
CA SER A 529 -3.94 -0.90 0.18
C SER A 529 -3.91 -0.72 1.69
N THR A 530 -2.72 -0.93 2.26
CA THR A 530 -2.57 -0.71 3.69
C THR A 530 -2.78 0.75 4.07
N GLU A 531 -2.53 1.68 3.14
CA GLU A 531 -2.79 3.10 3.40
C GLU A 531 -4.28 3.35 3.56
N ALA A 532 -5.09 2.82 2.65
CA ALA A 532 -6.54 2.95 2.76
C ALA A 532 -7.05 2.24 4.01
N GLY A 533 -6.51 1.05 4.29
CA GLY A 533 -6.89 0.36 5.51
C GLY A 533 -6.63 1.18 6.76
N GLN A 534 -5.44 1.76 6.84
CA GLN A 534 -5.09 2.60 7.99
C GLN A 534 -5.97 3.83 8.08
N LYS A 535 -6.22 4.48 6.94
CA LYS A 535 -7.05 5.67 6.95
C LYS A 535 -8.46 5.35 7.42
N LEU A 536 -8.97 4.18 7.05
CA LEU A 536 -10.30 3.80 7.52
C LEU A 536 -10.29 3.37 8.98
N PHE A 537 -9.25 2.67 9.40
CA PHE A 537 -9.18 2.21 10.78
C PHE A 537 -9.07 3.39 11.73
N ASN A 538 -8.35 4.45 11.33
CA ASN A 538 -8.24 5.62 12.19
C ASN A 538 -9.61 6.19 12.56
N MET A 539 -10.60 6.02 11.69
CA MET A 539 -11.97 6.42 12.00
C MET A 539 -12.76 5.31 12.68
N LEU A 540 -12.55 4.06 12.24
CA LEU A 540 -13.33 2.97 12.79
C LEU A 540 -13.07 2.84 14.28
N ARG A 541 -11.81 2.97 14.71
CA ARG A 541 -11.46 2.75 16.11
C ARG A 541 -12.08 3.80 17.02
N LEU A 542 -12.55 4.91 16.46
CA LEU A 542 -13.07 5.99 17.29
C LEU A 542 -14.43 5.64 17.88
N GLY A 543 -15.22 4.84 17.19
CA GLY A 543 -16.58 4.64 17.65
C GLY A 543 -17.31 5.97 17.70
N LYS A 544 -18.02 6.20 18.80
CA LYS A 544 -18.72 7.46 19.02
C LYS A 544 -17.96 8.33 20.03
N SER A 545 -16.63 8.15 20.12
CA SER A 545 -15.83 8.93 21.05
C SER A 545 -15.60 10.34 20.54
N GLU A 546 -15.33 10.47 19.26
CA GLU A 546 -15.13 11.77 18.64
C GLU A 546 -16.40 12.17 17.89
N PRO A 547 -16.59 13.46 17.69
CA PRO A 547 -17.75 13.92 16.91
C PRO A 547 -17.71 13.33 15.51
N TRP A 548 -18.90 13.15 14.93
CA TRP A 548 -18.98 12.55 13.61
C TRP A 548 -18.28 13.42 12.57
N THR A 549 -18.26 14.73 12.79
CA THR A 549 -17.52 15.62 11.90
C THR A 549 -16.03 15.31 11.95
N LEU A 550 -15.49 15.12 13.16
CA LEU A 550 -14.08 14.76 13.30
C LEU A 550 -13.80 13.39 12.70
N ALA A 551 -14.71 12.43 12.90
CA ALA A 551 -14.52 11.10 12.34
C ALA A 551 -14.51 11.14 10.81
N LEU A 552 -15.41 11.93 10.22
CA LEU A 552 -15.44 12.08 8.77
C LEU A 552 -14.20 12.81 8.25
N GLU A 553 -13.72 13.80 8.99
CA GLU A 553 -12.51 14.50 8.58
C GLU A 553 -11.30 13.58 8.61
N ASN A 554 -11.26 12.68 9.60
CA ASN A 554 -10.15 11.75 9.74
C ASN A 554 -9.93 10.92 8.48
N VAL A 555 -10.98 10.67 7.71
CA VAL A 555 -10.88 9.82 6.53
C VAL A 555 -10.90 10.62 5.24
N VAL A 556 -11.75 11.64 5.13
CA VAL A 556 -11.93 12.36 3.87
C VAL A 556 -11.32 13.74 3.89
N GLY A 557 -10.94 14.26 5.06
CA GLY A 557 -10.34 15.58 5.13
C GLY A 557 -11.34 16.72 5.19
N ALA A 558 -12.62 16.45 5.44
CA ALA A 558 -13.64 17.48 5.48
C ALA A 558 -14.52 17.28 6.71
N LYS A 559 -14.90 18.40 7.33
CA LYS A 559 -15.72 18.43 8.53
C LYS A 559 -17.21 18.30 8.28
N ASN A 560 -17.65 18.14 7.04
CA ASN A 560 -19.07 18.17 6.74
C ASN A 560 -19.37 17.25 5.57
N MET A 561 -20.67 17.01 5.37
CA MET A 561 -21.10 16.14 4.29
C MET A 561 -20.87 16.81 2.94
N ASN A 562 -20.55 15.99 1.94
CA ASN A 562 -20.17 16.49 0.62
C ASN A 562 -20.83 15.66 -0.48
N VAL A 563 -21.22 16.34 -1.56
CA VAL A 563 -21.92 15.67 -2.64
C VAL A 563 -21.01 15.37 -3.82
N ARG A 564 -19.87 16.06 -3.92
CA ARG A 564 -18.96 15.84 -5.03
C ARG A 564 -18.38 14.44 -5.15
N PRO A 565 -18.14 13.68 -4.06
CA PRO A 565 -17.76 12.27 -4.26
C PRO A 565 -18.77 11.48 -5.07
N LEU A 566 -20.05 11.62 -4.75
CA LEU A 566 -21.12 10.94 -5.48
C LEU A 566 -21.14 11.39 -6.93
N LEU A 567 -21.05 12.70 -7.15
CA LEU A 567 -21.10 13.23 -8.50
C LEU A 567 -19.90 12.76 -9.32
N ASN A 568 -18.73 12.64 -8.69
CA ASN A 568 -17.56 12.13 -9.40
C ASN A 568 -17.69 10.64 -9.69
N TYR A 569 -18.31 9.90 -8.78
CA TYR A 569 -18.61 8.49 -9.04
C TYR A 569 -19.49 8.35 -10.28
N PHE A 570 -20.46 9.25 -10.44
CA PHE A 570 -21.45 9.11 -11.50
C PHE A 570 -21.20 10.02 -12.71
N GLU A 571 -20.10 10.75 -12.75
CA GLU A 571 -19.79 11.66 -13.85
C GLU A 571 -19.89 11.04 -15.24
N PRO A 572 -19.33 9.86 -15.53
CA PRO A 572 -19.46 9.32 -16.90
C PRO A 572 -20.90 9.10 -17.30
N LEU A 573 -21.69 8.47 -16.41
CA LEU A 573 -23.11 8.32 -16.66
C LEU A 573 -23.79 9.69 -16.79
N PHE A 574 -23.31 10.70 -16.05
CA PHE A 574 -23.91 12.02 -16.14
C PHE A 574 -23.74 12.59 -17.54
N THR A 575 -22.53 12.52 -18.08
CA THR A 575 -22.30 13.02 -19.44
C THR A 575 -23.07 12.18 -20.46
N TRP A 576 -23.14 10.87 -20.26
CA TRP A 576 -23.90 10.03 -21.18
C TRP A 576 -25.38 10.40 -21.19
N LEU A 577 -25.95 10.65 -20.02
CA LEU A 577 -27.35 11.11 -19.93
C LEU A 577 -27.54 12.48 -20.58
N LYS A 578 -26.62 13.42 -20.31
CA LYS A 578 -26.73 14.74 -20.91
C LYS A 578 -26.75 14.65 -22.44
N ASP A 579 -25.96 13.74 -23.02
CA ASP A 579 -26.03 13.55 -24.47
C ASP A 579 -27.32 12.86 -24.88
N GLN A 580 -27.73 11.84 -24.12
CA GLN A 580 -28.90 11.04 -24.50
C GLN A 580 -30.19 11.85 -24.43
N ASN A 581 -30.22 12.92 -23.64
CA ASN A 581 -31.43 13.73 -23.48
C ASN A 581 -31.41 15.01 -24.31
N LYS A 582 -30.56 15.09 -25.34
CA LYS A 582 -30.46 16.34 -26.11
C LYS A 582 -31.79 16.72 -26.74
N ASN A 583 -32.52 15.74 -27.26
CA ASN A 583 -33.82 16.00 -27.87
C ASN A 583 -34.96 15.53 -26.99
N SER A 584 -34.74 15.43 -25.69
CA SER A 584 -35.74 15.03 -24.71
C SER A 584 -35.91 16.13 -23.68
N PHE A 585 -37.09 16.17 -23.06
CA PHE A 585 -37.33 17.13 -22.00
C PHE A 585 -36.71 16.67 -20.68
N VAL A 586 -35.97 17.57 -20.03
CA VAL A 586 -35.32 17.31 -18.75
C VAL A 586 -35.99 18.20 -17.70
N GLY A 587 -36.48 17.60 -16.64
CA GLY A 587 -37.38 18.27 -15.72
C GLY A 587 -38.78 17.69 -15.81
N TRP A 588 -39.70 18.31 -15.08
CA TRP A 588 -41.08 17.83 -15.08
C TRP A 588 -42.02 18.93 -14.61
N SER A 589 -43.22 18.97 -15.19
CA SER A 589 -44.29 19.80 -14.67
C SER A 589 -44.99 19.13 -13.50
N THR A 590 -45.29 19.91 -12.46
CA THR A 590 -45.92 19.36 -11.26
C THR A 590 -47.43 19.24 -11.38
N ASP A 591 -48.02 19.58 -12.54
CA ASP A 591 -49.46 19.71 -12.66
C ASP A 591 -50.13 18.57 -13.43
N TRP A 592 -49.41 17.87 -14.30
CA TRP A 592 -50.03 16.78 -15.03
C TRP A 592 -50.34 15.58 -14.13
N SER A 593 -51.50 14.98 -14.35
CA SER A 593 -51.89 13.81 -13.59
C SER A 593 -52.50 12.79 -14.55
N PRO A 594 -52.35 11.49 -14.25
CA PRO A 594 -53.01 10.46 -15.05
C PRO A 594 -54.53 10.39 -14.84
N TYR A 595 -55.14 11.28 -14.06
CA TYR A 595 -56.58 11.24 -13.85
C TYR A 595 -57.30 12.57 -14.04
N ALA A 596 -56.87 13.36 -15.02
CA ALA A 596 -57.51 14.65 -15.32
C ALA A 596 -57.77 15.51 -14.08
N THR B 22 10.52 -40.68 48.14
CA THR B 22 10.95 -39.30 48.26
C THR B 22 9.77 -38.35 48.42
N ASN B 23 9.86 -37.46 49.40
CA ASN B 23 8.76 -36.55 49.72
C ASN B 23 8.84 -35.35 48.79
N LEU B 24 8.03 -35.34 47.74
CA LEU B 24 7.98 -34.23 46.80
C LEU B 24 6.98 -33.16 47.24
N CYS B 25 6.98 -32.03 46.49
CA CYS B 25 6.13 -30.89 46.78
C CYS B 25 4.74 -31.06 46.17
N PRO B 26 3.68 -30.63 46.86
CA PRO B 26 2.30 -30.83 46.38
C PRO B 26 1.86 -29.76 45.38
N PHE B 27 2.49 -29.79 44.19
CA PHE B 27 2.02 -28.93 43.12
C PHE B 27 0.71 -29.41 42.54
N ASP B 28 0.38 -30.70 42.71
CA ASP B 28 -0.91 -31.21 42.23
C ASP B 28 -2.07 -30.56 42.95
N GLU B 29 -1.91 -30.17 44.22
CA GLU B 29 -2.98 -29.51 44.96
C GLU B 29 -3.23 -28.11 44.43
N VAL B 30 -2.15 -27.39 44.10
CA VAL B 30 -2.29 -26.00 43.70
C VAL B 30 -2.73 -25.90 42.25
N PHE B 31 -2.16 -26.73 41.38
CA PHE B 31 -2.38 -26.59 39.94
C PHE B 31 -3.61 -27.34 39.45
N ASN B 32 -3.86 -28.55 39.93
CA ASN B 32 -5.02 -29.32 39.52
C ASN B 32 -6.18 -29.18 40.51
N ALA B 33 -6.22 -28.07 41.25
CA ALA B 33 -7.28 -27.85 42.21
C ALA B 33 -8.64 -27.86 41.51
N THR B 34 -9.65 -28.40 42.19
CA THR B 34 -10.99 -28.42 41.62
C THR B 34 -11.51 -27.00 41.41
N ARG B 35 -11.33 -26.14 42.40
CA ARG B 35 -11.80 -24.77 42.36
C ARG B 35 -10.67 -23.81 42.70
N PHE B 36 -10.49 -22.79 41.84
CA PHE B 36 -9.55 -21.71 42.08
C PHE B 36 -10.26 -20.53 42.73
N ALA B 37 -9.52 -19.77 43.53
CA ALA B 37 -10.10 -18.65 44.25
C ALA B 37 -10.30 -17.46 43.33
N SER B 38 -11.14 -16.52 43.79
CA SER B 38 -11.31 -15.25 43.09
C SER B 38 -10.05 -14.41 43.24
N VAL B 39 -9.85 -13.48 42.31
CA VAL B 39 -8.59 -12.75 42.31
C VAL B 39 -8.50 -11.78 43.48
N TYR B 40 -9.62 -11.21 43.92
CA TYR B 40 -9.57 -10.32 45.08
C TYR B 40 -9.17 -11.06 46.35
N ALA B 41 -9.49 -12.35 46.42
CA ALA B 41 -9.09 -13.20 47.53
C ALA B 41 -8.16 -14.30 47.02
N TRP B 42 -7.00 -13.91 46.48
CA TRP B 42 -6.06 -14.89 45.94
C TRP B 42 -5.58 -15.83 47.03
N ASN B 43 -5.41 -17.10 46.68
CA ASN B 43 -5.12 -18.15 47.66
C ASN B 43 -3.63 -18.45 47.65
N ARG B 44 -3.00 -18.34 48.81
CA ARG B 44 -1.57 -18.59 48.95
C ARG B 44 -1.33 -19.93 49.64
N LYS B 45 -0.43 -20.73 49.08
CA LYS B 45 -0.02 -22.00 49.65
C LYS B 45 1.46 -21.92 49.96
N ARG B 46 1.80 -22.25 51.21
CA ARG B 46 3.17 -22.28 51.68
C ARG B 46 3.74 -23.67 51.41
N ILE B 47 4.80 -23.71 50.61
CA ILE B 47 5.44 -24.96 50.19
C ILE B 47 6.82 -25.03 50.83
N SER B 48 7.07 -26.10 51.57
CA SER B 48 8.34 -26.27 52.27
C SER B 48 8.50 -27.75 52.63
N ASN B 49 9.74 -28.13 52.92
CA ASN B 49 10.10 -29.49 53.33
C ASN B 49 9.68 -30.52 52.28
N CYS B 50 10.11 -30.31 51.04
CA CYS B 50 9.73 -31.19 49.94
C CYS B 50 10.62 -30.92 48.75
N VAL B 51 10.67 -31.89 47.84
CA VAL B 51 11.43 -31.74 46.59
C VAL B 51 10.51 -31.20 45.52
N ALA B 52 10.92 -30.09 44.90
CA ALA B 52 10.13 -29.42 43.87
C ALA B 52 10.62 -29.84 42.50
N ASP B 53 9.72 -30.38 41.67
CA ASP B 53 10.07 -30.80 40.32
C ASP B 53 9.62 -29.73 39.33
N TYR B 54 10.58 -28.91 38.89
CA TYR B 54 10.36 -27.81 37.96
C TYR B 54 10.55 -28.20 36.51
N SER B 55 11.19 -29.35 36.23
CA SER B 55 11.46 -29.77 34.87
C SER B 55 10.22 -30.26 34.12
N VAL B 56 9.05 -30.25 34.75
CA VAL B 56 7.79 -30.46 34.04
C VAL B 56 7.46 -29.17 33.30
N LEU B 57 7.70 -29.14 31.98
CA LEU B 57 7.31 -27.98 31.18
C LEU B 57 5.80 -27.82 31.12
N TYR B 58 5.08 -28.86 30.69
CA TYR B 58 3.65 -28.79 30.42
C TYR B 58 2.94 -29.84 31.26
N ASN B 59 2.01 -29.40 32.13
CA ASN B 59 1.25 -30.35 32.94
C ASN B 59 -0.25 -30.39 32.67
N PHE B 60 -0.82 -29.46 31.90
CA PHE B 60 -2.26 -29.51 31.62
C PHE B 60 -2.60 -29.35 30.15
N ALA B 61 -1.95 -28.43 29.47
CA ALA B 61 -2.19 -28.03 28.09
C ALA B 61 -0.85 -27.48 27.63
N PRO B 62 -0.67 -27.08 26.38
CA PRO B 62 0.59 -26.43 26.00
C PRO B 62 0.87 -25.27 26.95
N PHE B 63 2.15 -24.94 27.08
CA PHE B 63 2.55 -23.76 27.83
C PHE B 63 1.72 -22.58 27.34
N PHE B 64 0.85 -22.04 28.20
CA PHE B 64 0.11 -20.85 27.79
C PHE B 64 0.90 -19.59 28.14
N ALA B 65 1.06 -19.31 29.43
CA ALA B 65 1.80 -18.15 29.90
C ALA B 65 2.82 -18.64 30.91
N PHE B 66 4.10 -18.43 30.60
CA PHE B 66 5.20 -18.94 31.41
C PHE B 66 6.31 -17.89 31.38
N LYS B 67 6.36 -17.05 32.41
CA LYS B 67 7.27 -15.91 32.47
C LYS B 67 7.97 -15.89 33.82
N CYS B 68 9.22 -16.35 33.84
CA CYS B 68 10.04 -16.29 35.05
C CYS B 68 10.87 -15.00 35.05
N TYR B 69 10.63 -14.14 36.03
CA TYR B 69 11.38 -12.90 36.20
C TYR B 69 12.46 -13.10 37.26
N GLY B 70 13.69 -12.73 36.90
CA GLY B 70 14.84 -12.85 37.77
C GLY B 70 15.40 -14.25 37.89
N VAL B 71 14.81 -15.23 37.20
CA VAL B 71 15.26 -16.61 37.25
C VAL B 71 14.95 -17.27 35.91
N SER B 72 15.67 -18.37 35.60
CA SER B 72 15.44 -19.13 34.38
C SER B 72 14.33 -20.16 34.58
N PRO B 73 13.65 -20.59 33.49
CA PRO B 73 12.58 -21.59 33.62
C PRO B 73 13.06 -22.99 34.00
N THR B 74 13.98 -23.53 33.21
CA THR B 74 14.52 -24.86 33.39
C THR B 74 16.03 -24.77 33.49
N LYS B 75 16.67 -25.92 33.70
CA LYS B 75 18.10 -26.01 33.98
C LYS B 75 18.47 -25.19 35.22
N LEU B 76 17.46 -24.90 36.07
CA LEU B 76 17.65 -24.07 37.24
C LEU B 76 16.80 -24.55 38.42
N ASN B 77 16.19 -25.73 38.32
CA ASN B 77 15.52 -26.30 39.48
C ASN B 77 16.49 -26.63 40.60
N ASP B 78 17.79 -26.54 40.33
CA ASP B 78 18.82 -26.90 41.30
C ASP B 78 18.94 -25.91 42.44
N LEU B 79 18.29 -24.75 42.33
CA LEU B 79 18.36 -23.75 43.37
C LEU B 79 17.50 -24.16 44.57
N CYS B 80 17.96 -23.78 45.76
CA CYS B 80 17.28 -24.10 47.00
C CYS B 80 16.79 -22.81 47.66
N PHE B 81 15.58 -22.86 48.22
CA PHE B 81 15.01 -21.73 48.92
C PHE B 81 14.38 -22.20 50.21
N THR B 82 14.28 -21.29 51.18
CA THR B 82 13.69 -21.64 52.47
C THR B 82 12.20 -21.94 52.36
N ASN B 83 11.50 -21.19 51.51
CA ASN B 83 10.07 -21.42 51.29
C ASN B 83 9.72 -21.08 49.85
N VAL B 84 8.67 -21.73 49.35
CA VAL B 84 8.08 -21.41 48.07
C VAL B 84 6.65 -20.98 48.35
N TYR B 85 6.18 -19.99 47.62
CA TYR B 85 4.83 -19.47 47.80
C TYR B 85 4.11 -19.60 46.47
N ALA B 86 2.99 -20.33 46.49
CA ALA B 86 2.17 -20.55 45.30
C ALA B 86 0.86 -19.78 45.48
N ASP B 87 0.72 -18.68 44.73
CA ASP B 87 -0.46 -17.82 44.82
C ASP B 87 -1.32 -18.06 43.58
N SER B 88 -2.55 -18.54 43.80
CA SER B 88 -3.44 -18.96 42.74
C SER B 88 -4.69 -18.08 42.72
N PHE B 89 -5.17 -17.78 41.51
CA PHE B 89 -6.42 -17.03 41.32
C PHE B 89 -6.88 -17.18 39.86
N VAL B 90 -7.95 -16.48 39.50
CA VAL B 90 -8.53 -16.55 38.15
C VAL B 90 -8.89 -15.14 37.69
N ILE B 91 -8.47 -14.80 36.47
CA ILE B 91 -8.74 -13.50 35.88
C ILE B 91 -9.12 -13.71 34.41
N ARG B 92 -9.59 -12.65 33.77
CA ARG B 92 -9.83 -12.75 32.33
C ARG B 92 -8.53 -12.49 31.57
N GLY B 93 -8.47 -13.02 30.34
CA GLY B 93 -7.24 -13.03 29.58
C GLY B 93 -6.60 -11.66 29.42
N ASN B 94 -7.41 -10.64 29.14
CA ASN B 94 -6.87 -9.30 28.98
C ASN B 94 -6.05 -8.87 30.18
N GLU B 95 -6.37 -9.39 31.37
CA GLU B 95 -5.70 -9.00 32.61
C GLU B 95 -4.49 -9.86 32.94
N VAL B 96 -4.23 -10.93 32.18
CA VAL B 96 -3.06 -11.76 32.43
C VAL B 96 -1.78 -10.96 32.23
N SER B 97 -1.83 -9.89 31.43
CA SER B 97 -0.67 -9.02 31.27
C SER B 97 -0.36 -8.22 32.53
N GLN B 98 -1.33 -8.04 33.43
CA GLN B 98 -1.12 -7.27 34.64
C GLN B 98 -0.41 -8.05 35.75
N ILE B 99 -0.30 -9.37 35.61
CA ILE B 99 0.44 -10.16 36.59
C ILE B 99 1.92 -10.15 36.21
N ALA B 100 2.55 -9.00 36.41
CA ALA B 100 3.95 -8.82 36.05
C ALA B 100 4.50 -7.66 36.85
N PRO B 101 5.83 -7.58 37.00
CA PRO B 101 6.40 -6.44 37.74
C PRO B 101 6.12 -5.13 37.03
N GLY B 102 5.70 -4.14 37.80
CA GLY B 102 5.50 -2.79 37.28
C GLY B 102 4.30 -2.63 36.35
N GLN B 103 3.22 -3.36 36.59
CA GLN B 103 2.02 -3.25 35.78
C GLN B 103 0.97 -2.42 36.50
N THR B 104 0.03 -1.89 35.73
CA THR B 104 -1.05 -1.12 36.30
C THR B 104 -2.37 -1.51 35.64
N GLY B 105 -3.45 -1.27 36.35
CA GLY B 105 -4.76 -1.73 35.93
C GLY B 105 -5.59 -2.09 37.15
N ASN B 106 -6.80 -2.60 36.87
CA ASN B 106 -7.71 -2.98 37.96
C ASN B 106 -7.09 -4.05 38.84
N ILE B 107 -6.61 -5.14 38.23
CA ILE B 107 -6.05 -6.23 39.02
C ILE B 107 -4.75 -5.80 39.69
N ALA B 108 -3.84 -5.19 38.93
CA ALA B 108 -2.53 -4.84 39.47
C ALA B 108 -2.62 -3.81 40.60
N ASP B 109 -3.61 -2.93 40.56
CA ASP B 109 -3.76 -1.90 41.58
C ASP B 109 -4.58 -2.38 42.77
N TYR B 110 -5.75 -2.96 42.52
CA TYR B 110 -6.72 -3.23 43.58
C TYR B 110 -6.90 -4.72 43.90
N ASN B 111 -6.20 -5.62 43.21
CA ASN B 111 -6.45 -7.04 43.42
C ASN B 111 -5.17 -7.83 43.71
N TYR B 112 -4.14 -7.69 42.88
CA TYR B 112 -2.91 -8.45 43.05
C TYR B 112 -1.74 -7.63 42.53
N LYS B 113 -0.75 -7.37 43.37
CA LYS B 113 0.39 -6.55 43.00
C LYS B 113 1.68 -7.32 43.21
N LEU B 114 2.58 -7.26 42.21
CA LEU B 114 3.91 -7.83 42.27
C LEU B 114 4.95 -6.72 42.39
N PRO B 115 6.01 -6.92 43.16
CA PRO B 115 7.02 -5.87 43.30
C PRO B 115 7.81 -5.69 42.01
N ASP B 116 8.45 -4.52 41.89
CA ASP B 116 9.26 -4.25 40.71
C ASP B 116 10.44 -5.21 40.61
N ASP B 117 11.03 -5.56 41.74
CA ASP B 117 12.14 -6.52 41.78
C ASP B 117 11.64 -7.94 42.03
N PHE B 118 10.63 -8.36 41.28
CA PHE B 118 10.04 -9.68 41.46
C PHE B 118 10.99 -10.75 40.94
N THR B 119 11.39 -11.66 41.83
CA THR B 119 12.26 -12.78 41.51
C THR B 119 11.43 -14.05 41.71
N GLY B 120 10.63 -14.36 40.71
CA GLY B 120 9.73 -15.50 40.78
C GLY B 120 9.26 -15.86 39.39
N CYS B 121 8.09 -16.49 39.31
CA CYS B 121 7.57 -16.93 38.03
C CYS B 121 6.05 -16.76 37.99
N VAL B 122 5.53 -16.59 36.78
CA VAL B 122 4.09 -16.46 36.54
C VAL B 122 3.70 -17.53 35.53
N ILE B 123 2.75 -18.39 35.91
CA ILE B 123 2.27 -19.48 35.07
C ILE B 123 0.75 -19.37 34.98
N ALA B 124 0.25 -18.97 33.81
CA ALA B 124 -1.17 -18.82 33.57
C ALA B 124 -1.61 -19.70 32.41
N TRP B 125 -2.87 -20.17 32.46
CA TRP B 125 -3.38 -21.03 31.39
C TRP B 125 -4.89 -20.85 31.28
N ASN B 126 -5.42 -21.33 30.15
CA ASN B 126 -6.84 -21.20 29.85
C ASN B 126 -7.68 -22.24 30.56
N SER B 127 -8.87 -21.82 31.00
CA SER B 127 -9.80 -22.71 31.68
C SER B 127 -11.22 -22.43 31.23
N ASN B 128 -11.42 -22.27 29.91
CA ASN B 128 -12.78 -22.04 29.42
C ASN B 128 -13.63 -23.29 29.54
N LYS B 129 -13.01 -24.47 29.50
CA LYS B 129 -13.75 -25.70 29.71
C LYS B 129 -14.04 -25.94 31.18
N LEU B 130 -13.34 -25.26 32.07
CA LEU B 130 -13.44 -25.48 33.50
C LEU B 130 -14.31 -24.46 34.22
N ASP B 131 -14.16 -23.18 33.91
CA ASP B 131 -14.78 -22.11 34.68
C ASP B 131 -15.75 -21.28 33.84
N SER B 132 -16.34 -21.88 32.82
CA SER B 132 -17.32 -21.18 31.98
C SER B 132 -18.63 -21.96 32.06
N LYS B 133 -19.57 -21.44 32.83
CA LYS B 133 -20.91 -22.00 32.90
C LYS B 133 -21.75 -21.38 31.81
N VAL B 134 -22.60 -22.19 31.17
CA VAL B 134 -23.40 -21.72 30.05
C VAL B 134 -24.26 -20.54 30.46
N GLY B 135 -24.81 -20.59 31.67
CA GLY B 135 -25.61 -19.49 32.18
C GLY B 135 -24.81 -18.45 32.91
N GLY B 136 -23.51 -18.38 32.64
CA GLY B 136 -22.66 -17.41 33.29
C GLY B 136 -22.19 -17.86 34.66
N ASN B 137 -20.87 -17.84 34.87
CA ASN B 137 -20.26 -18.26 36.14
C ASN B 137 -19.91 -17.00 36.94
N TYR B 138 -20.86 -16.55 37.77
CA TYR B 138 -20.68 -15.36 38.59
C TYR B 138 -20.06 -15.67 39.94
N ASN B 139 -19.45 -16.85 40.10
CA ASN B 139 -18.80 -17.21 41.35
C ASN B 139 -17.41 -16.60 41.50
N TYR B 140 -16.82 -16.15 40.39
CA TYR B 140 -15.54 -15.46 40.44
C TYR B 140 -15.78 -13.96 40.54
N ARG B 141 -15.19 -13.33 41.55
CA ARG B 141 -15.35 -11.91 41.78
C ARG B 141 -14.01 -11.21 41.58
N TYR B 142 -14.07 -9.89 41.44
CA TYR B 142 -12.88 -9.08 41.36
C TYR B 142 -13.18 -7.72 41.97
N ARG B 143 -12.14 -7.09 42.52
CA ARG B 143 -12.26 -5.78 43.15
C ARG B 143 -12.11 -4.68 42.11
N LEU B 144 -13.14 -3.85 41.95
CA LEU B 144 -13.16 -2.74 41.02
C LEU B 144 -12.80 -1.42 41.70
N PHE B 145 -13.29 -1.19 42.92
CA PHE B 145 -13.10 0.05 43.64
C PHE B 145 -12.27 -0.19 44.90
N ARG B 146 -11.38 0.76 45.19
CA ARG B 146 -10.52 0.74 46.37
C ARG B 146 -9.87 2.12 46.50
N LYS B 147 -9.61 2.52 47.75
CA LYS B 147 -9.15 3.87 48.04
C LYS B 147 -7.64 4.03 47.84
N SER B 148 -6.90 2.94 47.64
CA SER B 148 -5.46 2.98 47.46
C SER B 148 -5.03 1.72 46.75
N ASN B 149 -3.99 1.83 45.93
CA ASN B 149 -3.45 0.66 45.25
C ASN B 149 -2.82 -0.31 46.25
N LEU B 150 -2.96 -1.61 45.97
CA LEU B 150 -2.44 -2.63 46.86
C LEU B 150 -0.93 -2.65 46.86
N LYS B 151 -0.35 -2.76 48.06
CA LYS B 151 1.07 -3.02 48.17
C LYS B 151 1.40 -4.38 47.56
N PRO B 152 2.62 -4.57 47.07
CA PRO B 152 2.98 -5.88 46.49
C PRO B 152 2.71 -7.02 47.45
N PHE B 153 1.99 -8.03 46.94
CA PHE B 153 1.58 -9.24 47.66
C PHE B 153 0.60 -8.93 48.79
N GLU B 154 -0.03 -7.76 48.77
CA GLU B 154 -1.09 -7.45 49.72
C GLU B 154 -2.39 -8.12 49.29
N ARG B 155 -3.18 -8.54 50.28
CA ARG B 155 -4.49 -9.11 50.04
C ARG B 155 -5.51 -8.28 50.82
N ASP B 156 -6.64 -7.97 50.18
CA ASP B 156 -7.70 -7.19 50.81
C ASP B 156 -9.01 -7.89 50.48
N ILE B 157 -9.79 -8.22 51.51
CA ILE B 157 -11.12 -8.79 51.34
C ILE B 157 -12.08 -8.02 52.25
N SER B 158 -12.64 -6.93 51.72
CA SER B 158 -13.56 -6.08 52.49
C SER B 158 -14.85 -5.90 51.69
N THR B 159 -15.94 -6.46 52.18
CA THR B 159 -17.25 -6.27 51.57
C THR B 159 -17.94 -5.01 52.11
N GLU B 160 -17.19 -3.91 52.07
CA GLU B 160 -17.59 -2.62 52.61
C GLU B 160 -17.86 -1.65 51.47
N ILE B 161 -18.99 -0.94 51.56
CA ILE B 161 -19.43 -0.05 50.49
C ILE B 161 -18.41 1.05 50.23
N TYR B 162 -17.98 1.16 48.98
CA TYR B 162 -17.06 2.22 48.57
C TYR B 162 -17.80 3.56 48.50
N GLN B 163 -17.18 4.60 49.05
CA GLN B 163 -17.77 5.94 49.09
C GLN B 163 -17.15 6.80 47.99
N ALA B 164 -17.82 6.84 46.83
CA ALA B 164 -17.37 7.69 45.74
C ALA B 164 -17.79 9.14 45.95
N GLY B 165 -18.96 9.35 46.55
CA GLY B 165 -19.46 10.69 46.83
C GLY B 165 -18.97 11.23 48.16
N ASN B 166 -19.43 12.44 48.48
CA ASN B 166 -19.04 13.11 49.71
C ASN B 166 -19.96 12.81 50.88
N LYS B 167 -21.15 12.25 50.63
CA LYS B 167 -22.02 11.81 51.70
C LYS B 167 -21.59 10.44 52.23
N PRO B 168 -21.90 10.14 53.48
CA PRO B 168 -21.51 8.84 54.04
C PRO B 168 -22.44 7.73 53.57
N CYS B 169 -21.84 6.58 53.27
CA CYS B 169 -22.61 5.44 52.77
C CYS B 169 -23.31 4.67 53.89
N ASN B 170 -22.79 4.73 55.13
CA ASN B 170 -23.39 4.09 56.29
C ASN B 170 -23.59 2.59 56.07
N GLY B 171 -22.69 1.98 55.30
CA GLY B 171 -22.77 0.55 55.03
C GLY B 171 -23.95 0.13 54.19
N VAL B 172 -24.50 1.03 53.38
CA VAL B 172 -25.61 0.72 52.48
C VAL B 172 -25.23 1.18 51.07
N ALA B 173 -25.54 0.37 50.07
CA ALA B 173 -25.26 0.72 48.69
C ALA B 173 -26.37 1.60 48.11
N GLY B 174 -25.99 2.65 47.39
CA GLY B 174 -26.97 3.54 46.81
C GLY B 174 -26.41 4.65 45.94
N VAL B 175 -26.93 5.86 46.13
CA VAL B 175 -26.47 7.01 45.34
C VAL B 175 -25.00 7.27 45.66
N ASN B 176 -24.14 7.13 44.64
CA ASN B 176 -22.69 7.28 44.78
C ASN B 176 -22.09 6.33 45.83
N CYS B 177 -22.77 5.23 46.12
CA CYS B 177 -22.33 4.23 47.10
C CYS B 177 -22.46 2.84 46.46
N TYR B 178 -21.33 2.30 46.03
CA TYR B 178 -21.31 1.07 45.24
C TYR B 178 -20.60 -0.04 46.00
N PHE B 179 -21.08 -1.27 45.78
CA PHE B 179 -20.41 -2.44 46.34
C PHE B 179 -19.09 -2.65 45.60
N PRO B 180 -17.99 -2.89 46.31
CA PRO B 180 -16.67 -2.86 45.64
C PRO B 180 -16.40 -4.05 44.75
N LEU B 181 -17.15 -5.14 44.87
CA LEU B 181 -16.87 -6.36 44.11
C LEU B 181 -17.80 -6.49 42.91
N GLN B 182 -17.26 -7.09 41.84
CA GLN B 182 -18.02 -7.32 40.62
C GLN B 182 -17.76 -8.75 40.14
N SER B 183 -18.79 -9.39 39.60
CA SER B 183 -18.68 -10.76 39.11
C SER B 183 -18.18 -10.77 37.68
N TYR B 184 -17.34 -11.76 37.36
CA TYR B 184 -16.86 -11.92 35.99
C TYR B 184 -17.93 -12.46 35.06
N GLY B 185 -18.80 -13.33 35.57
CA GLY B 185 -19.85 -13.94 34.76
C GLY B 185 -19.34 -14.63 33.52
N PHE B 186 -18.30 -15.44 33.67
CA PHE B 186 -17.69 -16.13 32.53
C PHE B 186 -18.70 -16.99 31.80
N ARG B 187 -18.62 -16.97 30.47
CA ARG B 187 -19.51 -17.74 29.61
C ARG B 187 -18.68 -18.50 28.57
N PRO B 188 -19.14 -19.68 28.17
CA PRO B 188 -18.32 -20.50 27.26
C PRO B 188 -18.10 -19.89 25.89
N THR B 189 -19.00 -19.02 25.44
CA THR B 189 -18.92 -18.39 24.13
C THR B 189 -18.15 -17.06 24.11
N TYR B 190 -17.73 -16.56 25.28
CA TYR B 190 -17.01 -15.30 25.34
C TYR B 190 -15.77 -15.33 24.45
N GLY B 191 -15.28 -14.15 24.12
CA GLY B 191 -14.00 -14.06 23.45
C GLY B 191 -12.85 -14.45 24.35
N VAL B 192 -11.70 -14.70 23.71
CA VAL B 192 -10.51 -15.15 24.42
C VAL B 192 -10.06 -14.12 25.45
N GLY B 193 -10.27 -12.83 25.16
CA GLY B 193 -9.93 -11.79 26.12
C GLY B 193 -10.81 -11.77 27.36
N HIS B 194 -12.02 -12.33 27.28
CA HIS B 194 -12.96 -12.36 28.39
C HIS B 194 -13.24 -13.78 28.89
N GLN B 195 -12.30 -14.71 28.69
CA GLN B 195 -12.45 -16.09 29.13
C GLN B 195 -11.73 -16.34 30.44
N PRO B 196 -12.16 -17.35 31.21
CA PRO B 196 -11.52 -17.60 32.51
C PRO B 196 -10.11 -18.15 32.34
N TYR B 197 -9.16 -17.55 33.07
CA TYR B 197 -7.76 -17.93 33.00
C TYR B 197 -7.26 -18.16 34.42
N ARG B 198 -6.77 -19.37 34.67
CA ARG B 198 -6.16 -19.71 35.95
C ARG B 198 -4.72 -19.22 35.97
N VAL B 199 -4.33 -18.58 37.07
CA VAL B 199 -2.99 -18.01 37.25
C VAL B 199 -2.38 -18.54 38.54
N VAL B 200 -1.09 -18.87 38.50
CA VAL B 200 -0.31 -19.29 39.65
C VAL B 200 1.03 -18.57 39.63
N VAL B 201 1.33 -17.85 40.71
CA VAL B 201 2.56 -17.10 40.87
C VAL B 201 3.43 -17.83 41.88
N LEU B 202 4.68 -18.04 41.53
CA LEU B 202 5.64 -18.74 42.39
C LEU B 202 6.68 -17.75 42.89
N SER B 203 6.78 -17.61 44.20
CA SER B 203 7.76 -16.77 44.85
C SER B 203 8.73 -17.65 45.64
N PHE B 204 9.99 -17.21 45.70
CA PHE B 204 11.05 -17.98 46.31
C PHE B 204 11.69 -17.15 47.43
N GLU B 205 11.67 -17.68 48.65
CA GLU B 205 12.10 -16.92 49.82
C GLU B 205 13.51 -17.34 50.25
N LEU B 206 14.33 -16.35 50.57
CA LEU B 206 15.69 -16.57 51.06
C LEU B 206 15.76 -16.05 52.49
N LEU B 207 15.90 -16.96 53.45
CA LEU B 207 15.96 -16.62 54.86
C LEU B 207 17.24 -17.16 55.47
N HIS B 208 17.52 -16.72 56.70
CA HIS B 208 18.67 -17.21 57.43
C HIS B 208 18.58 -18.70 57.73
N ALA B 209 17.37 -19.26 57.76
CA ALA B 209 17.18 -20.68 58.04
C ALA B 209 17.71 -21.54 56.89
N PRO B 210 18.07 -22.80 57.18
CA PRO B 210 18.51 -23.69 56.10
C PRO B 210 17.38 -23.93 55.09
N ALA B 211 17.78 -24.11 53.83
CA ALA B 211 16.81 -24.28 52.76
C ALA B 211 15.97 -25.54 52.96
N THR B 212 14.69 -25.46 52.59
CA THR B 212 13.77 -26.57 52.74
C THR B 212 13.15 -27.06 51.43
N VAL B 213 13.38 -26.37 50.32
CA VAL B 213 12.85 -26.78 49.02
C VAL B 213 14.00 -26.84 48.02
N CYS B 214 14.23 -28.01 47.44
CA CYS B 214 15.32 -28.21 46.50
C CYS B 214 14.88 -29.18 45.41
N GLY B 215 15.61 -29.17 44.30
CA GLY B 215 15.46 -30.17 43.29
C GLY B 215 16.80 -30.62 42.73
N PRO B 216 17.22 -31.85 43.06
CA PRO B 216 18.50 -32.38 42.57
C PRO B 216 18.34 -33.28 41.35
N SER C 1 13.56 36.77 -26.01
CA SER C 1 13.46 35.50 -25.28
C SER C 1 14.24 35.54 -23.97
N THR C 2 13.79 34.73 -23.00
CA THR C 2 14.46 34.64 -21.72
C THR C 2 15.68 33.72 -21.81
N ILE C 3 16.60 33.92 -20.87
CA ILE C 3 17.79 33.07 -20.76
C ILE C 3 17.39 31.63 -20.48
N GLU C 4 16.36 31.42 -19.66
CA GLU C 4 15.91 30.06 -19.37
C GLU C 4 15.41 29.36 -20.62
N GLU C 5 14.68 30.07 -21.48
CA GLU C 5 14.18 29.46 -22.71
C GLU C 5 15.33 29.15 -23.68
N GLN C 6 16.28 30.08 -23.78
CA GLN C 6 17.48 29.84 -24.58
C GLN C 6 18.23 28.61 -24.08
N ALA C 7 18.36 28.47 -22.75
CA ALA C 7 19.02 27.31 -22.18
C ALA C 7 18.24 26.03 -22.45
N LYS C 8 16.90 26.10 -22.43
CA LYS C 8 16.09 24.93 -22.73
C LYS C 8 16.31 24.47 -24.18
N THR C 9 16.31 25.42 -25.12
CA THR C 9 16.55 25.05 -26.51
C THR C 9 17.96 24.52 -26.73
N PHE C 10 18.95 25.13 -26.06
CA PHE C 10 20.32 24.61 -26.11
C PHE C 10 20.38 23.18 -25.60
N LEU C 11 19.64 22.90 -24.53
CA LEU C 11 19.64 21.57 -23.94
C LEU C 11 18.93 20.57 -24.83
N ASP C 12 17.87 20.97 -25.54
CA ASP C 12 17.26 20.07 -26.51
C ASP C 12 18.27 19.66 -27.58
N LYS C 13 18.94 20.64 -28.20
CA LYS C 13 19.96 20.33 -29.19
C LYS C 13 21.06 19.45 -28.61
N PHE C 14 21.48 19.76 -27.38
CA PHE C 14 22.53 19.03 -26.71
C PHE C 14 22.13 17.58 -26.45
N ASN C 15 20.92 17.38 -25.92
CA ASN C 15 20.46 16.03 -25.62
C ASN C 15 20.48 15.16 -26.86
N HIS C 16 19.96 15.68 -27.97
CA HIS C 16 19.91 14.80 -29.15
C HIS C 16 21.30 14.54 -29.76
N GLU C 17 22.20 15.52 -29.68
CA GLU C 17 23.54 15.26 -30.20
C GLU C 17 24.29 14.31 -29.29
N ALA C 18 24.03 14.39 -27.99
CA ALA C 18 24.85 13.64 -27.07
C ALA C 18 24.29 12.24 -27.00
N GLU C 19 22.98 12.09 -27.20
CA GLU C 19 22.39 10.77 -27.25
C GLU C 19 23.13 9.97 -28.30
N ASP C 20 23.30 10.58 -29.49
CA ASP C 20 23.90 9.79 -30.57
C ASP C 20 25.39 9.55 -30.32
N LEU C 21 26.13 10.57 -29.85
CA LEU C 21 27.56 10.38 -29.60
C LEU C 21 27.84 9.39 -28.46
N PHE C 22 27.07 9.46 -27.37
CA PHE C 22 27.22 8.51 -26.27
C PHE C 22 26.88 7.11 -26.74
N TYR C 23 25.90 6.97 -27.62
CA TYR C 23 25.60 5.64 -28.13
C TYR C 23 26.77 5.10 -28.94
N GLN C 24 27.41 5.95 -29.74
CA GLN C 24 28.56 5.48 -30.51
C GLN C 24 29.71 5.04 -29.59
N SER C 25 30.01 5.85 -28.57
CA SER C 25 31.04 5.48 -27.60
C SER C 25 30.71 4.19 -26.85
N SER C 26 29.44 4.01 -26.46
CA SER C 26 29.04 2.81 -25.75
C SER C 26 29.16 1.58 -26.64
N LEU C 27 28.75 1.68 -27.90
CA LEU C 27 28.89 0.55 -28.81
C LEU C 27 30.36 0.17 -28.96
N ALA C 28 31.25 1.17 -29.10
CA ALA C 28 32.67 0.88 -29.26
C ALA C 28 33.24 0.20 -28.01
N SER C 29 32.92 0.73 -26.84
CA SER C 29 33.44 0.15 -25.61
C SER C 29 32.86 -1.25 -25.37
N TRP C 30 31.63 -1.49 -25.83
CA TRP C 30 31.05 -2.84 -25.76
C TRP C 30 31.78 -3.79 -26.69
N ASN C 31 32.05 -3.35 -27.92
CA ASN C 31 32.81 -4.18 -28.85
C ASN C 31 34.19 -4.50 -28.29
N TYR C 32 34.77 -3.61 -27.49
CA TYR C 32 36.02 -3.95 -26.81
C TYR C 32 35.80 -4.97 -25.71
N ASN C 33 34.89 -4.69 -24.77
CA ASN C 33 34.74 -5.52 -23.58
C ASN C 33 34.19 -6.91 -23.90
N THR C 34 33.58 -7.10 -25.06
CA THR C 34 33.08 -8.42 -25.47
C THR C 34 33.97 -9.07 -26.50
N ASN C 35 35.06 -8.43 -26.91
CA ASN C 35 35.91 -8.93 -27.97
C ASN C 35 37.25 -8.21 -28.03
N ILE C 36 38.15 -8.55 -27.10
CA ILE C 36 39.41 -7.83 -26.91
C ILE C 36 40.37 -8.06 -28.06
N THR C 37 40.43 -7.10 -28.99
CA THR C 37 41.41 -7.09 -30.06
C THR C 37 41.99 -5.68 -30.15
N GLU C 38 43.05 -5.52 -30.95
CA GLU C 38 43.68 -4.21 -31.06
C GLU C 38 42.83 -3.23 -31.86
N GLU C 39 42.21 -3.72 -32.94
CA GLU C 39 41.26 -2.90 -33.70
C GLU C 39 40.16 -2.39 -32.78
N ASN C 40 39.68 -3.24 -31.88
CA ASN C 40 38.59 -2.86 -30.99
C ASN C 40 39.06 -1.81 -29.98
N VAL C 41 40.30 -1.93 -29.49
CA VAL C 41 40.80 -0.95 -28.53
C VAL C 41 40.97 0.40 -29.21
N GLN C 42 41.39 0.39 -30.47
CA GLN C 42 41.53 1.66 -31.19
C GLN C 42 40.17 2.29 -31.45
N ASN C 43 39.17 1.48 -31.81
CA ASN C 43 37.83 2.01 -32.02
C ASN C 43 37.22 2.55 -30.72
N MET C 44 37.41 1.83 -29.62
CA MET C 44 36.91 2.30 -28.32
C MET C 44 37.54 3.63 -27.94
N ASN C 45 38.87 3.74 -28.09
CA ASN C 45 39.54 4.98 -27.71
C ASN C 45 39.15 6.13 -28.63
N ASN C 46 38.97 5.86 -29.93
CA ASN C 46 38.51 6.89 -30.85
C ASN C 46 37.14 7.43 -30.44
N ALA C 47 36.17 6.53 -30.20
CA ALA C 47 34.83 6.97 -29.82
C ALA C 47 34.85 7.71 -28.49
N GLY C 48 35.67 7.25 -27.54
CA GLY C 48 35.73 7.95 -26.26
C GLY C 48 36.34 9.33 -26.37
N ASP C 49 37.37 9.49 -27.22
CA ASP C 49 37.95 10.82 -27.42
C ASP C 49 36.98 11.76 -28.13
N LYS C 50 36.24 11.26 -29.13
CA LYS C 50 35.23 12.09 -29.78
C LYS C 50 34.19 12.56 -28.75
N TRP C 51 33.73 11.64 -27.89
CA TRP C 51 32.75 11.98 -26.88
C TRP C 51 33.29 13.02 -25.90
N SER C 52 34.55 12.87 -25.47
CA SER C 52 35.12 13.83 -24.53
C SER C 52 35.29 15.22 -25.16
N ALA C 53 35.70 15.27 -26.43
CA ALA C 53 35.83 16.55 -27.11
C ALA C 53 34.47 17.25 -27.27
N PHE C 54 33.45 16.49 -27.67
CA PHE C 54 32.09 17.03 -27.74
C PHE C 54 31.64 17.56 -26.39
N LEU C 55 31.96 16.83 -25.31
CA LEU C 55 31.55 17.25 -23.97
C LEU C 55 32.23 18.55 -23.57
N LYS C 56 33.51 18.71 -23.90
CA LYS C 56 34.20 19.95 -23.52
C LYS C 56 33.68 21.14 -24.33
N GLU C 57 33.40 20.92 -25.62
CA GLU C 57 32.76 21.97 -26.42
C GLU C 57 31.42 22.38 -25.81
N GLN C 58 30.59 21.39 -25.46
CA GLN C 58 29.28 21.70 -24.88
C GLN C 58 29.41 22.35 -23.51
N SER C 59 30.48 22.03 -22.77
CA SER C 59 30.71 22.69 -21.49
C SER C 59 31.01 24.17 -21.71
N THR C 60 31.94 24.48 -22.62
CA THR C 60 32.22 25.88 -22.90
C THR C 60 31.01 26.64 -23.43
N LEU C 61 30.11 25.94 -24.14
CA LEU C 61 28.88 26.58 -24.63
C LEU C 61 27.90 26.83 -23.48
N ALA C 62 27.66 25.81 -22.66
CA ALA C 62 26.73 25.87 -21.55
C ALA C 62 27.19 26.84 -20.48
N GLN C 63 28.48 27.16 -20.42
CA GLN C 63 28.99 28.15 -19.48
C GLN C 63 28.43 29.54 -19.73
N MET C 64 27.77 29.77 -20.85
CA MET C 64 27.18 31.07 -21.15
C MET C 64 25.82 31.29 -20.51
N TYR C 65 25.23 30.31 -19.82
CA TYR C 65 23.95 30.53 -19.18
C TYR C 65 24.06 30.75 -17.68
N PRO C 66 23.75 31.94 -17.16
CA PRO C 66 23.93 32.22 -15.73
C PRO C 66 23.03 31.37 -14.85
N LEU C 67 23.56 30.37 -14.14
CA LEU C 67 22.73 29.48 -13.34
C LEU C 67 21.76 30.26 -12.46
N GLN C 68 22.23 31.33 -11.82
CA GLN C 68 21.42 32.08 -10.87
C GLN C 68 20.10 32.58 -11.47
N GLU C 69 20.04 32.75 -12.78
CA GLU C 69 18.86 33.32 -13.44
C GLU C 69 17.86 32.26 -13.89
N ILE C 70 18.08 31.01 -13.54
CA ILE C 70 17.21 29.90 -13.93
C ILE C 70 16.23 29.68 -12.79
N GLN C 71 14.94 29.61 -13.12
CA GLN C 71 13.91 29.41 -12.11
C GLN C 71 13.34 28.00 -12.16
N ASN C 72 13.84 27.17 -13.07
CA ASN C 72 13.37 25.80 -13.25
C ASN C 72 14.43 24.85 -12.68
N LEU C 73 14.01 24.05 -11.70
CA LEU C 73 14.98 23.23 -10.96
C LEU C 73 15.61 22.19 -11.87
N THR C 74 14.81 21.60 -12.78
CA THR C 74 15.30 20.54 -13.67
C THR C 74 16.32 21.11 -14.65
N VAL C 75 16.00 22.23 -15.27
CA VAL C 75 16.94 22.87 -16.17
C VAL C 75 18.16 23.36 -15.41
N LYS C 76 17.98 23.75 -14.14
CA LYS C 76 19.12 24.14 -13.34
C LYS C 76 20.07 22.98 -13.12
N LEU C 77 19.53 21.80 -12.81
CA LEU C 77 20.37 20.61 -12.65
C LEU C 77 21.10 20.28 -13.94
N GLN C 78 20.39 20.28 -15.07
CA GLN C 78 21.07 19.95 -16.33
C GLN C 78 22.17 20.96 -16.65
N LEU C 79 21.89 22.25 -16.46
CA LEU C 79 22.90 23.27 -16.73
C LEU C 79 24.12 23.10 -15.83
N GLN C 80 23.89 22.85 -14.54
CA GLN C 80 24.97 22.62 -13.60
C GLN C 80 25.78 21.39 -14.00
N ALA C 81 25.05 20.33 -14.37
CA ALA C 81 25.62 19.07 -14.84
C ALA C 81 26.58 19.25 -16.02
N LEU C 82 26.26 20.15 -16.94
CA LEU C 82 27.15 20.36 -18.08
C LEU C 82 28.48 21.03 -17.73
N GLN C 83 28.66 21.46 -16.48
CA GLN C 83 29.84 22.20 -16.02
C GLN C 83 30.98 21.20 -15.77
N GLN C 84 31.54 20.69 -16.88
CA GLN C 84 32.71 19.81 -16.89
C GLN C 84 34.06 20.53 -17.02
N ASN C 85 34.21 21.74 -16.51
CA ASN C 85 35.51 22.38 -16.64
C ASN C 85 36.59 21.67 -15.82
N GLY C 86 36.19 20.96 -14.75
CA GLY C 86 37.13 20.19 -13.92
C GLY C 86 38.15 19.30 -14.60
N SER C 87 37.76 18.56 -15.63
CA SER C 87 38.74 17.69 -16.30
C SER C 87 39.75 18.48 -17.11
N SER C 88 39.41 19.73 -17.41
CA SER C 88 40.09 20.67 -18.29
C SER C 88 40.68 21.87 -17.56
N VAL C 89 40.26 22.12 -16.32
CA VAL C 89 40.64 23.30 -15.55
C VAL C 89 42.10 23.23 -15.11
N LEU C 90 42.76 22.14 -15.46
CA LEU C 90 44.19 22.00 -15.23
C LEU C 90 44.87 22.62 -16.43
N SER C 91 46.09 23.12 -16.24
CA SER C 91 46.86 23.53 -17.40
C SER C 91 47.10 22.34 -18.32
N GLU C 92 47.55 22.63 -19.54
CA GLU C 92 47.68 21.56 -20.53
C GLU C 92 48.70 20.53 -20.10
N ASP C 93 49.88 20.96 -19.68
CA ASP C 93 50.90 20.00 -19.28
C ASP C 93 50.44 19.21 -18.04
N LYS C 94 49.81 19.89 -17.08
CA LYS C 94 49.33 19.23 -15.87
C LYS C 94 48.18 18.27 -16.17
N SER C 95 47.28 18.64 -17.09
CA SER C 95 46.20 17.73 -17.47
C SER C 95 46.76 16.49 -18.17
N LYS C 96 47.72 16.68 -19.07
CA LYS C 96 48.37 15.56 -19.71
C LYS C 96 49.01 14.64 -18.68
N ARG C 97 49.71 15.22 -17.69
CA ARG C 97 50.36 14.40 -16.67
C ARG C 97 49.33 13.65 -15.83
N LEU C 98 48.20 14.30 -15.52
CA LEU C 98 47.17 13.63 -14.73
C LEU C 98 46.56 12.46 -15.47
N ASN C 99 46.20 12.65 -16.74
CA ASN C 99 45.69 11.53 -17.54
C ASN C 99 46.73 10.43 -17.70
N THR C 100 48.00 10.82 -17.86
CA THR C 100 49.08 9.85 -17.99
C THR C 100 49.17 8.98 -16.74
N ILE C 101 49.18 9.62 -15.57
CA ILE C 101 49.34 8.87 -14.33
C ILE C 101 48.09 8.04 -14.03
N LEU C 102 46.91 8.55 -14.39
CA LEU C 102 45.69 7.76 -14.24
C LEU C 102 45.77 6.48 -15.05
N ASN C 103 46.11 6.61 -16.33
CA ASN C 103 46.23 5.44 -17.19
C ASN C 103 47.36 4.51 -16.72
N THR C 104 48.45 5.08 -16.20
CA THR C 104 49.57 4.26 -15.74
C THR C 104 49.17 3.43 -14.53
N MET C 105 48.49 4.05 -13.55
CA MET C 105 48.01 3.30 -12.40
C MET C 105 47.03 2.21 -12.82
N SER C 106 46.08 2.55 -13.70
CA SER C 106 45.13 1.54 -14.18
C SER C 106 45.88 0.37 -14.83
N THR C 107 46.91 0.68 -15.62
CA THR C 107 47.68 -0.33 -16.33
C THR C 107 48.44 -1.22 -15.35
N ILE C 108 49.14 -0.61 -14.39
CA ILE C 108 49.96 -1.40 -13.48
C ILE C 108 49.08 -2.26 -12.58
N TYR C 109 47.88 -1.78 -12.21
CA TYR C 109 46.97 -2.63 -11.45
C TYR C 109 46.46 -3.81 -12.28
N SER C 110 45.95 -3.54 -13.49
CA SER C 110 45.36 -4.60 -14.30
C SER C 110 46.39 -5.51 -14.96
N THR C 111 47.68 -5.16 -14.87
CA THR C 111 48.74 -5.93 -15.52
C THR C 111 49.81 -6.40 -14.56
N GLY C 112 49.78 -5.98 -13.29
CA GLY C 112 50.87 -6.33 -12.41
C GLY C 112 50.91 -7.83 -12.21
N LYS C 113 52.12 -8.38 -12.30
CA LYS C 113 52.37 -9.79 -12.06
C LYS C 113 53.40 -9.95 -10.96
N VAL C 114 53.21 -10.98 -10.13
CA VAL C 114 54.22 -11.36 -9.16
C VAL C 114 54.67 -12.76 -9.53
N CYS C 115 55.97 -13.02 -9.44
CA CYS C 115 56.54 -14.29 -9.84
C CYS C 115 57.03 -15.07 -8.63
N ASN C 116 56.90 -16.38 -8.71
CA ASN C 116 57.32 -17.29 -7.64
C ASN C 116 58.85 -17.32 -7.57
N PRO C 117 59.46 -16.99 -6.44
CA PRO C 117 60.92 -17.10 -6.34
C PRO C 117 61.31 -18.55 -6.54
N ASP C 118 62.56 -18.75 -6.98
CA ASP C 118 63.15 -20.07 -7.21
C ASP C 118 62.77 -20.51 -8.62
N ASN C 119 61.62 -20.08 -9.12
CA ASN C 119 61.14 -20.45 -10.45
C ASN C 119 60.57 -19.24 -11.18
N PRO C 120 61.42 -18.46 -11.85
CA PRO C 120 60.99 -17.18 -12.44
C PRO C 120 60.03 -17.31 -13.62
N GLN C 121 59.68 -18.51 -14.09
CA GLN C 121 58.68 -18.62 -15.14
C GLN C 121 57.25 -18.69 -14.63
N GLU C 122 57.02 -19.13 -13.39
CA GLU C 122 55.67 -19.09 -12.85
C GLU C 122 55.42 -17.67 -12.32
N CYS C 123 54.47 -16.98 -12.96
CA CYS C 123 54.01 -15.65 -12.57
C CYS C 123 52.49 -15.61 -12.57
N LEU C 124 51.92 -14.91 -11.60
CA LEU C 124 50.47 -14.81 -11.44
C LEU C 124 50.08 -13.33 -11.39
N LEU C 125 48.93 -13.02 -11.99
CA LEU C 125 48.29 -11.72 -11.82
C LEU C 125 47.26 -11.77 -10.70
N LEU C 126 46.66 -10.60 -10.43
CA LEU C 126 45.74 -10.49 -9.31
C LEU C 126 44.57 -11.44 -9.50
N GLU C 127 44.03 -11.47 -10.72
CA GLU C 127 42.93 -12.34 -11.10
C GLU C 127 43.43 -13.27 -12.20
N PRO C 128 43.33 -14.60 -12.05
CA PRO C 128 42.67 -15.23 -10.91
C PRO C 128 43.63 -15.78 -9.85
N GLY C 129 44.93 -15.70 -10.08
CA GLY C 129 45.89 -16.38 -9.22
C GLY C 129 45.92 -15.88 -7.80
N LEU C 130 46.32 -14.63 -7.60
CA LEU C 130 46.47 -14.10 -6.25
C LEU C 130 45.12 -14.09 -5.53
N ASN C 131 44.03 -13.84 -6.26
CA ASN C 131 42.72 -13.88 -5.65
C ASN C 131 42.36 -15.31 -5.25
N GLU C 132 42.72 -16.30 -6.07
CA GLU C 132 42.47 -17.68 -5.69
C GLU C 132 43.21 -18.05 -4.40
N ILE C 133 44.47 -17.62 -4.28
CA ILE C 133 45.20 -17.87 -3.03
C ILE C 133 44.51 -17.19 -1.86
N MET C 134 44.28 -15.88 -1.95
CA MET C 134 43.68 -15.15 -0.84
C MET C 134 42.28 -15.63 -0.50
N ALA C 135 41.59 -16.32 -1.42
CA ALA C 135 40.23 -16.80 -1.19
C ALA C 135 40.17 -18.22 -0.64
N ASN C 136 41.03 -19.11 -1.12
CA ASN C 136 40.89 -20.53 -0.80
C ASN C 136 42.02 -21.10 0.03
N SER C 137 43.19 -20.46 0.04
CA SER C 137 44.32 -21.01 0.77
C SER C 137 44.06 -20.94 2.26
N LEU C 138 44.41 -22.04 2.94
CA LEU C 138 44.39 -22.10 4.40
C LEU C 138 45.79 -22.08 4.98
N ASP C 139 46.80 -21.80 4.16
CA ASP C 139 48.20 -21.81 4.58
C ASP C 139 48.63 -20.38 4.89
N TYR C 140 49.07 -20.14 6.12
CA TYR C 140 49.44 -18.80 6.56
C TYR C 140 50.57 -18.26 5.69
N ASN C 141 51.59 -19.07 5.42
CA ASN C 141 52.74 -18.59 4.66
C ASN C 141 52.37 -18.29 3.20
N GLU C 142 51.52 -19.12 2.59
CA GLU C 142 51.10 -18.85 1.21
C GLU C 142 50.29 -17.56 1.13
N ARG C 143 49.34 -17.39 2.05
CA ARG C 143 48.53 -16.18 2.11
C ARG C 143 49.42 -14.96 2.34
N LEU C 144 50.41 -15.11 3.22
CA LEU C 144 51.33 -14.01 3.50
C LEU C 144 52.16 -13.67 2.27
N TRP C 145 52.60 -14.69 1.52
CA TRP C 145 53.34 -14.41 0.29
C TRP C 145 52.47 -13.64 -0.69
N ALA C 146 51.23 -14.09 -0.90
CA ALA C 146 50.35 -13.39 -1.83
C ALA C 146 50.13 -11.93 -1.40
N TRP C 147 49.72 -11.72 -0.14
CA TRP C 147 49.44 -10.36 0.34
C TRP C 147 50.67 -9.46 0.23
N GLU C 148 51.81 -9.90 0.78
CA GLU C 148 52.99 -9.05 0.80
C GLU C 148 53.59 -8.90 -0.57
N SER C 149 53.55 -9.94 -1.40
CA SER C 149 54.08 -9.79 -2.73
C SER C 149 53.26 -8.79 -3.55
N TRP C 150 51.92 -8.94 -3.56
CA TRP C 150 51.12 -7.98 -4.30
C TRP C 150 51.41 -6.55 -3.84
N ARG C 151 51.39 -6.32 -2.52
CA ARG C 151 51.61 -4.94 -2.07
C ARG C 151 53.05 -4.48 -2.27
N SER C 152 54.01 -5.16 -1.66
CA SER C 152 55.41 -4.75 -1.74
C SER C 152 56.00 -4.78 -3.13
N GLU C 153 55.35 -5.41 -4.10
CA GLU C 153 55.83 -5.35 -5.48
C GLU C 153 55.10 -4.28 -6.28
N VAL C 154 53.79 -4.43 -6.46
CA VAL C 154 53.04 -3.56 -7.37
C VAL C 154 52.71 -2.21 -6.70
N GLY C 155 52.36 -2.22 -5.41
CA GLY C 155 52.00 -0.98 -4.74
C GLY C 155 53.16 -0.03 -4.60
N LYS C 156 54.39 -0.57 -4.47
CA LYS C 156 55.57 0.28 -4.45
C LYS C 156 55.71 1.03 -5.76
N GLN C 157 55.38 0.38 -6.88
CA GLN C 157 55.35 1.08 -8.16
C GLN C 157 54.25 2.13 -8.15
N LEU C 158 53.13 1.84 -7.47
CA LEU C 158 51.98 2.73 -7.53
C LEU C 158 52.17 3.99 -6.67
N ARG C 159 53.00 3.92 -5.61
CA ARG C 159 53.18 4.98 -4.60
C ARG C 159 53.46 6.38 -5.16
N PRO C 160 54.53 6.61 -5.93
CA PRO C 160 54.82 7.99 -6.38
C PRO C 160 53.77 8.52 -7.32
N LEU C 161 53.29 7.64 -8.22
CA LEU C 161 52.17 8.00 -9.08
C LEU C 161 50.99 8.47 -8.25
N TYR C 162 50.75 7.83 -7.11
CA TYR C 162 49.62 8.22 -6.26
C TYR C 162 49.88 9.54 -5.55
N GLU C 163 51.13 9.83 -5.16
CA GLU C 163 51.42 11.15 -4.58
C GLU C 163 51.15 12.27 -5.57
N GLU C 164 51.67 12.11 -6.80
CA GLU C 164 51.40 13.11 -7.82
C GLU C 164 49.92 13.19 -8.17
N TYR C 165 49.25 12.04 -8.16
CA TYR C 165 47.79 11.98 -8.36
C TYR C 165 47.07 12.82 -7.31
N VAL C 166 47.46 12.68 -6.05
CA VAL C 166 46.84 13.44 -4.97
C VAL C 166 47.03 14.94 -5.23
N VAL C 167 48.25 15.36 -5.54
CA VAL C 167 48.50 16.80 -5.67
C VAL C 167 47.75 17.39 -6.87
N LEU C 168 47.71 16.66 -7.99
CA LEU C 168 47.02 17.19 -9.17
C LEU C 168 45.50 17.23 -8.96
N LYS C 169 44.93 16.17 -8.36
CA LYS C 169 43.49 16.15 -8.10
C LYS C 169 43.09 17.23 -7.11
N ASN C 170 43.94 17.53 -6.13
CA ASN C 170 43.61 18.62 -5.22
C ASN C 170 43.66 19.97 -5.93
N GLU C 171 44.64 20.14 -6.82
CA GLU C 171 44.66 21.35 -7.66
C GLU C 171 43.35 21.50 -8.43
N MET C 172 42.91 20.40 -9.06
CA MET C 172 41.67 20.45 -9.84
C MET C 172 40.49 20.81 -8.97
N ALA C 173 40.31 20.13 -7.84
CA ALA C 173 39.14 20.38 -7.00
C ALA C 173 39.15 21.80 -6.47
N ARG C 174 40.32 22.32 -6.10
CA ARG C 174 40.37 23.69 -5.62
C ARG C 174 40.01 24.68 -6.72
N ALA C 175 40.46 24.42 -7.95
CA ALA C 175 40.10 25.32 -9.05
C ALA C 175 38.60 25.30 -9.34
N ASN C 176 37.90 24.20 -9.07
CA ASN C 176 36.45 24.12 -9.23
C ASN C 176 35.69 24.58 -7.99
N HIS C 177 36.29 25.41 -7.14
CA HIS C 177 35.60 26.02 -5.99
C HIS C 177 35.23 24.96 -4.96
N TYR C 178 36.10 23.96 -4.81
CA TYR C 178 35.95 22.95 -3.76
C TYR C 178 37.15 23.07 -2.84
N GLU C 179 37.01 22.48 -1.64
CA GLU C 179 38.12 22.55 -0.68
C GLU C 179 39.24 21.62 -1.12
N ASP C 180 38.91 20.40 -1.47
CA ASP C 180 39.89 19.43 -1.96
C ASP C 180 39.14 18.34 -2.72
N TYR C 181 39.89 17.36 -3.21
CA TYR C 181 39.28 16.28 -3.97
C TYR C 181 38.30 15.48 -3.13
N GLY C 182 38.56 15.34 -1.82
CA GLY C 182 37.57 14.70 -0.98
C GLY C 182 36.28 15.50 -0.90
N ASP C 183 36.40 16.83 -0.82
CA ASP C 183 35.22 17.68 -0.88
C ASP C 183 34.52 17.54 -2.23
N TYR C 184 35.31 17.46 -3.29
CA TYR C 184 34.78 17.23 -4.63
C TYR C 184 33.93 15.97 -4.68
N TRP C 185 34.48 14.85 -4.22
CA TRP C 185 33.73 13.60 -4.23
C TRP C 185 32.47 13.71 -3.39
N ARG C 186 32.57 14.30 -2.19
CA ARG C 186 31.38 14.46 -1.36
C ARG C 186 30.37 15.40 -2.00
N GLY C 187 30.80 16.23 -2.94
CA GLY C 187 29.85 17.07 -3.65
C GLY C 187 28.79 16.29 -4.39
N ASP C 188 29.06 15.01 -4.67
CA ASP C 188 28.08 14.15 -5.36
C ASP C 188 26.78 14.05 -4.57
N TYR C 189 26.85 14.15 -3.24
CA TYR C 189 25.69 14.03 -2.37
C TYR C 189 25.04 15.38 -2.09
N GLU C 190 25.58 16.46 -2.64
CA GLU C 190 25.14 17.81 -2.31
C GLU C 190 23.79 18.12 -2.96
N VAL C 191 22.91 18.74 -2.18
CA VAL C 191 21.64 19.29 -2.66
C VAL C 191 21.54 20.74 -2.23
N ASN C 192 21.30 21.63 -3.20
CA ASN C 192 21.36 23.08 -2.98
C ASN C 192 20.24 23.74 -3.78
N GLY C 193 19.15 24.09 -3.10
CA GLY C 193 18.09 24.82 -3.75
C GLY C 193 16.70 24.42 -3.33
N VAL C 194 16.54 23.19 -2.85
CA VAL C 194 15.24 22.67 -2.45
C VAL C 194 15.08 22.84 -0.94
N ASP C 195 14.12 23.68 -0.54
CA ASP C 195 13.88 23.92 0.88
C ASP C 195 13.38 22.65 1.56
N GLY C 196 14.01 22.27 2.67
CA GLY C 196 13.61 21.08 3.39
C GLY C 196 14.29 19.80 2.93
N TYR C 197 15.09 19.87 1.87
CA TYR C 197 15.81 18.71 1.33
C TYR C 197 17.28 19.00 1.05
N ASP C 198 17.79 20.14 1.49
CA ASP C 198 19.18 20.48 1.23
C ASP C 198 20.13 19.53 1.97
N TYR C 199 21.41 19.60 1.57
CA TYR C 199 22.44 18.71 2.10
C TYR C 199 23.83 19.20 1.72
N SER C 200 24.65 19.58 2.70
CA SER C 200 25.98 20.11 2.40
C SER C 200 26.98 18.96 2.24
N ARG C 201 28.20 19.33 1.85
CA ARG C 201 29.23 18.32 1.60
C ARG C 201 29.90 17.83 2.87
N GLY C 202 29.80 18.59 3.97
CA GLY C 202 30.33 18.16 5.24
C GLY C 202 29.35 17.38 6.06
N GLN C 203 28.05 17.61 5.80
CA GLN C 203 27.00 16.83 6.44
C GLN C 203 27.17 15.33 6.18
N LEU C 204 27.77 14.97 5.04
CA LEU C 204 28.03 13.56 4.74
C LEU C 204 28.97 12.93 5.76
N ILE C 205 30.07 13.60 6.08
CA ILE C 205 30.99 13.07 7.09
C ILE C 205 30.28 12.92 8.43
N GLU C 206 29.53 13.95 8.83
CA GLU C 206 28.81 13.88 10.10
C GLU C 206 27.88 12.67 10.13
N ASP C 207 27.10 12.47 9.06
CA ASP C 207 26.14 11.37 9.06
C ASP C 207 26.84 10.01 9.03
N VAL C 208 27.89 9.89 8.22
CA VAL C 208 28.62 8.63 8.12
C VAL C 208 29.20 8.25 9.48
N GLU C 209 29.76 9.23 10.19
CA GLU C 209 30.33 8.92 11.50
C GLU C 209 29.23 8.59 12.51
N HIS C 210 28.14 9.35 12.50
CA HIS C 210 27.04 9.08 13.42
C HIS C 210 26.46 7.69 13.21
N THR C 211 26.41 7.22 11.97
CA THR C 211 25.84 5.90 11.75
C THR C 211 26.85 4.79 11.99
N PHE C 212 28.14 5.03 11.68
CA PHE C 212 29.15 4.02 11.98
C PHE C 212 29.30 3.83 13.49
N GLU C 213 29.10 4.88 14.28
CA GLU C 213 29.09 4.73 15.73
C GLU C 213 28.03 3.74 16.18
N GLU C 214 26.82 3.81 15.62
CA GLU C 214 25.77 2.86 15.97
C GLU C 214 26.05 1.47 15.40
N ILE C 215 26.79 1.38 14.29
CA ILE C 215 27.14 0.07 13.74
C ILE C 215 28.19 -0.62 14.61
N LYS C 216 29.00 0.15 15.33
CA LYS C 216 30.16 -0.41 16.05
C LYS C 216 29.87 -1.68 16.86
N PRO C 217 28.81 -1.77 17.68
CA PRO C 217 28.70 -2.96 18.54
C PRO C 217 28.47 -4.26 17.76
N LEU C 218 27.59 -4.24 16.77
CA LEU C 218 27.38 -5.43 15.96
C LEU C 218 28.68 -5.87 15.29
N TYR C 219 29.44 -4.91 14.73
CA TYR C 219 30.71 -5.26 14.12
C TYR C 219 31.71 -5.79 15.14
N GLU C 220 31.74 -5.22 16.34
CA GLU C 220 32.65 -5.71 17.37
C GLU C 220 32.35 -7.17 17.68
N HIS C 221 31.06 -7.51 17.80
CA HIS C 221 30.72 -8.89 18.12
C HIS C 221 31.03 -9.83 16.95
N LEU C 222 30.73 -9.40 15.73
CA LEU C 222 31.13 -10.20 14.58
C LEU C 222 32.65 -10.40 14.54
N HIS C 223 33.41 -9.34 14.87
CA HIS C 223 34.86 -9.42 14.87
C HIS C 223 35.36 -10.42 15.90
N ALA C 224 34.80 -10.39 17.11
CA ALA C 224 35.22 -11.35 18.14
C ALA C 224 34.93 -12.78 17.71
N TYR C 225 33.73 -13.02 17.17
CA TYR C 225 33.37 -14.36 16.72
C TYR C 225 34.31 -14.85 15.62
N VAL C 226 34.54 -14.01 14.61
CA VAL C 226 35.42 -14.39 13.50
C VAL C 226 36.84 -14.59 14.01
N ARG C 227 37.26 -13.81 14.99
CA ARG C 227 38.61 -13.95 15.54
C ARG C 227 38.76 -15.30 16.21
N ALA C 228 37.78 -15.70 17.02
CA ALA C 228 37.84 -17.01 17.65
C ALA C 228 37.86 -18.14 16.61
N LYS C 229 36.96 -18.08 15.62
CA LYS C 229 36.93 -19.15 14.62
C LYS C 229 38.25 -19.22 13.83
N LEU C 230 38.87 -18.07 13.56
CA LEU C 230 40.15 -18.09 12.86
C LEU C 230 41.26 -18.58 13.77
N MET C 231 41.17 -18.29 15.07
CA MET C 231 42.12 -18.88 16.01
C MET C 231 42.03 -20.40 15.96
N ASN C 232 40.82 -20.95 15.85
CA ASN C 232 40.72 -22.39 15.66
C ASN C 232 41.35 -22.81 14.35
N ALA C 233 41.39 -21.93 13.37
CA ALA C 233 41.95 -22.34 12.08
C ALA C 233 43.45 -22.05 12.02
N TYR C 234 43.88 -20.97 12.67
CA TYR C 234 45.27 -20.51 12.78
C TYR C 234 45.55 -20.34 14.27
N PRO C 235 45.77 -21.45 15.01
CA PRO C 235 45.97 -21.35 16.48
C PRO C 235 47.18 -20.58 16.99
N SER C 236 48.38 -20.98 16.61
CA SER C 236 49.58 -20.28 17.05
C SER C 236 49.84 -18.97 16.33
N TYR C 237 48.94 -18.52 15.45
CA TYR C 237 49.15 -17.27 14.72
C TYR C 237 48.32 -16.05 15.13
N ILE C 238 47.25 -16.20 15.90
CA ILE C 238 46.34 -15.09 16.19
C ILE C 238 46.15 -14.94 17.69
N SER C 239 46.33 -13.69 18.19
CA SER C 239 46.09 -13.34 19.58
C SER C 239 44.60 -13.17 19.86
N PRO C 240 44.11 -13.67 20.99
CA PRO C 240 42.69 -13.49 21.34
C PRO C 240 42.29 -12.07 21.68
N ILE C 241 43.23 -11.13 21.76
CA ILE C 241 42.91 -9.74 22.08
C ILE C 241 43.40 -8.78 21.03
N GLY C 242 44.06 -9.27 19.98
CA GLY C 242 44.67 -8.41 19.00
C GLY C 242 43.80 -8.26 17.76
N CYS C 243 44.28 -7.42 16.86
CA CYS C 243 43.58 -7.24 15.60
C CYS C 243 43.77 -8.49 14.73
N LEU C 244 42.90 -8.63 13.75
CA LEU C 244 42.99 -9.79 12.86
C LEU C 244 44.09 -9.56 11.83
N PRO C 245 44.99 -10.53 11.61
CA PRO C 245 45.98 -10.38 10.54
C PRO C 245 45.30 -10.16 9.19
N ALA C 246 45.82 -9.18 8.45
CA ALA C 246 45.13 -8.71 7.25
C ALA C 246 45.06 -9.76 6.16
N HIS C 247 45.94 -10.75 6.18
CA HIS C 247 46.02 -11.70 5.09
C HIS C 247 45.19 -12.96 5.33
N LEU C 248 44.38 -12.99 6.39
CA LEU C 248 43.55 -14.14 6.70
C LEU C 248 42.07 -13.81 6.61
N LEU C 249 41.73 -12.74 5.89
CA LEU C 249 40.39 -12.16 5.93
C LEU C 249 39.50 -12.63 4.78
N GLY C 250 40.05 -13.35 3.80
CA GLY C 250 39.26 -13.94 2.74
C GLY C 250 39.53 -13.39 1.35
N ASP C 251 40.11 -12.20 1.23
CA ASP C 251 40.56 -11.66 -0.06
C ASP C 251 41.84 -10.86 0.13
N MET C 252 42.25 -10.17 -0.93
CA MET C 252 43.54 -9.48 -0.96
C MET C 252 43.62 -8.34 0.05
N TRP C 253 42.50 -7.80 0.49
CA TRP C 253 42.49 -6.63 1.35
C TRP C 253 41.63 -6.79 2.60
N GLY C 254 40.72 -7.74 2.65
CA GLY C 254 39.75 -7.78 3.72
C GLY C 254 38.51 -6.98 3.47
N ARG C 255 38.26 -6.56 2.23
CA ARG C 255 37.05 -5.80 1.90
C ARG C 255 35.78 -6.58 2.19
N PHE C 256 35.80 -7.90 1.99
CA PHE C 256 34.69 -8.77 2.32
C PHE C 256 35.22 -10.01 3.03
N TRP C 257 34.56 -10.39 4.12
CA TRP C 257 34.86 -11.62 4.82
C TRP C 257 34.04 -12.80 4.31
N THR C 258 33.59 -12.75 3.07
CA THR C 258 32.70 -13.80 2.56
C THR C 258 33.39 -15.16 2.57
N ASN C 259 34.67 -15.20 2.19
CA ASN C 259 35.35 -16.49 2.05
C ASN C 259 35.80 -17.05 3.37
N LEU C 260 35.40 -16.42 4.47
CA LEU C 260 35.60 -16.97 5.78
C LEU C 260 34.39 -17.77 6.23
N TYR C 261 33.37 -17.92 5.39
CA TYR C 261 32.17 -18.59 5.87
C TYR C 261 32.47 -20.04 6.19
N SER C 262 33.31 -20.67 5.36
CA SER C 262 33.69 -22.05 5.60
C SER C 262 34.44 -22.18 6.90
N LEU C 263 35.12 -21.11 7.33
CA LEU C 263 35.87 -21.12 8.56
C LEU C 263 35.08 -20.56 9.74
N THR C 264 33.91 -19.95 9.48
CA THR C 264 33.17 -19.29 10.55
C THR C 264 31.71 -19.74 10.61
N VAL C 265 31.32 -20.73 9.83
CA VAL C 265 29.91 -21.13 9.77
C VAL C 265 29.45 -21.57 11.16
N PRO C 266 28.37 -21.00 11.70
CA PRO C 266 27.92 -21.44 13.03
C PRO C 266 27.57 -22.91 13.13
N PHE C 267 26.74 -23.42 12.22
CA PHE C 267 26.29 -24.81 12.30
C PHE C 267 26.58 -25.56 11.00
N GLY C 268 27.81 -26.05 10.86
CA GLY C 268 28.19 -26.84 9.70
C GLY C 268 27.45 -28.16 9.58
N GLN C 269 26.70 -28.54 10.62
CA GLN C 269 25.91 -29.76 10.62
C GLN C 269 24.68 -29.59 9.72
N LYS C 270 24.21 -28.36 9.63
CA LYS C 270 23.07 -27.97 8.83
C LYS C 270 23.43 -27.99 7.35
N PRO C 271 22.46 -28.27 6.49
CA PRO C 271 22.73 -28.16 5.06
C PRO C 271 22.92 -26.70 4.70
N ASN C 272 23.82 -26.49 3.74
CA ASN C 272 24.20 -25.15 3.35
C ASN C 272 23.24 -24.55 2.37
N ILE C 273 22.96 -23.26 2.54
CA ILE C 273 22.05 -22.65 1.59
C ILE C 273 22.88 -22.28 0.37
N ASP C 274 23.49 -23.25 -0.28
CA ASP C 274 24.12 -23.07 -1.57
C ASP C 274 23.22 -23.81 -2.54
N VAL C 275 22.47 -23.11 -3.36
CA VAL C 275 21.49 -23.88 -4.14
C VAL C 275 22.17 -24.20 -5.46
N THR C 276 23.50 -24.04 -5.50
CA THR C 276 24.27 -24.32 -6.70
C THR C 276 24.06 -25.77 -7.11
N ASP C 277 24.13 -26.69 -6.15
CA ASP C 277 23.97 -28.11 -6.47
C ASP C 277 22.55 -28.38 -6.98
N ALA C 278 21.56 -27.67 -6.42
CA ALA C 278 20.19 -27.79 -6.91
C ALA C 278 20.07 -27.28 -8.34
N MET C 279 20.69 -26.13 -8.63
CA MET C 279 20.71 -25.58 -9.98
C MET C 279 21.34 -26.56 -10.95
N VAL C 280 22.44 -27.19 -10.54
CA VAL C 280 23.15 -28.13 -11.40
C VAL C 280 22.31 -29.37 -11.63
N ASP C 281 21.59 -29.84 -10.60
CA ASP C 281 20.79 -31.04 -10.74
C ASP C 281 19.52 -30.82 -11.54
N GLN C 282 19.02 -29.59 -11.60
CA GLN C 282 17.87 -29.24 -12.43
C GLN C 282 18.25 -28.81 -13.85
N ALA C 283 19.53 -28.93 -14.22
CA ALA C 283 20.02 -28.62 -15.58
C ALA C 283 19.75 -27.17 -15.98
N TRP C 284 19.93 -26.28 -15.03
CA TRP C 284 19.84 -24.85 -15.30
C TRP C 284 21.04 -24.38 -16.13
N ASP C 285 20.81 -23.34 -16.92
CA ASP C 285 21.84 -22.67 -17.69
C ASP C 285 21.72 -21.17 -17.46
N ALA C 286 22.61 -20.41 -18.08
CA ALA C 286 22.54 -18.95 -17.93
C ALA C 286 21.22 -18.42 -18.47
N GLN C 287 20.72 -19.02 -19.56
CA GLN C 287 19.39 -18.70 -20.09
C GLN C 287 18.33 -18.79 -19.01
N ARG C 288 18.29 -19.92 -18.30
CA ARG C 288 17.29 -20.11 -17.26
C ARG C 288 17.49 -19.11 -16.13
N ILE C 289 18.75 -18.83 -15.77
CA ILE C 289 19.03 -17.88 -14.69
C ILE C 289 18.45 -16.51 -15.02
N PHE C 290 18.75 -15.99 -16.22
CA PHE C 290 18.28 -14.65 -16.55
C PHE C 290 16.77 -14.62 -16.79
N LYS C 291 16.20 -15.71 -17.30
CA LYS C 291 14.74 -15.77 -17.41
C LYS C 291 14.08 -15.73 -16.05
N GLU C 292 14.67 -16.41 -15.06
CA GLU C 292 14.11 -16.39 -13.71
C GLU C 292 14.23 -15.00 -13.11
N ALA C 293 15.36 -14.33 -13.31
CA ALA C 293 15.48 -12.94 -12.85
C ALA C 293 14.42 -12.04 -13.50
N GLU C 294 14.21 -12.21 -14.81
CA GLU C 294 13.20 -11.43 -15.52
C GLU C 294 11.80 -11.71 -14.97
N LYS C 295 11.50 -12.98 -14.70
CA LYS C 295 10.22 -13.33 -14.09
C LYS C 295 10.08 -12.69 -12.73
N PHE C 296 11.18 -12.61 -11.99
CA PHE C 296 11.15 -11.94 -10.70
C PHE C 296 10.74 -10.49 -10.87
N PHE C 297 11.37 -9.79 -11.83
CA PHE C 297 11.05 -8.37 -12.02
C PHE C 297 9.63 -8.18 -12.54
N VAL C 298 9.14 -9.10 -13.36
CA VAL C 298 7.77 -9.01 -13.84
C VAL C 298 6.77 -9.27 -12.72
N SER C 299 7.12 -10.09 -11.74
CA SER C 299 6.18 -10.41 -10.68
C SER C 299 5.83 -9.21 -9.81
N VAL C 300 6.59 -8.11 -9.87
CA VAL C 300 6.30 -6.94 -9.04
C VAL C 300 5.77 -5.78 -9.87
N GLY C 301 5.44 -6.01 -11.12
CA GLY C 301 4.85 -4.97 -11.94
C GLY C 301 5.81 -4.24 -12.84
N LEU C 302 7.03 -4.75 -13.03
CA LEU C 302 8.03 -4.15 -13.89
C LEU C 302 8.06 -4.84 -15.24
N PRO C 303 8.57 -4.18 -16.28
CA PRO C 303 8.53 -4.76 -17.62
C PRO C 303 9.50 -5.90 -17.80
N ASN C 304 9.25 -6.68 -18.85
CA ASN C 304 10.20 -7.65 -19.36
C ASN C 304 11.51 -6.96 -19.73
N MET C 305 12.52 -7.76 -20.03
CA MET C 305 13.69 -7.27 -20.73
C MET C 305 13.39 -7.10 -22.21
N THR C 306 14.08 -6.16 -22.85
CA THR C 306 13.81 -5.88 -24.25
C THR C 306 14.38 -6.98 -25.13
N GLN C 307 13.73 -7.21 -26.27
CA GLN C 307 14.26 -8.14 -27.25
C GLN C 307 15.67 -7.76 -27.69
N GLY C 308 15.99 -6.46 -27.72
CA GLY C 308 17.36 -6.05 -27.99
C GLY C 308 18.32 -6.55 -26.94
N PHE C 309 17.89 -6.53 -25.67
CA PHE C 309 18.68 -7.12 -24.59
C PHE C 309 18.93 -8.60 -24.82
N TRP C 310 17.87 -9.36 -25.09
CA TRP C 310 18.01 -10.80 -25.25
C TRP C 310 18.82 -11.15 -26.49
N GLU C 311 18.84 -10.29 -27.50
CA GLU C 311 19.59 -10.60 -28.71
C GLU C 311 21.04 -10.16 -28.66
N ASN C 312 21.36 -9.09 -27.94
CA ASN C 312 22.69 -8.48 -28.00
C ASN C 312 23.52 -8.67 -26.74
N SER C 313 22.91 -9.03 -25.61
CA SER C 313 23.67 -9.22 -24.39
C SER C 313 24.58 -10.43 -24.51
N MET C 314 25.65 -10.40 -23.74
CA MET C 314 26.55 -11.54 -23.67
C MET C 314 26.47 -12.08 -22.25
N LEU C 315 25.78 -13.21 -22.09
CA LEU C 315 25.45 -13.78 -20.80
C LEU C 315 26.29 -15.00 -20.49
N THR C 316 27.15 -15.42 -21.42
CA THR C 316 28.07 -16.54 -21.23
C THR C 316 29.43 -16.16 -21.78
N ASP C 317 30.44 -16.87 -21.31
CA ASP C 317 31.80 -16.73 -21.80
C ASP C 317 31.85 -17.08 -23.29
N PRO C 318 32.34 -16.18 -24.16
CA PRO C 318 32.33 -16.44 -25.61
C PRO C 318 33.31 -17.51 -26.07
N GLY C 319 34.15 -18.02 -25.19
CA GLY C 319 35.04 -19.13 -25.48
C GLY C 319 36.50 -18.72 -25.63
N ASN C 320 37.26 -19.63 -26.24
CA ASN C 320 38.70 -19.45 -26.38
C ASN C 320 39.08 -18.60 -27.58
N VAL C 321 38.28 -18.65 -28.64
CA VAL C 321 38.55 -17.90 -29.86
C VAL C 321 38.32 -16.42 -29.62
N GLN C 322 37.36 -16.09 -28.76
CA GLN C 322 36.93 -14.73 -28.50
C GLN C 322 37.08 -14.45 -27.02
N LYS C 323 38.09 -13.66 -26.67
CA LYS C 323 38.37 -13.32 -25.29
C LYS C 323 37.63 -12.03 -24.95
N ALA C 324 37.02 -12.00 -23.76
CA ALA C 324 36.18 -10.90 -23.34
C ALA C 324 36.45 -10.54 -21.88
N VAL C 325 35.88 -9.42 -21.46
CA VAL C 325 35.96 -8.99 -20.07
C VAL C 325 34.77 -9.56 -19.32
N CYS C 326 35.04 -10.26 -18.22
CA CYS C 326 34.02 -11.07 -17.57
C CYS C 326 33.48 -10.42 -16.31
N HIS C 327 33.93 -9.22 -15.98
CA HIS C 327 33.37 -8.48 -14.87
C HIS C 327 31.90 -8.18 -15.13
N PRO C 328 30.98 -8.61 -14.26
CA PRO C 328 29.56 -8.38 -14.52
C PRO C 328 29.25 -6.89 -14.57
N THR C 329 28.65 -6.47 -15.69
CA THR C 329 28.33 -5.08 -15.95
C THR C 329 26.96 -4.99 -16.58
N ALA C 330 26.24 -3.92 -16.24
CA ALA C 330 24.95 -3.62 -16.83
C ALA C 330 25.09 -2.37 -17.71
N TRP C 331 24.91 -2.56 -19.01
CA TRP C 331 25.18 -1.51 -20.01
C TRP C 331 23.86 -0.84 -20.38
N ASP C 332 23.80 0.48 -20.20
CA ASP C 332 22.73 1.34 -20.70
C ASP C 332 23.31 2.18 -21.84
N LEU C 333 23.21 1.67 -23.07
CA LEU C 333 23.84 2.39 -24.17
C LEU C 333 23.06 3.62 -24.60
N GLY C 334 21.80 3.75 -24.21
CA GLY C 334 20.94 4.79 -24.75
C GLY C 334 20.22 4.32 -26.01
N LYS C 335 19.30 5.17 -26.47
CA LYS C 335 18.44 4.82 -27.60
C LYS C 335 17.74 3.49 -27.37
N GLY C 336 17.35 3.25 -26.11
CA GLY C 336 16.65 2.04 -25.73
C GLY C 336 17.47 0.76 -25.76
N ASP C 337 18.79 0.86 -25.83
CA ASP C 337 19.66 -0.30 -25.88
C ASP C 337 20.12 -0.62 -24.47
N PHE C 338 19.73 -1.79 -23.98
CA PHE C 338 20.08 -2.27 -22.65
C PHE C 338 20.69 -3.64 -22.80
N ARG C 339 21.85 -3.86 -22.18
CA ARG C 339 22.56 -5.14 -22.27
C ARG C 339 23.15 -5.51 -20.91
N ILE C 340 23.55 -6.78 -20.78
CA ILE C 340 24.32 -7.26 -19.63
C ILE C 340 25.53 -8.03 -20.14
N LEU C 341 26.71 -7.70 -19.60
CA LEU C 341 27.94 -8.38 -19.93
C LEU C 341 28.35 -9.18 -18.70
N MET C 342 28.29 -10.50 -18.81
CA MET C 342 28.53 -11.35 -17.67
C MET C 342 28.88 -12.75 -18.17
N CYS C 343 29.97 -13.32 -17.66
CA CYS C 343 30.37 -14.69 -18.01
C CYS C 343 29.75 -15.66 -17.01
N THR C 344 28.44 -15.82 -17.15
CA THR C 344 27.65 -16.52 -16.14
C THR C 344 27.99 -18.00 -16.06
N LYS C 345 28.24 -18.47 -14.85
CA LYS C 345 28.30 -19.88 -14.50
C LYS C 345 27.01 -20.28 -13.80
N VAL C 346 26.79 -21.60 -13.69
CA VAL C 346 25.55 -22.11 -13.09
C VAL C 346 25.83 -22.25 -11.59
N THR C 347 25.75 -21.12 -10.90
CA THR C 347 26.00 -21.08 -9.46
C THR C 347 25.03 -20.10 -8.83
N MET C 348 24.81 -20.28 -7.52
CA MET C 348 23.92 -19.39 -6.78
C MET C 348 24.48 -17.97 -6.76
N ASP C 349 25.81 -17.83 -6.65
CA ASP C 349 26.39 -16.50 -6.68
C ASP C 349 26.11 -15.79 -7.99
N ASP C 350 26.21 -16.51 -9.12
CA ASP C 350 25.91 -15.90 -10.41
C ASP C 350 24.42 -15.65 -10.57
N PHE C 351 23.59 -16.49 -9.98
CA PHE C 351 22.15 -16.24 -9.92
C PHE C 351 21.87 -14.90 -9.24
N LEU C 352 22.43 -14.71 -8.05
CA LEU C 352 22.21 -13.47 -7.32
C LEU C 352 22.80 -12.27 -8.06
N THR C 353 23.99 -12.43 -8.66
CA THR C 353 24.58 -11.30 -9.38
C THR C 353 23.83 -10.99 -10.66
N ALA C 354 23.20 -11.99 -11.28
CA ALA C 354 22.32 -11.71 -12.41
C ALA C 354 21.11 -10.91 -11.95
N HIS C 355 20.53 -11.27 -10.81
CA HIS C 355 19.47 -10.44 -10.23
C HIS C 355 19.94 -9.01 -9.97
N HIS C 356 21.16 -8.85 -9.43
CA HIS C 356 21.68 -7.50 -9.16
C HIS C 356 21.83 -6.68 -10.44
N GLU C 357 22.48 -7.26 -11.45
CA GLU C 357 22.72 -6.52 -12.69
C GLU C 357 21.41 -6.23 -13.41
N MET C 358 20.45 -7.16 -13.37
CA MET C 358 19.17 -6.87 -13.99
C MET C 358 18.40 -5.81 -13.19
N GLY C 359 18.64 -5.71 -11.89
CA GLY C 359 18.13 -4.56 -11.14
C GLY C 359 18.70 -3.25 -11.64
N HIS C 360 20.01 -3.22 -11.87
CA HIS C 360 20.63 -2.08 -12.54
C HIS C 360 19.90 -1.74 -13.84
N ILE C 361 19.67 -2.75 -14.69
CA ILE C 361 19.04 -2.51 -15.99
C ILE C 361 17.62 -1.97 -15.82
N GLN C 362 16.90 -2.46 -14.81
CA GLN C 362 15.54 -1.97 -14.55
C GLN C 362 15.59 -0.51 -14.10
N TYR C 363 16.55 -0.17 -13.24
CA TYR C 363 16.76 1.23 -12.89
C TYR C 363 16.97 2.07 -14.14
N ASP C 364 17.85 1.62 -15.04
CA ASP C 364 18.14 2.39 -16.25
C ASP C 364 16.89 2.57 -17.12
N MET C 365 16.10 1.52 -17.29
CA MET C 365 14.85 1.63 -18.05
C MET C 365 13.85 2.57 -17.39
N ALA C 366 13.80 2.62 -16.05
CA ALA C 366 12.77 3.40 -15.38
C ALA C 366 13.00 4.90 -15.51
N TYR C 367 14.25 5.36 -15.55
CA TYR C 367 14.51 6.79 -15.71
C TYR C 367 14.90 7.15 -17.15
N ALA C 368 14.43 6.36 -18.12
CA ALA C 368 14.79 6.61 -19.51
C ALA C 368 14.08 7.82 -20.08
N ALA C 369 12.91 8.18 -19.56
CA ALA C 369 12.18 9.33 -20.10
C ALA C 369 12.74 10.66 -19.61
N GLN C 370 13.64 10.65 -18.64
CA GLN C 370 14.28 11.88 -18.21
C GLN C 370 15.25 12.38 -19.27
N PRO C 371 15.52 13.68 -19.30
CA PRO C 371 16.56 14.20 -20.18
C PRO C 371 17.90 13.55 -19.92
N PHE C 372 18.78 13.64 -20.93
CA PHE C 372 20.02 12.88 -20.95
C PHE C 372 20.79 13.03 -19.65
N LEU C 373 21.17 14.26 -19.31
CA LEU C 373 22.00 14.50 -18.13
C LEU C 373 21.30 14.16 -16.84
N LEU C 374 20.02 13.80 -16.90
CA LEU C 374 19.28 13.41 -15.72
C LEU C 374 19.06 11.90 -15.63
N ARG C 375 19.64 11.13 -16.56
CA ARG C 375 19.55 9.67 -16.56
C ARG C 375 20.70 9.11 -15.73
N ASN C 376 20.49 9.07 -14.42
CA ASN C 376 21.53 8.63 -13.48
C ASN C 376 20.90 8.45 -12.12
N GLY C 377 21.59 7.70 -11.25
CA GLY C 377 21.07 7.51 -9.90
C GLY C 377 21.02 8.81 -9.12
N ALA C 378 20.12 8.81 -8.12
CA ALA C 378 19.90 9.99 -7.27
C ALA C 378 21.19 10.49 -6.62
N ASN C 379 21.99 9.58 -6.07
CA ASN C 379 23.36 9.89 -5.70
C ASN C 379 24.23 8.72 -6.09
N GLU C 380 25.46 8.74 -5.59
CA GLU C 380 26.47 7.78 -5.99
C GLU C 380 26.17 6.37 -5.48
N GLY C 381 25.26 6.23 -4.53
CA GLY C 381 24.91 4.94 -3.96
C GLY C 381 23.67 4.21 -4.45
N PHE C 382 22.84 4.87 -5.26
CA PHE C 382 21.50 4.35 -5.51
C PHE C 382 21.47 3.12 -6.42
N HIS C 383 22.26 3.08 -7.49
CA HIS C 383 22.23 1.93 -8.39
C HIS C 383 22.61 0.64 -7.69
N GLU C 384 23.72 0.66 -6.95
CA GLU C 384 24.12 -0.55 -6.27
C GLU C 384 23.14 -0.93 -5.17
N ALA C 385 22.53 0.07 -4.51
CA ALA C 385 21.52 -0.24 -3.51
C ALA C 385 20.33 -0.97 -4.12
N VAL C 386 19.91 -0.55 -5.31
CA VAL C 386 18.80 -1.22 -5.98
C VAL C 386 19.18 -2.65 -6.36
N GLY C 387 20.35 -2.82 -6.98
CA GLY C 387 20.82 -4.16 -7.27
C GLY C 387 20.88 -5.05 -6.04
N GLU C 388 21.29 -4.47 -4.91
CA GLU C 388 21.46 -5.24 -3.69
C GLU C 388 20.13 -5.62 -3.06
N ILE C 389 19.10 -4.76 -3.16
CA ILE C 389 17.79 -5.17 -2.65
C ILE C 389 17.20 -6.28 -3.53
N MET C 390 17.46 -6.23 -4.85
CA MET C 390 17.10 -7.37 -5.70
C MET C 390 17.73 -8.65 -5.18
N SER C 391 19.03 -8.61 -4.91
CA SER C 391 19.71 -9.83 -4.49
C SER C 391 19.24 -10.29 -3.11
N LEU C 392 18.92 -9.35 -2.21
CA LEU C 392 18.37 -9.71 -0.91
C LEU C 392 17.05 -10.46 -1.05
N SER C 393 16.10 -9.90 -1.80
CA SER C 393 14.85 -10.60 -2.01
C SER C 393 15.05 -11.97 -2.65
N ALA C 394 15.98 -12.07 -3.60
CA ALA C 394 16.23 -13.33 -4.28
C ALA C 394 16.91 -14.37 -3.40
N ALA C 395 17.66 -13.95 -2.38
CA ALA C 395 18.39 -14.91 -1.54
C ALA C 395 17.53 -15.53 -0.44
N THR C 396 16.38 -14.95 -0.13
CA THR C 396 15.51 -15.50 0.91
C THR C 396 15.04 -16.91 0.56
N PRO C 397 14.93 -17.79 1.55
CA PRO C 397 14.49 -19.17 1.28
C PRO C 397 13.08 -19.23 0.72
N LYS C 398 12.23 -18.25 1.05
CA LYS C 398 10.88 -18.18 0.50
C LYS C 398 10.92 -18.05 -1.03
N HIS C 399 11.74 -17.13 -1.53
CA HIS C 399 11.91 -16.99 -2.98
C HIS C 399 12.51 -18.25 -3.59
N LEU C 400 13.54 -18.81 -2.94
CA LEU C 400 14.20 -20.01 -3.44
C LEU C 400 13.23 -21.18 -3.54
N LYS C 401 12.31 -21.29 -2.58
CA LYS C 401 11.29 -22.32 -2.63
C LYS C 401 10.31 -22.06 -3.76
N SER C 402 9.83 -20.82 -3.88
CA SER C 402 8.84 -20.49 -4.91
C SER C 402 9.38 -20.69 -6.32
N ILE C 403 10.70 -20.52 -6.53
CA ILE C 403 11.30 -20.74 -7.84
C ILE C 403 11.52 -22.23 -8.12
N GLY C 404 11.52 -23.06 -7.07
CA GLY C 404 11.65 -24.49 -7.20
C GLY C 404 13.04 -25.06 -7.04
N LEU C 405 14.00 -24.26 -6.58
CA LEU C 405 15.33 -24.76 -6.30
C LEU C 405 15.47 -25.24 -4.87
N LEU C 406 14.49 -24.91 -4.02
CA LEU C 406 14.44 -25.39 -2.66
C LEU C 406 13.19 -26.22 -2.45
N SER C 407 13.32 -27.27 -1.64
CA SER C 407 12.22 -28.20 -1.39
C SER C 407 11.06 -27.44 -0.76
N PRO C 408 9.82 -27.78 -1.10
CA PRO C 408 8.70 -27.10 -0.42
C PRO C 408 8.65 -27.41 1.07
N ASP C 409 9.16 -28.57 1.49
CA ASP C 409 9.20 -28.93 2.90
C ASP C 409 10.54 -28.57 3.54
N PHE C 410 11.22 -27.52 3.09
CA PHE C 410 12.43 -27.09 3.76
C PHE C 410 12.12 -26.21 4.96
N GLN C 411 12.42 -26.73 6.14
CA GLN C 411 12.13 -26.07 7.41
C GLN C 411 13.23 -25.07 7.77
N GLU C 412 12.84 -23.85 8.11
CA GLU C 412 13.82 -22.83 8.51
C GLU C 412 13.94 -22.85 10.03
N ASP C 413 14.86 -23.68 10.52
CA ASP C 413 15.16 -23.70 11.95
C ASP C 413 15.82 -22.38 12.33
N ASN C 414 16.08 -22.19 13.63
CA ASN C 414 16.93 -21.08 14.01
C ASN C 414 18.41 -21.28 13.73
N GLU C 415 18.84 -22.46 13.30
CA GLU C 415 20.26 -22.54 12.98
C GLU C 415 20.54 -22.25 11.51
N THR C 416 19.67 -22.68 10.58
CA THR C 416 19.85 -22.22 9.21
C THR C 416 19.70 -20.71 9.12
N GLU C 417 18.81 -20.13 9.93
CA GLU C 417 18.64 -18.67 9.95
C GLU C 417 19.88 -17.98 10.51
N ILE C 418 20.47 -18.53 11.57
CA ILE C 418 21.67 -17.91 12.12
C ILE C 418 22.81 -18.05 11.10
N ASN C 419 22.86 -19.20 10.40
CA ASN C 419 23.80 -19.41 9.30
C ASN C 419 23.65 -18.34 8.22
N PHE C 420 22.41 -18.14 7.76
CA PHE C 420 22.11 -17.19 6.70
C PHE C 420 22.49 -15.76 7.10
N LEU C 421 22.16 -15.38 8.33
CA LEU C 421 22.48 -14.02 8.78
C LEU C 421 23.97 -13.83 8.91
N LEU C 422 24.70 -14.87 9.34
CA LEU C 422 26.16 -14.79 9.44
C LEU C 422 26.79 -14.67 8.05
N LYS C 423 26.31 -15.45 7.07
CA LYS C 423 26.83 -15.33 5.72
C LYS C 423 26.54 -13.97 5.13
N GLN C 424 25.36 -13.43 5.40
CA GLN C 424 25.06 -12.07 4.96
C GLN C 424 25.99 -11.06 5.62
N ALA C 425 26.26 -11.23 6.91
CA ALA C 425 27.04 -10.24 7.65
C ALA C 425 28.50 -10.24 7.23
N LEU C 426 29.08 -11.43 7.01
CA LEU C 426 30.48 -11.50 6.58
C LEU C 426 30.75 -10.60 5.39
N THR C 427 29.78 -10.47 4.48
CA THR C 427 29.91 -9.61 3.32
C THR C 427 29.49 -8.18 3.65
N ILE C 428 28.31 -8.03 4.26
CA ILE C 428 27.66 -6.72 4.37
C ILE C 428 28.22 -5.95 5.56
N VAL C 429 28.32 -6.57 6.73
CA VAL C 429 28.85 -5.86 7.89
C VAL C 429 30.37 -5.94 7.94
N GLY C 430 30.97 -6.98 7.35
CA GLY C 430 32.43 -7.03 7.31
C GLY C 430 33.05 -5.93 6.47
N THR C 431 32.29 -5.40 5.52
CA THR C 431 32.84 -4.41 4.61
C THR C 431 32.68 -2.97 5.08
N LEU C 432 31.82 -2.70 6.07
CA LEU C 432 31.54 -1.30 6.40
C LEU C 432 32.72 -0.61 7.07
N PRO C 433 33.35 -1.16 8.10
CA PRO C 433 34.55 -0.50 8.65
C PRO C 433 35.67 -0.37 7.63
N PHE C 434 35.84 -1.39 6.78
CA PHE C 434 36.84 -1.32 5.72
C PHE C 434 36.59 -0.11 4.84
N THR C 435 35.35 0.02 4.33
CA THR C 435 34.99 1.12 3.45
C THR C 435 35.15 2.47 4.14
N TYR C 436 34.60 2.59 5.35
CA TYR C 436 34.66 3.87 6.06
C TYR C 436 36.10 4.27 6.35
N MET C 437 36.94 3.31 6.75
CA MET C 437 38.32 3.61 7.07
C MET C 437 39.10 4.00 5.82
N LEU C 438 38.89 3.28 4.72
CA LEU C 438 39.57 3.63 3.47
C LEU C 438 39.20 5.04 3.03
N GLU C 439 37.90 5.37 3.03
CA GLU C 439 37.51 6.70 2.58
C GLU C 439 37.94 7.79 3.55
N LYS C 440 37.97 7.49 4.85
CA LYS C 440 38.47 8.48 5.80
C LYS C 440 39.95 8.74 5.54
N TRP C 441 40.73 7.69 5.29
CA TRP C 441 42.14 7.90 4.98
C TRP C 441 42.31 8.72 3.70
N ARG C 442 41.55 8.42 2.65
CA ARG C 442 41.70 9.20 1.42
C ARG C 442 41.29 10.66 1.63
N TRP C 443 40.14 10.87 2.29
CA TRP C 443 39.69 12.22 2.60
C TRP C 443 40.77 13.00 3.37
N MET C 444 41.33 12.37 4.39
CA MET C 444 42.34 13.03 5.21
C MET C 444 43.61 13.31 4.42
N VAL C 445 44.01 12.39 3.54
CA VAL C 445 45.20 12.61 2.72
C VAL C 445 44.97 13.77 1.76
N PHE C 446 43.82 13.79 1.09
CA PHE C 446 43.49 14.89 0.19
C PHE C 446 43.37 16.20 0.96
N LYS C 447 42.83 16.15 2.17
CA LYS C 447 42.66 17.33 3.02
C LYS C 447 44.01 17.82 3.56
N GLY C 448 45.07 17.05 3.37
CA GLY C 448 46.38 17.41 3.89
C GLY C 448 46.55 17.19 5.37
N GLU C 449 45.81 16.24 5.96
CA GLU C 449 45.95 15.94 7.37
C GLU C 449 46.93 14.83 7.67
N ILE C 450 47.30 14.02 6.68
CA ILE C 450 48.27 12.94 6.82
C ILE C 450 49.49 13.29 5.97
N PRO C 451 50.61 13.70 6.57
CA PRO C 451 51.80 13.96 5.75
C PRO C 451 52.25 12.71 5.02
N LYS C 452 53.01 12.92 3.94
CA LYS C 452 53.44 11.79 3.11
C LYS C 452 54.36 10.83 3.87
N ASP C 453 55.18 11.35 4.79
CA ASP C 453 56.16 10.50 5.46
C ASP C 453 55.53 9.61 6.51
N GLN C 454 54.21 9.69 6.67
CA GLN C 454 53.53 8.74 7.54
C GLN C 454 52.20 8.36 6.94
N TRP C 455 52.11 8.36 5.60
CA TRP C 455 50.88 7.90 4.95
C TRP C 455 50.53 6.49 5.40
N MET C 456 51.46 5.57 5.17
CA MET C 456 51.20 4.18 5.51
C MET C 456 51.12 4.02 7.01
N LYS C 457 51.91 4.80 7.75
CA LYS C 457 51.82 4.76 9.20
C LYS C 457 50.38 5.02 9.63
N LYS C 458 49.82 6.14 9.19
CA LYS C 458 48.45 6.44 9.59
C LYS C 458 47.47 5.44 9.02
N TRP C 459 47.74 4.94 7.81
CA TRP C 459 46.86 3.95 7.23
C TRP C 459 46.70 2.74 8.15
N TRP C 460 47.83 2.21 8.64
CA TRP C 460 47.67 1.02 9.44
C TRP C 460 47.23 1.35 10.85
N GLU C 461 47.58 2.53 11.35
CA GLU C 461 47.00 3.00 12.59
C GLU C 461 45.49 2.99 12.49
N MET C 462 44.97 3.51 11.37
CA MET C 462 43.52 3.53 11.22
C MET C 462 42.95 2.13 11.05
N LYS C 463 43.65 1.29 10.27
CA LYS C 463 43.28 -0.12 10.12
C LYS C 463 43.05 -0.75 11.49
N ARG C 464 44.10 -0.75 12.32
CA ARG C 464 43.95 -1.28 13.66
C ARG C 464 42.76 -0.65 14.36
N GLU C 465 42.80 0.68 14.54
CA GLU C 465 41.82 1.34 15.40
C GLU C 465 40.40 1.15 14.89
N ILE C 466 40.17 1.38 13.59
CA ILE C 466 38.82 1.41 13.05
C ILE C 466 38.36 0.01 12.66
N VAL C 467 39.14 -0.65 11.81
CA VAL C 467 38.69 -1.92 11.24
C VAL C 467 39.01 -3.09 12.16
N GLY C 468 39.93 -2.90 13.10
CA GLY C 468 40.35 -4.00 13.95
C GLY C 468 41.24 -5.00 13.23
N VAL C 469 42.06 -4.53 12.30
CA VAL C 469 42.91 -5.37 11.47
C VAL C 469 44.33 -4.85 11.53
N VAL C 470 45.30 -5.77 11.63
CA VAL C 470 46.70 -5.42 11.82
C VAL C 470 47.50 -6.10 10.72
N GLU C 471 48.52 -5.40 10.24
CA GLU C 471 49.35 -5.89 9.14
C GLU C 471 50.23 -7.05 9.60
N PRO C 472 50.41 -8.05 8.73
CA PRO C 472 51.29 -9.18 9.10
C PRO C 472 52.76 -8.82 9.05
N VAL C 473 53.15 -7.84 8.23
CA VAL C 473 54.53 -7.37 8.21
C VAL C 473 54.54 -5.86 8.19
N PRO C 474 55.55 -5.24 8.83
CA PRO C 474 55.57 -3.78 8.88
C PRO C 474 55.92 -3.18 7.53
N HIS C 475 55.33 -2.02 7.25
CA HIS C 475 55.50 -1.35 5.96
C HIS C 475 55.93 0.09 6.17
N ASP C 476 57.01 0.47 5.51
CA ASP C 476 57.49 1.85 5.54
C ASP C 476 56.80 2.64 4.44
N GLU C 477 57.29 3.84 4.16
CA GLU C 477 56.66 4.71 3.18
C GLU C 477 56.98 4.34 1.74
N THR C 478 57.76 3.27 1.51
CA THR C 478 57.93 2.77 0.15
C THR C 478 56.65 2.13 -0.37
N TYR C 479 55.91 1.47 0.52
CA TYR C 479 54.68 0.79 0.18
C TYR C 479 53.57 1.81 -0.12
N CYS C 480 52.50 1.32 -0.73
CA CYS C 480 51.28 2.10 -0.96
C CYS C 480 50.07 1.16 -0.94
N ASP C 481 49.85 0.52 0.21
CA ASP C 481 48.82 -0.52 0.30
C ASP C 481 47.42 -0.05 -0.10
N PRO C 482 46.96 1.17 0.24
CA PRO C 482 45.64 1.61 -0.27
C PRO C 482 45.52 1.56 -1.79
N ALA C 483 46.57 1.93 -2.53
CA ALA C 483 46.52 1.87 -3.98
C ALA C 483 46.55 0.45 -4.51
N SER C 484 46.77 -0.54 -3.66
CA SER C 484 46.70 -1.94 -4.06
C SER C 484 45.27 -2.43 -4.24
N LEU C 485 44.29 -1.55 -4.09
CA LEU C 485 42.89 -1.85 -4.36
C LEU C 485 42.47 -1.17 -5.64
N PHE C 486 41.56 -1.82 -6.37
CA PHE C 486 41.16 -1.34 -7.69
C PHE C 486 40.59 0.06 -7.61
N HIS C 487 39.63 0.28 -6.71
CA HIS C 487 38.93 1.55 -6.62
C HIS C 487 39.86 2.71 -6.27
N VAL C 488 40.89 2.46 -5.46
CA VAL C 488 41.79 3.54 -5.08
C VAL C 488 42.75 3.90 -6.22
N SER C 489 43.33 2.90 -6.88
CA SER C 489 44.28 3.12 -7.96
C SER C 489 43.62 3.46 -9.29
N ASN C 490 42.30 3.41 -9.36
CA ASN C 490 41.59 3.72 -10.60
C ASN C 490 40.64 4.89 -10.42
N ASP C 491 40.84 5.68 -9.36
CA ASP C 491 40.17 6.97 -9.22
C ASP C 491 38.66 6.81 -9.13
N TYR C 492 38.20 5.83 -8.36
CA TYR C 492 36.78 5.66 -8.08
C TYR C 492 36.55 5.94 -6.61
N SER C 493 35.54 6.75 -6.31
CA SER C 493 35.17 6.93 -4.91
C SER C 493 34.66 5.62 -4.31
N PHE C 494 34.72 5.54 -2.97
CA PHE C 494 34.44 4.30 -2.27
C PHE C 494 33.33 4.40 -1.22
N ILE C 495 33.05 5.60 -0.69
CA ILE C 495 32.00 5.75 0.33
C ILE C 495 30.62 5.37 -0.21
N ARG C 496 30.51 5.27 -1.54
CA ARG C 496 29.28 4.82 -2.17
C ARG C 496 28.81 3.49 -1.60
N TYR C 497 29.75 2.63 -1.22
CA TYR C 497 29.38 1.30 -0.74
C TYR C 497 28.79 1.36 0.67
N TYR C 498 29.36 2.21 1.53
CA TYR C 498 28.74 2.47 2.83
C TYR C 498 27.33 3.01 2.68
N THR C 499 27.19 4.07 1.89
CA THR C 499 25.89 4.69 1.73
C THR C 499 24.90 3.72 1.09
N ARG C 500 25.36 2.94 0.12
CA ARG C 500 24.49 1.97 -0.52
C ARG C 500 24.09 0.85 0.43
N THR C 501 24.99 0.47 1.34
CA THR C 501 24.62 -0.57 2.30
C THR C 501 23.53 -0.07 3.23
N LEU C 502 23.59 1.19 3.67
CA LEU C 502 22.48 1.68 4.49
C LEU C 502 21.20 1.86 3.67
N TYR C 503 21.31 2.43 2.47
CA TYR C 503 20.16 2.64 1.60
C TYR C 503 19.42 1.35 1.30
N GLN C 504 20.16 0.26 1.07
CA GLN C 504 19.52 -0.97 0.63
C GLN C 504 18.62 -1.53 1.73
N PHE C 505 19.03 -1.39 2.99
CA PHE C 505 18.17 -1.87 4.04
C PHE C 505 17.03 -0.90 4.34
N GLN C 506 17.24 0.40 4.18
CA GLN C 506 16.10 1.33 4.22
C GLN C 506 15.04 0.95 3.18
N PHE C 507 15.47 0.74 1.94
CA PHE C 507 14.56 0.37 0.86
C PHE C 507 13.87 -0.97 1.13
N GLN C 508 14.64 -1.96 1.60
CA GLN C 508 14.08 -3.28 1.87
C GLN C 508 13.02 -3.22 2.95
N GLU C 509 13.30 -2.51 4.05
CA GLU C 509 12.33 -2.34 5.12
C GLU C 509 11.07 -1.67 4.60
N ALA C 510 11.21 -0.59 3.84
CA ALA C 510 10.06 0.14 3.33
C ALA C 510 9.19 -0.73 2.42
N LEU C 511 9.84 -1.44 1.48
CA LEU C 511 9.10 -2.23 0.49
C LEU C 511 8.52 -3.50 1.10
N CYS C 512 9.13 -4.03 2.16
CA CYS C 512 8.56 -5.19 2.82
C CYS C 512 7.38 -4.78 3.71
N GLN C 513 7.44 -3.60 4.32
CA GLN C 513 6.23 -3.08 4.98
C GLN C 513 5.12 -2.86 3.97
N ALA C 514 5.44 -2.35 2.79
CA ALA C 514 4.42 -2.21 1.76
C ALA C 514 3.88 -3.56 1.31
N ALA C 515 4.73 -4.56 1.22
CA ALA C 515 4.32 -5.91 0.83
C ALA C 515 3.74 -6.75 1.97
N LYS C 516 3.45 -6.18 3.14
CA LYS C 516 2.82 -6.95 4.23
C LYS C 516 3.65 -8.15 4.69
N HIS C 517 4.96 -8.08 4.55
CA HIS C 517 5.76 -9.20 5.01
C HIS C 517 5.65 -9.34 6.52
N GLU C 518 5.72 -10.58 6.97
CA GLU C 518 5.45 -10.95 8.35
C GLU C 518 6.68 -11.65 8.92
N GLY C 519 7.10 -11.23 10.10
CA GLY C 519 8.30 -11.76 10.69
C GLY C 519 9.55 -10.92 10.59
N PRO C 520 10.69 -11.57 10.81
CA PRO C 520 11.98 -10.90 10.64
C PRO C 520 12.24 -10.44 9.21
N LEU C 521 12.91 -9.29 9.11
CA LEU C 521 13.09 -8.62 7.82
C LEU C 521 13.82 -9.50 6.82
N HIS C 522 14.82 -10.27 7.29
CA HIS C 522 15.64 -11.12 6.43
C HIS C 522 14.87 -12.26 5.78
N LYS C 523 13.65 -12.54 6.21
CA LYS C 523 12.83 -13.56 5.58
C LYS C 523 11.90 -12.99 4.52
N CYS C 524 12.09 -11.74 4.12
CA CYS C 524 11.15 -11.05 3.23
C CYS C 524 11.47 -11.30 1.76
N ASP C 525 10.45 -11.66 0.99
CA ASP C 525 10.53 -11.81 -0.47
C ASP C 525 9.45 -10.93 -1.07
N ILE C 526 9.85 -9.88 -1.79
CA ILE C 526 8.91 -8.89 -2.30
C ILE C 526 8.23 -9.38 -3.57
N SER C 527 8.45 -10.63 -3.95
CA SER C 527 7.78 -11.17 -5.12
C SER C 527 6.27 -11.06 -4.96
N ASN C 528 5.60 -10.86 -6.10
CA ASN C 528 4.14 -10.78 -6.22
C ASN C 528 3.56 -9.56 -5.49
N SER C 529 4.37 -8.53 -5.26
CA SER C 529 3.92 -7.35 -4.54
C SER C 529 3.98 -6.18 -5.51
N THR C 530 2.85 -5.94 -6.19
CA THR C 530 2.76 -4.79 -7.07
C THR C 530 2.87 -3.49 -6.30
N GLU C 531 2.48 -3.49 -5.02
CA GLU C 531 2.62 -2.30 -4.19
C GLU C 531 4.08 -1.95 -3.94
N ALA C 532 4.89 -2.94 -3.58
CA ALA C 532 6.32 -2.68 -3.44
C ALA C 532 6.94 -2.26 -4.76
N GLY C 533 6.52 -2.90 -5.86
CA GLY C 533 6.99 -2.50 -7.17
C GLY C 533 6.67 -1.04 -7.47
N GLN C 534 5.43 -0.63 -7.19
CA GLN C 534 5.06 0.76 -7.42
C GLN C 534 5.85 1.70 -6.53
N LYS C 535 6.03 1.34 -5.26
CA LYS C 535 6.76 2.23 -4.35
C LYS C 535 8.20 2.40 -4.80
N LEU C 536 8.81 1.35 -5.34
CA LEU C 536 10.17 1.51 -5.83
C LEU C 536 10.24 2.24 -7.17
N PHE C 537 9.28 1.97 -8.06
CA PHE C 537 9.29 2.61 -9.37
C PHE C 537 9.07 4.11 -9.27
N ASN C 538 8.23 4.54 -8.32
CA ASN C 538 8.01 5.96 -8.13
C ASN C 538 9.31 6.72 -7.87
N MET C 539 10.29 6.06 -7.26
CA MET C 539 11.62 6.64 -7.06
C MET C 539 12.54 6.36 -8.24
N LEU C 540 12.46 5.16 -8.82
CA LEU C 540 13.35 4.78 -9.92
C LEU C 540 13.16 5.70 -11.11
N ARG C 541 11.91 6.05 -11.43
CA ARG C 541 11.63 6.86 -12.61
C ARG C 541 12.23 8.25 -12.49
N LEU C 542 12.58 8.67 -11.28
CA LEU C 542 13.06 10.04 -11.09
C LEU C 542 14.45 10.24 -11.67
N GLY C 543 15.29 9.21 -11.68
CA GLY C 543 16.67 9.44 -12.05
C GLY C 543 17.30 10.44 -11.10
N LYS C 544 18.02 11.41 -11.65
CA LYS C 544 18.63 12.47 -10.86
C LYS C 544 17.85 13.78 -10.97
N SER C 545 16.55 13.70 -11.28
CA SER C 545 15.71 14.90 -11.40
C SER C 545 15.38 15.49 -10.03
N GLU C 546 15.06 14.64 -9.06
CA GLU C 546 14.77 15.10 -7.71
C GLU C 546 15.98 14.88 -6.81
N PRO C 547 16.09 15.66 -5.72
CA PRO C 547 17.20 15.44 -4.78
C PRO C 547 17.16 14.04 -4.20
N TRP C 548 18.33 13.52 -3.85
CA TRP C 548 18.38 12.16 -3.32
C TRP C 548 17.65 12.03 -2.00
N THR C 549 17.60 13.10 -1.20
CA THR C 549 16.83 13.08 0.04
C THR C 549 15.34 12.90 -0.23
N LEU C 550 14.81 13.65 -1.20
CA LEU C 550 13.40 13.50 -1.55
C LEU C 550 13.13 12.12 -2.13
N ALA C 551 14.05 11.60 -2.95
CA ALA C 551 13.86 10.29 -3.53
C ALA C 551 13.83 9.22 -2.45
N LEU C 552 14.69 9.35 -1.44
CA LEU C 552 14.68 8.41 -0.32
C LEU C 552 13.41 8.55 0.50
N GLU C 553 12.92 9.77 0.69
CA GLU C 553 11.68 9.94 1.44
C GLU C 553 10.51 9.32 0.68
N ASN C 554 10.52 9.42 -0.65
CA ASN C 554 9.44 8.89 -1.47
C ASN C 554 9.18 7.42 -1.21
N VAL C 555 10.21 6.67 -0.84
CA VAL C 555 10.07 5.23 -0.64
C VAL C 555 10.05 4.85 0.83
N VAL C 556 10.90 5.47 1.65
CA VAL C 556 11.05 5.07 3.05
C VAL C 556 10.45 6.06 4.03
N GLY C 557 10.07 7.26 3.61
CA GLY C 557 9.49 8.20 4.52
C GLY C 557 10.47 9.01 5.34
N ALA C 558 11.76 9.02 4.98
CA ALA C 558 12.77 9.75 5.74
C ALA C 558 13.66 10.52 4.76
N LYS C 559 14.02 11.74 5.15
CA LYS C 559 14.84 12.64 4.36
C LYS C 559 16.34 12.39 4.48
N ASN C 560 16.78 11.39 5.23
CA ASN C 560 18.20 11.22 5.47
C ASN C 560 18.52 9.74 5.61
N MET C 561 19.81 9.43 5.56
CA MET C 561 20.25 8.05 5.68
C MET C 561 20.05 7.55 7.11
N ASN C 562 19.72 6.26 7.22
CA ASN C 562 19.38 5.68 8.51
C ASN C 562 20.03 4.32 8.67
N VAL C 563 20.47 4.03 9.89
CA VAL C 563 21.18 2.79 10.18
C VAL C 563 20.28 1.74 10.84
N ARG C 564 19.16 2.15 11.43
CA ARG C 564 18.27 1.21 12.09
C ARG C 564 17.71 0.11 11.18
N PRO C 565 17.44 0.34 9.89
CA PRO C 565 17.07 -0.80 9.03
C PRO C 565 18.09 -1.93 9.02
N LEU C 566 19.37 -1.60 8.88
CA LEU C 566 20.42 -2.62 8.90
C LEU C 566 20.46 -3.36 10.23
N LEU C 567 20.40 -2.61 11.33
CA LEU C 567 20.46 -3.21 12.66
C LEU C 567 19.26 -4.11 12.92
N ASN C 568 18.08 -3.72 12.43
CA ASN C 568 16.91 -4.58 12.58
C ASN C 568 17.00 -5.82 11.71
N TYR C 569 17.58 -5.69 10.52
CA TYR C 569 17.82 -6.87 9.68
C TYR C 569 18.72 -7.87 10.39
N PHE C 570 19.73 -7.38 11.13
CA PHE C 570 20.72 -8.27 11.73
C PHE C 570 20.50 -8.52 13.23
N GLU C 571 19.42 -8.02 13.81
CA GLU C 571 19.15 -8.23 15.24
C GLU C 571 19.26 -9.68 15.70
N PRO C 572 18.66 -10.66 15.03
CA PRO C 572 18.79 -12.04 15.54
C PRO C 572 20.24 -12.48 15.60
N LEU C 573 21.00 -12.23 14.53
CA LEU C 573 22.43 -12.52 14.59
C LEU C 573 23.11 -11.71 15.69
N PHE C 574 22.64 -10.49 15.96
CA PHE C 574 23.24 -9.69 17.01
C PHE C 574 23.08 -10.34 18.38
N THR C 575 21.87 -10.78 18.71
CA THR C 575 21.64 -11.44 20.00
C THR C 575 22.40 -12.76 20.06
N TRP C 576 22.45 -13.49 18.95
CA TRP C 576 23.19 -14.75 18.92
C TRP C 576 24.68 -14.53 19.17
N LEU C 577 25.24 -13.48 18.58
CA LEU C 577 26.64 -13.13 18.83
C LEU C 577 26.85 -12.73 20.27
N LYS C 578 25.94 -11.90 20.82
CA LYS C 578 26.08 -11.50 22.22
C LYS C 578 26.10 -12.71 23.15
N ASP C 579 25.28 -13.74 22.86
CA ASP C 579 25.34 -14.93 23.69
C ASP C 579 26.61 -15.75 23.44
N GLN C 580 27.00 -15.90 22.18
CA GLN C 580 28.15 -16.72 21.79
C GLN C 580 29.48 -16.16 22.27
N ASN C 581 29.57 -14.86 22.52
CA ASN C 581 30.83 -14.25 22.93
C ASN C 581 30.88 -14.00 24.42
N LYS C 582 30.02 -14.70 25.19
CA LYS C 582 29.98 -14.47 26.63
C LYS C 582 31.35 -14.77 27.24
N ASN C 583 32.01 -15.83 26.77
CA ASN C 583 33.32 -16.20 27.25
C ASN C 583 34.41 -15.85 26.24
N SER C 584 34.14 -14.87 25.38
CA SER C 584 35.11 -14.40 24.39
C SER C 584 35.36 -12.91 24.62
N PHE C 585 36.53 -12.45 24.22
CA PHE C 585 36.84 -11.03 24.31
C PHE C 585 36.20 -10.27 23.15
N VAL C 586 35.52 -9.16 23.46
CA VAL C 586 34.89 -8.32 22.45
C VAL C 586 35.62 -6.99 22.44
N GLY C 587 36.10 -6.59 21.27
CA GLY C 587 37.06 -5.50 21.13
C GLY C 587 38.42 -6.01 20.70
N TRP C 588 39.37 -5.08 20.65
CA TRP C 588 40.74 -5.41 20.24
C TRP C 588 41.71 -4.32 20.69
N SER C 589 42.92 -4.75 21.07
CA SER C 589 44.04 -3.84 21.31
C SER C 589 44.71 -3.46 20.00
N THR C 590 45.07 -2.19 19.87
CA THR C 590 45.71 -1.68 18.66
C THR C 590 47.22 -1.93 18.63
N ASP C 591 47.77 -2.59 19.66
CA ASP C 591 49.22 -2.67 19.84
C ASP C 591 49.81 -4.03 19.51
N TRP C 592 49.02 -5.11 19.58
CA TRP C 592 49.56 -6.41 19.25
C TRP C 592 49.84 -6.55 17.76
N SER C 593 50.96 -7.19 17.43
CA SER C 593 51.33 -7.41 16.04
C SER C 593 51.83 -8.82 15.87
N PRO C 594 51.64 -9.41 14.68
CA PRO C 594 52.22 -10.73 14.38
C PRO C 594 53.73 -10.73 14.22
N TYR C 595 54.42 -9.62 14.42
CA TYR C 595 55.87 -9.54 14.30
C TYR C 595 56.50 -8.83 15.50
N ALA C 596 55.94 -9.07 16.69
CA ALA C 596 56.43 -8.50 17.95
C ALA C 596 56.68 -7.00 17.86
N THR D 22 -10.08 -2.79 -65.55
CA THR D 22 -10.36 -1.69 -64.63
C THR D 22 -9.10 -1.24 -63.88
N ASN D 23 -8.87 0.07 -63.85
CA ASN D 23 -7.68 0.65 -63.25
C ASN D 23 -7.88 0.79 -61.75
N LEU D 24 -7.23 -0.07 -60.98
CA LEU D 24 -7.30 0.02 -59.53
C LEU D 24 -6.26 1.02 -59.02
N CYS D 25 -6.34 1.33 -57.72
CA CYS D 25 -5.46 2.39 -57.22
C CYS D 25 -4.06 1.84 -56.93
N PRO D 26 -3.01 2.62 -57.23
CA PRO D 26 -1.63 2.14 -57.07
C PRO D 26 -1.15 2.28 -55.63
N PHE D 27 -1.73 1.46 -54.75
CA PHE D 27 -1.25 1.39 -53.38
C PHE D 27 0.11 0.71 -53.28
N ASP D 28 0.47 -0.10 -54.28
CA ASP D 28 1.77 -0.74 -54.31
C ASP D 28 2.90 0.29 -54.41
N GLU D 29 2.63 1.41 -55.08
CA GLU D 29 3.65 2.46 -55.16
C GLU D 29 3.85 3.13 -53.81
N VAL D 30 2.76 3.34 -53.06
CA VAL D 30 2.83 4.13 -51.84
C VAL D 30 3.36 3.30 -50.68
N PHE D 31 2.93 2.05 -50.56
CA PHE D 31 3.28 1.24 -49.38
C PHE D 31 4.59 0.48 -49.55
N ASN D 32 4.82 -0.09 -50.74
CA ASN D 32 6.05 -0.85 -51.00
C ASN D 32 7.11 0.02 -51.66
N ALA D 33 7.08 1.33 -51.41
CA ALA D 33 8.09 2.23 -51.96
C ALA D 33 9.47 1.82 -51.47
N THR D 34 10.46 1.94 -52.36
CA THR D 34 11.82 1.56 -52.02
C THR D 34 12.37 2.40 -50.87
N ARG D 35 12.20 3.72 -50.95
CA ARG D 35 12.68 4.63 -49.92
C ARG D 35 11.53 5.56 -49.53
N PHE D 36 11.32 5.72 -48.24
CA PHE D 36 10.31 6.63 -47.73
C PHE D 36 10.92 8.00 -47.47
N ALA D 37 10.09 9.03 -47.59
CA ALA D 37 10.58 10.38 -47.40
C ALA D 37 10.79 10.68 -45.92
N SER D 38 11.58 11.71 -45.66
CA SER D 38 11.75 12.17 -44.30
C SER D 38 10.47 12.84 -43.81
N VAL D 39 10.29 12.90 -42.49
CA VAL D 39 9.04 13.39 -41.91
C VAL D 39 8.90 14.91 -42.10
N TYR D 40 10.01 15.66 -42.04
CA TYR D 40 9.91 17.10 -42.26
C TYR D 40 9.49 17.40 -43.70
N ALA D 41 9.88 16.54 -44.64
CA ALA D 41 9.48 16.69 -46.03
C ALA D 41 8.66 15.47 -46.44
N TRP D 42 7.52 15.27 -45.79
CA TRP D 42 6.67 14.12 -46.08
C TRP D 42 6.16 14.17 -47.51
N ASN D 43 6.01 12.98 -48.11
CA ASN D 43 5.66 12.89 -49.53
C ASN D 43 4.17 12.63 -49.66
N ARG D 44 3.48 13.51 -50.38
CA ARG D 44 2.04 13.42 -50.59
C ARG D 44 1.76 12.93 -52.00
N LYS D 45 0.85 11.96 -52.11
CA LYS D 45 0.40 11.43 -53.39
C LYS D 45 -1.11 11.61 -53.50
N ARG D 46 -1.54 12.18 -54.62
CA ARG D 46 -2.95 12.36 -54.95
C ARG D 46 -3.43 11.12 -55.69
N ILE D 47 -4.44 10.45 -55.15
CA ILE D 47 -4.99 9.22 -55.69
C ILE D 47 -6.39 9.54 -56.19
N SER D 48 -6.64 9.28 -57.47
CA SER D 48 -7.91 9.59 -58.08
C SER D 48 -8.07 8.78 -59.36
N ASN D 49 -9.31 8.67 -59.83
CA ASN D 49 -9.67 7.95 -61.06
C ASN D 49 -9.21 6.50 -60.99
N CYS D 50 -9.60 5.82 -59.90
CA CYS D 50 -9.21 4.44 -59.67
C CYS D 50 -10.09 3.87 -58.57
N VAL D 51 -10.18 2.54 -58.53
CA VAL D 51 -10.99 1.82 -57.55
C VAL D 51 -10.13 1.49 -56.34
N ALA D 52 -10.62 1.82 -55.14
CA ALA D 52 -9.89 1.59 -53.91
C ALA D 52 -10.38 0.28 -53.30
N ASP D 53 -9.47 -0.68 -53.18
CA ASP D 53 -9.75 -1.98 -52.59
C ASP D 53 -9.13 -2.00 -51.20
N TYR D 54 -9.97 -1.95 -50.16
CA TYR D 54 -9.45 -1.88 -48.80
C TYR D 54 -9.02 -3.23 -48.24
N SER D 55 -9.49 -4.34 -48.84
CA SER D 55 -9.05 -5.64 -48.38
C SER D 55 -7.65 -5.97 -48.87
N VAL D 56 -7.03 -5.08 -49.65
CA VAL D 56 -5.60 -5.20 -49.93
C VAL D 56 -4.79 -4.77 -48.73
N LEU D 57 -5.44 -4.26 -47.69
CA LEU D 57 -4.79 -4.20 -46.39
C LEU D 57 -4.53 -5.64 -45.97
N TYR D 58 -3.48 -5.84 -45.16
CA TYR D 58 -2.91 -7.16 -44.86
C TYR D 58 -2.07 -7.61 -46.04
N ASN D 59 -1.45 -6.65 -46.74
CA ASN D 59 -0.52 -6.91 -47.83
C ASN D 59 0.90 -6.64 -47.40
N PHE D 60 1.08 -6.23 -46.15
CA PHE D 60 2.36 -5.99 -45.52
C PHE D 60 2.41 -6.87 -44.27
N ALA D 61 3.57 -6.87 -43.59
CA ALA D 61 3.82 -7.72 -42.43
C ALA D 61 2.77 -7.51 -41.35
N PRO D 62 2.72 -8.36 -40.32
CA PRO D 62 1.77 -8.11 -39.22
C PRO D 62 1.92 -6.75 -38.57
N PHE D 63 3.13 -6.20 -38.53
CA PHE D 63 3.32 -4.80 -38.13
C PHE D 63 2.45 -3.90 -39.01
N PHE D 64 1.41 -3.32 -38.41
CA PHE D 64 0.56 -2.33 -39.04
C PHE D 64 -0.41 -1.82 -37.99
N ALA D 65 -0.83 -0.57 -38.14
CA ALA D 65 -1.76 0.06 -37.21
C ALA D 65 -2.90 0.66 -38.02
N PHE D 66 -4.13 0.22 -37.74
CA PHE D 66 -5.28 0.72 -38.49
C PHE D 66 -5.51 2.19 -38.22
N LYS D 67 -5.67 2.54 -36.93
CA LYS D 67 -6.02 3.89 -36.46
C LYS D 67 -6.79 4.68 -37.51
N CYS D 68 -8.03 4.26 -37.78
CA CYS D 68 -8.93 5.04 -38.63
C CYS D 68 -9.83 5.87 -37.73
N TYR D 69 -9.67 7.19 -37.82
CA TYR D 69 -10.48 8.08 -37.00
C TYR D 69 -11.67 8.63 -37.77
N GLY D 70 -11.66 8.52 -39.09
CA GLY D 70 -12.75 9.00 -39.90
C GLY D 70 -13.79 7.92 -40.17
N VAL D 71 -14.65 7.69 -39.18
CA VAL D 71 -15.75 6.73 -39.25
C VAL D 71 -15.25 5.29 -39.37
N SER D 72 -13.91 5.12 -39.42
CA SER D 72 -13.28 3.79 -39.45
C SER D 72 -13.64 3.07 -40.75
N PRO D 73 -12.93 2.00 -41.13
CA PRO D 73 -13.36 1.26 -42.32
C PRO D 73 -14.76 0.70 -42.11
N THR D 74 -15.00 0.06 -40.97
CA THR D 74 -16.29 -0.56 -40.68
C THR D 74 -16.75 -1.43 -41.84
N LYS D 75 -15.79 -1.99 -42.56
CA LYS D 75 -16.03 -2.77 -43.78
C LYS D 75 -16.74 -1.94 -44.86
N LEU D 76 -16.54 -0.62 -44.86
CA LEU D 76 -17.20 0.27 -45.81
C LEU D 76 -16.29 0.55 -47.01
N ASN D 77 -16.11 -0.47 -47.85
CA ASN D 77 -15.44 -0.25 -49.13
C ASN D 77 -16.29 0.59 -50.07
N ASP D 78 -17.59 0.71 -49.80
CA ASP D 78 -18.56 1.31 -50.71
C ASP D 78 -18.51 2.84 -50.78
N LEU D 79 -17.79 3.51 -49.89
CA LEU D 79 -17.82 4.98 -49.91
C LEU D 79 -16.97 5.54 -51.06
N CYS D 80 -17.44 6.66 -51.61
CA CYS D 80 -16.80 7.34 -52.72
C CYS D 80 -16.35 8.74 -52.30
N PHE D 81 -15.16 9.13 -52.75
CA PHE D 81 -14.62 10.46 -52.48
C PHE D 81 -14.00 11.03 -53.76
N THR D 82 -13.92 12.36 -53.80
CA THR D 82 -13.36 13.02 -54.97
C THR D 82 -11.87 12.74 -55.10
N ASN D 83 -11.15 12.72 -53.99
CA ASN D 83 -9.72 12.45 -53.99
C ASN D 83 -9.31 11.74 -52.71
N VAL D 84 -8.22 10.99 -52.79
CA VAL D 84 -7.57 10.39 -51.63
C VAL D 84 -6.15 10.93 -51.57
N TYR D 85 -5.66 11.17 -50.36
CA TYR D 85 -4.32 11.71 -50.17
C TYR D 85 -3.50 10.78 -49.29
N ALA D 86 -2.38 10.28 -49.83
CA ALA D 86 -1.48 9.35 -49.13
C ALA D 86 -0.19 10.08 -48.80
N ASP D 87 0.01 10.39 -47.52
CA ASP D 87 1.18 11.11 -47.04
C ASP D 87 2.09 10.11 -46.32
N SER D 88 3.30 9.90 -46.85
CA SER D 88 4.22 8.90 -46.34
C SER D 88 5.50 9.55 -45.81
N PHE D 89 6.00 8.99 -44.71
CA PHE D 89 7.25 9.44 -44.10
C PHE D 89 7.73 8.37 -43.12
N VAL D 90 8.79 8.67 -42.36
CA VAL D 90 9.40 7.74 -41.42
C VAL D 90 9.72 8.49 -40.13
N ILE D 91 9.33 7.92 -38.98
CA ILE D 91 9.62 8.50 -37.68
C ILE D 91 10.07 7.40 -36.73
N ARG D 92 10.50 7.80 -35.54
CA ARG D 92 10.77 6.79 -34.54
C ARG D 92 9.49 6.46 -33.78
N GLY D 93 9.44 5.23 -33.24
CA GLY D 93 8.20 4.72 -32.67
C GLY D 93 7.57 5.62 -31.63
N ASN D 94 8.39 6.23 -30.76
CA ASN D 94 7.87 7.12 -29.73
C ASN D 94 7.01 8.23 -30.31
N GLU D 95 7.28 8.63 -31.55
CA GLU D 95 6.56 9.72 -32.19
C GLU D 95 5.36 9.26 -33.00
N VAL D 96 5.16 7.94 -33.16
CA VAL D 96 3.98 7.46 -33.88
C VAL D 96 2.70 7.81 -33.13
N SER D 97 2.79 8.02 -31.81
CA SER D 97 1.64 8.49 -31.05
C SER D 97 1.25 9.90 -31.42
N GLN D 98 2.17 10.68 -31.98
CA GLN D 98 1.87 12.06 -32.34
C GLN D 98 1.11 12.19 -33.65
N ILE D 99 1.04 11.13 -34.45
CA ILE D 99 0.28 11.14 -35.70
C ILE D 99 -1.17 10.80 -35.35
N ALA D 100 -1.86 11.74 -34.72
CA ALA D 100 -3.23 11.56 -34.27
C ALA D 100 -3.87 12.93 -34.12
N PRO D 101 -5.19 13.01 -34.14
CA PRO D 101 -5.86 14.30 -33.92
C PRO D 101 -5.58 14.85 -32.53
N GLY D 102 -5.25 16.14 -32.48
CA GLY D 102 -5.07 16.81 -31.20
C GLY D 102 -3.82 16.40 -30.44
N GLN D 103 -2.75 16.09 -31.15
CA GLN D 103 -1.50 15.68 -30.52
C GLN D 103 -0.51 16.84 -30.51
N THR D 104 0.47 16.73 -29.60
CA THR D 104 1.52 17.71 -29.47
C THR D 104 2.85 16.98 -29.32
N GLY D 105 3.93 17.68 -29.64
CA GLY D 105 5.25 17.08 -29.62
C GLY D 105 6.11 17.66 -30.74
N ASN D 106 7.33 17.15 -30.90
CA ASN D 106 8.18 17.67 -31.97
C ASN D 106 7.56 17.43 -33.34
N ILE D 107 7.12 16.20 -33.61
CA ILE D 107 6.54 15.88 -34.92
C ILE D 107 5.18 16.54 -35.09
N ALA D 108 4.32 16.42 -34.07
CA ALA D 108 2.96 16.93 -34.19
C ALA D 108 2.93 18.45 -34.38
N ASP D 109 3.89 19.16 -33.79
CA ASP D 109 3.93 20.62 -33.89
C ASP D 109 4.73 21.09 -35.10
N TYR D 110 5.94 20.59 -35.29
CA TYR D 110 6.87 21.19 -36.23
C TYR D 110 7.09 20.38 -37.49
N ASN D 111 6.45 19.21 -37.63
CA ASN D 111 6.76 18.37 -38.77
C ASN D 111 5.49 17.95 -39.52
N TYR D 112 4.51 17.43 -38.79
CA TYR D 112 3.28 16.95 -39.41
C TYR D 112 2.14 17.12 -38.41
N LYS D 113 1.10 17.84 -38.82
CA LYS D 113 -0.03 18.16 -37.96
C LYS D 113 -1.30 17.64 -38.58
N LEU D 114 -2.12 16.98 -37.79
CA LEU D 114 -3.44 16.54 -38.22
C LEU D 114 -4.52 17.36 -37.53
N PRO D 115 -5.59 17.70 -38.23
CA PRO D 115 -6.65 18.51 -37.61
C PRO D 115 -7.45 17.71 -36.59
N ASP D 116 -8.10 18.46 -35.70
CA ASP D 116 -8.92 17.82 -34.65
C ASP D 116 -10.07 17.04 -35.28
N ASP D 117 -10.67 17.57 -36.34
CA ASP D 117 -11.74 16.88 -37.05
C ASP D 117 -11.19 16.05 -38.21
N PHE D 118 -10.15 15.27 -37.92
CA PHE D 118 -9.50 14.46 -38.94
C PHE D 118 -10.40 13.29 -39.31
N THR D 119 -10.76 13.20 -40.59
CA THR D 119 -11.60 12.13 -41.12
C THR D 119 -10.76 11.31 -42.08
N GLY D 120 -9.93 10.45 -41.52
CA GLY D 120 -9.03 9.64 -42.32
C GLY D 120 -8.47 8.47 -41.54
N CYS D 121 -7.29 8.02 -41.96
CA CYS D 121 -6.66 6.85 -41.36
C CYS D 121 -5.14 7.05 -41.27
N VAL D 122 -4.54 6.39 -40.29
CA VAL D 122 -3.09 6.39 -40.07
C VAL D 122 -2.63 4.94 -40.06
N ILE D 123 -1.69 4.59 -40.94
CA ILE D 123 -1.19 3.23 -41.07
C ILE D 123 0.30 3.27 -40.85
N ALA D 124 0.75 2.72 -39.72
CA ALA D 124 2.16 2.70 -39.37
C ALA D 124 2.65 1.28 -39.23
N TRP D 125 3.93 1.08 -39.54
CA TRP D 125 4.57 -0.23 -39.41
C TRP D 125 6.04 -0.05 -39.11
N ASN D 126 6.65 -1.09 -38.55
CA ASN D 126 8.05 -1.04 -38.17
C ASN D 126 8.91 -1.40 -39.38
N SER D 127 10.04 -0.73 -39.53
CA SER D 127 10.94 -0.97 -40.66
C SER D 127 12.38 -0.96 -40.19
N ASN D 128 12.66 -1.68 -39.09
CA ASN D 128 14.03 -1.74 -38.61
C ASN D 128 14.93 -2.51 -39.56
N LYS D 129 14.36 -3.43 -40.34
CA LYS D 129 15.14 -4.17 -41.33
C LYS D 129 15.39 -3.38 -42.60
N LEU D 130 14.64 -2.30 -42.84
CA LEU D 130 14.69 -1.50 -44.07
C LEU D 130 15.49 -0.21 -43.95
N ASP D 131 15.33 0.53 -42.84
CA ASP D 131 15.87 1.88 -42.70
C ASP D 131 16.87 2.01 -41.57
N SER D 132 17.57 0.94 -41.23
CA SER D 132 18.58 0.96 -40.16
C SER D 132 19.93 0.54 -40.74
N LYS D 133 20.84 1.50 -40.90
CA LYS D 133 22.20 1.23 -41.33
C LYS D 133 23.07 0.95 -40.11
N VAL D 134 23.96 -0.04 -40.25
CA VAL D 134 24.83 -0.45 -39.13
C VAL D 134 25.67 0.72 -38.64
N GLY D 135 26.17 1.53 -39.57
CA GLY D 135 26.96 2.70 -39.21
C GLY D 135 26.11 3.94 -39.02
N GLY D 136 24.82 3.75 -38.75
CA GLY D 136 23.92 4.86 -38.53
C GLY D 136 23.38 5.43 -39.81
N ASN D 137 22.05 5.50 -39.91
CA ASN D 137 21.40 6.03 -41.10
C ASN D 137 20.92 7.44 -40.81
N TYR D 138 21.78 8.42 -41.12
CA TYR D 138 21.50 9.83 -40.89
C TYR D 138 20.77 10.48 -42.05
N ASN D 139 20.18 9.68 -42.96
CA ASN D 139 19.47 10.22 -44.11
C ASN D 139 18.04 10.64 -43.77
N TYR D 140 17.47 10.12 -42.69
CA TYR D 140 16.15 10.56 -42.24
C TYR D 140 16.33 11.68 -41.23
N ARG D 141 15.73 12.84 -41.50
CA ARG D 141 15.83 13.99 -40.62
C ARG D 141 14.45 14.39 -40.13
N TYR D 142 14.43 15.24 -39.11
CA TYR D 142 13.18 15.81 -38.62
C TYR D 142 13.43 17.22 -38.11
N ARG D 143 12.37 18.03 -38.09
CA ARG D 143 12.43 19.43 -37.69
C ARG D 143 12.34 19.53 -36.17
N LEU D 144 13.38 20.08 -35.54
CA LEU D 144 13.40 20.21 -34.09
C LEU D 144 12.98 21.58 -33.59
N PHE D 145 13.43 22.66 -34.23
CA PHE D 145 13.15 24.01 -33.76
C PHE D 145 12.32 24.76 -34.80
N ARG D 146 11.33 25.50 -34.32
CA ARG D 146 10.51 26.32 -35.19
C ARG D 146 9.66 27.23 -34.32
N LYS D 147 9.40 28.44 -34.81
CA LYS D 147 8.68 29.43 -34.02
C LYS D 147 7.17 29.28 -34.09
N SER D 148 6.64 28.37 -34.90
CA SER D 148 5.19 28.23 -34.99
C SER D 148 4.84 26.80 -35.35
N ASN D 149 3.77 26.31 -34.73
CA ASN D 149 3.28 24.98 -35.04
C ASN D 149 2.69 24.97 -36.44
N LEU D 150 2.88 23.87 -37.15
CA LEU D 150 2.40 23.76 -38.51
C LEU D 150 0.88 23.71 -38.51
N LYS D 151 0.27 24.44 -39.43
CA LYS D 151 -1.14 24.27 -39.67
C LYS D 151 -1.37 22.84 -40.15
N PRO D 152 -2.54 22.27 -39.88
CA PRO D 152 -2.80 20.89 -40.33
C PRO D 152 -2.48 20.70 -41.79
N PHE D 153 -1.66 19.68 -42.06
CA PHE D 153 -1.17 19.32 -43.39
C PHE D 153 -0.21 20.34 -43.98
N GLU D 154 0.40 21.20 -43.16
CA GLU D 154 1.45 22.07 -43.67
C GLU D 154 2.74 21.28 -43.83
N ARG D 155 3.49 21.59 -44.87
CA ARG D 155 4.77 20.97 -45.16
C ARG D 155 5.85 22.03 -45.21
N ASP D 156 7.01 21.72 -44.65
CA ASP D 156 8.10 22.69 -44.53
C ASP D 156 9.43 22.07 -44.92
N ILE D 157 10.15 22.73 -45.81
CA ILE D 157 11.53 22.38 -46.11
C ILE D 157 12.33 23.68 -45.98
N SER D 158 12.69 24.05 -44.77
CA SER D 158 13.40 25.30 -44.57
C SER D 158 14.67 25.01 -43.79
N THR D 159 15.79 25.05 -44.49
CA THR D 159 17.09 24.89 -43.87
C THR D 159 17.63 26.24 -43.41
N GLU D 160 16.81 26.97 -42.65
CA GLU D 160 17.13 28.32 -42.21
C GLU D 160 17.50 28.27 -40.74
N ILE D 161 18.65 28.87 -40.40
CA ILE D 161 19.22 28.77 -39.07
C ILE D 161 18.23 29.32 -38.05
N TYR D 162 17.89 28.51 -37.06
CA TYR D 162 16.94 28.94 -36.04
C TYR D 162 17.58 29.94 -35.09
N GLN D 163 16.86 31.03 -34.80
CA GLN D 163 17.36 32.09 -33.94
C GLN D 163 16.77 31.90 -32.55
N ALA D 164 17.51 31.18 -31.70
CA ALA D 164 17.09 30.99 -30.32
C ALA D 164 17.44 32.20 -29.45
N GLY D 165 18.56 32.86 -29.72
CA GLY D 165 18.96 34.03 -28.98
C GLY D 165 18.36 35.31 -29.55
N ASN D 166 18.68 36.41 -28.88
CA ASN D 166 18.18 37.72 -29.31
C ASN D 166 19.09 38.41 -30.31
N LYS D 167 20.32 37.94 -30.47
CA LYS D 167 21.20 38.43 -31.53
C LYS D 167 20.82 37.78 -32.86
N PRO D 168 21.11 38.42 -33.98
CA PRO D 168 20.76 37.84 -35.29
C PRO D 168 21.73 36.74 -35.69
N CYS D 169 21.17 35.68 -36.27
CA CYS D 169 21.99 34.55 -36.71
C CYS D 169 22.71 34.81 -38.01
N ASN D 170 22.21 35.71 -38.84
CA ASN D 170 22.84 36.07 -40.11
C ASN D 170 23.06 34.85 -41.01
N GLY D 171 22.20 33.84 -40.88
CA GLY D 171 22.33 32.65 -41.68
C GLY D 171 23.55 31.81 -41.38
N VAL D 172 24.08 31.90 -40.15
CA VAL D 172 25.25 31.14 -39.73
C VAL D 172 24.90 30.38 -38.46
N ALA D 173 25.35 29.12 -38.38
CA ALA D 173 25.13 28.31 -37.20
C ALA D 173 26.19 28.60 -36.14
N GLY D 174 25.76 28.80 -34.91
CA GLY D 174 26.68 29.08 -33.83
C GLY D 174 26.04 29.23 -32.47
N VAL D 175 26.50 30.22 -31.71
CA VAL D 175 25.95 30.48 -30.37
C VAL D 175 24.50 30.93 -30.50
N ASN D 176 23.60 30.16 -29.89
CA ASN D 176 22.15 30.38 -29.93
C ASN D 176 21.60 30.39 -31.35
N CYS D 177 22.34 29.78 -32.28
CA CYS D 177 21.94 29.69 -33.69
C CYS D 177 22.15 28.25 -34.15
N TYR D 178 21.07 27.48 -34.22
CA TYR D 178 21.14 26.06 -34.51
C TYR D 178 20.46 25.76 -35.83
N PHE D 179 20.96 24.74 -36.52
CA PHE D 179 20.30 24.26 -37.70
C PHE D 179 19.01 23.54 -37.29
N PRO D 180 17.89 23.79 -37.96
CA PRO D 180 16.60 23.30 -37.45
C PRO D 180 16.37 21.81 -37.65
N LEU D 181 17.10 21.16 -38.55
CA LEU D 181 16.88 19.74 -38.83
C LEU D 181 17.93 18.89 -38.11
N GLN D 182 17.50 17.72 -37.65
CA GLN D 182 18.39 16.80 -36.97
C GLN D 182 18.15 15.39 -37.51
N SER D 183 19.23 14.62 -37.62
CA SER D 183 19.15 13.27 -38.18
C SER D 183 18.77 12.28 -37.10
N TYR D 184 17.95 11.30 -37.49
CA TYR D 184 17.57 10.25 -36.56
C TYR D 184 18.73 9.29 -36.30
N GLY D 185 19.57 9.07 -37.30
CA GLY D 185 20.67 8.14 -37.20
C GLY D 185 20.22 6.76 -36.76
N PHE D 186 19.18 6.24 -37.41
CA PHE D 186 18.65 4.94 -37.06
C PHE D 186 19.73 3.86 -37.17
N ARG D 187 19.77 2.98 -36.18
CA ARG D 187 20.69 1.85 -36.10
C ARG D 187 19.93 0.58 -35.74
N PRO D 188 20.35 -0.57 -36.30
CA PRO D 188 19.59 -1.80 -36.06
C PRO D 188 19.61 -2.24 -34.61
N THR D 189 20.65 -1.87 -33.89
CA THR D 189 20.83 -2.22 -32.48
C THR D 189 20.16 -1.20 -31.55
N TYR D 190 18.95 -0.79 -31.91
CA TYR D 190 18.19 0.21 -31.16
C TYR D 190 16.95 -0.40 -30.53
N GLY D 191 16.44 0.27 -29.49
CA GLY D 191 15.16 -0.10 -28.93
C GLY D 191 14.03 0.21 -29.88
N VAL D 192 12.88 -0.41 -29.62
CA VAL D 192 11.72 -0.26 -30.51
C VAL D 192 11.21 1.19 -30.51
N GLY D 193 11.35 1.88 -29.38
CA GLY D 193 10.93 3.27 -29.32
C GLY D 193 11.75 4.21 -30.16
N HIS D 194 12.98 3.83 -30.51
CA HIS D 194 13.85 4.62 -31.35
C HIS D 194 14.11 3.95 -32.70
N GLN D 195 13.21 3.07 -33.14
CA GLN D 195 13.42 2.36 -34.39
C GLN D 195 12.61 2.98 -35.51
N PRO D 196 13.03 2.81 -36.77
CA PRO D 196 12.29 3.44 -37.88
C PRO D 196 10.93 2.79 -38.09
N TYR D 197 9.92 3.65 -38.16
CA TYR D 197 8.53 3.27 -38.39
C TYR D 197 8.05 4.09 -39.58
N ARG D 198 7.65 3.39 -40.64
CA ARG D 198 7.08 4.04 -41.80
C ARG D 198 5.61 4.32 -41.53
N VAL D 199 5.18 5.53 -41.84
CA VAL D 199 3.81 5.99 -41.60
C VAL D 199 3.23 6.46 -42.92
N VAL D 200 1.97 6.08 -43.17
CA VAL D 200 1.22 6.51 -44.34
C VAL D 200 -0.16 6.95 -43.83
N VAL D 201 -0.53 8.20 -44.11
CA VAL D 201 -1.81 8.77 -43.69
C VAL D 201 -2.69 8.91 -44.92
N LEU D 202 -3.93 8.44 -44.81
CA LEU D 202 -4.91 8.52 -45.90
C LEU D 202 -6.00 9.50 -45.53
N SER D 203 -6.18 10.51 -46.38
CA SER D 203 -7.23 11.51 -46.24
C SER D 203 -8.23 11.38 -47.38
N PHE D 204 -9.49 11.70 -47.09
CA PHE D 204 -10.59 11.54 -48.03
C PHE D 204 -11.26 12.88 -48.25
N GLU D 205 -11.27 13.35 -49.51
CA GLU D 205 -11.73 14.67 -49.86
C GLU D 205 -13.10 14.63 -50.50
N LEU D 206 -13.98 15.55 -50.07
CA LEU D 206 -15.32 15.69 -50.62
C LEU D 206 -15.44 17.08 -51.26
N LEU D 207 -15.54 17.13 -52.59
CA LEU D 207 -15.66 18.39 -53.33
C LEU D 207 -16.91 18.36 -54.21
N HIS D 208 -17.24 19.52 -54.78
CA HIS D 208 -18.36 19.59 -55.72
C HIS D 208 -18.13 18.73 -56.95
N ALA D 209 -16.88 18.42 -57.28
CA ALA D 209 -16.59 17.59 -58.43
C ALA D 209 -17.08 16.17 -58.18
N PRO D 210 -17.39 15.42 -59.24
CA PRO D 210 -17.81 14.03 -59.04
C PRO D 210 -16.70 13.21 -58.42
N ALA D 211 -17.11 12.24 -57.61
CA ALA D 211 -16.13 11.38 -56.94
C ALA D 211 -15.35 10.60 -57.98
N THR D 212 -14.07 10.37 -57.69
CA THR D 212 -13.19 9.64 -58.59
C THR D 212 -12.58 8.38 -57.97
N VAL D 213 -12.83 8.12 -56.69
CA VAL D 213 -12.32 6.94 -55.99
C VAL D 213 -13.48 6.23 -55.30
N CYS D 214 -13.67 4.94 -55.63
CA CYS D 214 -14.76 4.13 -55.08
C CYS D 214 -14.27 2.70 -54.90
N GLY D 215 -14.99 1.93 -54.09
CA GLY D 215 -14.77 0.51 -54.00
C GLY D 215 -16.07 -0.29 -53.96
N PRO D 216 -16.37 -1.00 -55.06
CA PRO D 216 -17.60 -1.79 -55.12
C PRO D 216 -17.36 -3.26 -54.80
#